data_1FP5
# 
_entry.id   1FP5 
# 
_audit_conform.dict_name       mmcif_pdbx.dic 
_audit_conform.dict_version    5.398 
_audit_conform.dict_location   http://mmcif.pdb.org/dictionaries/ascii/mmcif_pdbx.dic 
# 
loop_
_database_2.database_id 
_database_2.database_code 
_database_2.pdbx_database_accession 
_database_2.pdbx_DOI 
PDB   1FP5         pdb_00001fp5 10.2210/pdb1fp5/pdb 
RCSB  RCSB011788   ?            ?                   
WWPDB D_1000011788 ?            ?                   
# 
loop_
_pdbx_audit_revision_history.ordinal 
_pdbx_audit_revision_history.data_content_type 
_pdbx_audit_revision_history.major_revision 
_pdbx_audit_revision_history.minor_revision 
_pdbx_audit_revision_history.revision_date 
1 'Structure model' 1 0 2000-09-27 
2 'Structure model' 1 1 2008-04-27 
3 'Structure model' 1 2 2011-07-13 
4 'Structure model' 1 3 2024-10-30 
# 
_pdbx_audit_revision_details.ordinal             1 
_pdbx_audit_revision_details.revision_ordinal    1 
_pdbx_audit_revision_details.data_content_type   'Structure model' 
_pdbx_audit_revision_details.provider            repository 
_pdbx_audit_revision_details.type                'Initial release' 
_pdbx_audit_revision_details.description         ? 
_pdbx_audit_revision_details.details             ? 
# 
loop_
_pdbx_audit_revision_group.ordinal 
_pdbx_audit_revision_group.revision_ordinal 
_pdbx_audit_revision_group.data_content_type 
_pdbx_audit_revision_group.group 
1 2 'Structure model' 'Version format compliance' 
2 3 'Structure model' 'Version format compliance' 
3 4 'Structure model' 'Data collection'           
4 4 'Structure model' 'Database references'       
5 4 'Structure model' 'Structure summary'         
# 
loop_
_pdbx_audit_revision_category.ordinal 
_pdbx_audit_revision_category.revision_ordinal 
_pdbx_audit_revision_category.data_content_type 
_pdbx_audit_revision_category.category 
1 4 'Structure model' chem_comp_atom            
2 4 'Structure model' chem_comp_bond            
3 4 'Structure model' database_2                
4 4 'Structure model' pdbx_entry_details        
5 4 'Structure model' pdbx_modification_feature 
6 4 'Structure model' struct_ref_seq_dif        
# 
loop_
_pdbx_audit_revision_item.ordinal 
_pdbx_audit_revision_item.revision_ordinal 
_pdbx_audit_revision_item.data_content_type 
_pdbx_audit_revision_item.item 
1 4 'Structure model' '_database_2.pdbx_DOI'                
2 4 'Structure model' '_database_2.pdbx_database_accession' 
3 4 'Structure model' '_struct_ref_seq_dif.details'         
# 
_pdbx_database_status.status_code                     REL 
_pdbx_database_status.entry_id                        1FP5 
_pdbx_database_status.recvd_initial_deposition_date   2000-08-30 
_pdbx_database_status.deposit_site                    RCSB 
_pdbx_database_status.process_site                    RCSB 
_pdbx_database_status.status_code_sf                  REL 
_pdbx_database_status.SG_entry                        . 
_pdbx_database_status.pdb_format_compatible           Y 
_pdbx_database_status.status_code_mr                  ? 
_pdbx_database_status.status_code_cs                  ? 
_pdbx_database_status.status_code_nmr_data            ? 
_pdbx_database_status.methods_development_category    ? 
# 
_pdbx_database_related.db_name        PDB 
_pdbx_database_related.db_id          1F6A 
_pdbx_database_related.details        
'1F6A contains the same Fc protein in complex with its high affinity receptor, the Fc epsilon RI alpha (soluble ectodomain).' 
_pdbx_database_related.content_type   unspecified 
# 
loop_
_audit_author.name 
_audit_author.pdbx_ordinal 
'Wurzburg, B.A.'  1 
'Garman, S.C.'    2 
'Jardetzky, T.S.' 3 
# 
_citation.id                        primary 
_citation.title                     
'Structure of the human IgE-Fc C epsilon 3-C epsilon 4 reveals conformational flexibility in the antibody effector domains.' 
_citation.journal_abbrev            Immunity 
_citation.journal_volume            13 
_citation.page_first                375 
_citation.page_last                 385 
_citation.year                      2000 
_citation.journal_id_ASTM           IUNIEH 
_citation.country                   US 
_citation.journal_id_ISSN           1074-7613 
_citation.journal_id_CSD            2048 
_citation.book_publisher            ? 
_citation.pdbx_database_id_PubMed   11021535 
_citation.pdbx_database_id_DOI      '10.1016/S1074-7613(00)00037-6' 
# 
loop_
_citation_author.citation_id 
_citation_author.name 
_citation_author.ordinal 
_citation_author.identifier_ORCID 
primary 'Wurzburg, B.A.'  1 ? 
primary 'Garman, S.C.'    2 ? 
primary 'Jardetzky, T.S.' 3 ? 
# 
loop_
_entity.id 
_entity.type 
_entity.src_method 
_entity.pdbx_description 
_entity.formula_weight 
_entity.pdbx_number_of_molecules 
_entity.pdbx_ec 
_entity.pdbx_mutation 
_entity.pdbx_fragment 
_entity.details 
1 polymer man 'IGE HEAVY CHAIN EPSILON-1' 24821.018 1   ? ? CEPSILON3-CEPSILON4 ? 
2 water   nat water                       18.015    145 ? ? ?                   ? 
# 
_entity_name_com.entity_id   1 
_entity_name_com.name        IGE-FC 
# 
_entity_poly.entity_id                      1 
_entity_poly.type                           'polypeptide(L)' 
_entity_poly.nstd_linkage                   no 
_entity_poly.nstd_monomer                   no 
_entity_poly.pdbx_seq_one_letter_code       
;ADPCDSNPRGVSAYLSRPSPFDLFIRKSPTITCLVVDLAPSKGTVNLTWSRASGKPVNHSTRKEEKQRNGTLTVTSTLPV
GTRDWIEGETYQCRVTHPHLPRALMRSTTKTSGPRAAPEVYAFATPEWPGSRDKRTLACLIQNFMPEDISVQWLHNEVQL
PDARHSTTQPRKTKGSGFFVFSRLEVTRAEWEQKDEFICRAVHEAASPSQTVQRAVSVNPGK
;
_entity_poly.pdbx_seq_one_letter_code_can   
;ADPCDSNPRGVSAYLSRPSPFDLFIRKSPTITCLVVDLAPSKGTVNLTWSRASGKPVNHSTRKEEKQRNGTLTVTSTLPV
GTRDWIEGETYQCRVTHPHLPRALMRSTTKTSGPRAAPEVYAFATPEWPGSRDKRTLACLIQNFMPEDISVQWLHNEVQL
PDARHSTTQPRKTKGSGFFVFSRLEVTRAEWEQKDEFICRAVHEAASPSQTVQRAVSVNPGK
;
_entity_poly.pdbx_strand_id                 A 
_entity_poly.pdbx_target_identifier         ? 
# 
_pdbx_entity_nonpoly.entity_id   2 
_pdbx_entity_nonpoly.name        water 
_pdbx_entity_nonpoly.comp_id     HOH 
# 
loop_
_entity_poly_seq.entity_id 
_entity_poly_seq.num 
_entity_poly_seq.mon_id 
_entity_poly_seq.hetero 
1 1   ALA n 
1 2   ASP n 
1 3   PRO n 
1 4   CYS n 
1 5   ASP n 
1 6   SER n 
1 7   ASN n 
1 8   PRO n 
1 9   ARG n 
1 10  GLY n 
1 11  VAL n 
1 12  SER n 
1 13  ALA n 
1 14  TYR n 
1 15  LEU n 
1 16  SER n 
1 17  ARG n 
1 18  PRO n 
1 19  SER n 
1 20  PRO n 
1 21  PHE n 
1 22  ASP n 
1 23  LEU n 
1 24  PHE n 
1 25  ILE n 
1 26  ARG n 
1 27  LYS n 
1 28  SER n 
1 29  PRO n 
1 30  THR n 
1 31  ILE n 
1 32  THR n 
1 33  CYS n 
1 34  LEU n 
1 35  VAL n 
1 36  VAL n 
1 37  ASP n 
1 38  LEU n 
1 39  ALA n 
1 40  PRO n 
1 41  SER n 
1 42  LYS n 
1 43  GLY n 
1 44  THR n 
1 45  VAL n 
1 46  ASN n 
1 47  LEU n 
1 48  THR n 
1 49  TRP n 
1 50  SER n 
1 51  ARG n 
1 52  ALA n 
1 53  SER n 
1 54  GLY n 
1 55  LYS n 
1 56  PRO n 
1 57  VAL n 
1 58  ASN n 
1 59  HIS n 
1 60  SER n 
1 61  THR n 
1 62  ARG n 
1 63  LYS n 
1 64  GLU n 
1 65  GLU n 
1 66  LYS n 
1 67  GLN n 
1 68  ARG n 
1 69  ASN n 
1 70  GLY n 
1 71  THR n 
1 72  LEU n 
1 73  THR n 
1 74  VAL n 
1 75  THR n 
1 76  SER n 
1 77  THR n 
1 78  LEU n 
1 79  PRO n 
1 80  VAL n 
1 81  GLY n 
1 82  THR n 
1 83  ARG n 
1 84  ASP n 
1 85  TRP n 
1 86  ILE n 
1 87  GLU n 
1 88  GLY n 
1 89  GLU n 
1 90  THR n 
1 91  TYR n 
1 92  GLN n 
1 93  CYS n 
1 94  ARG n 
1 95  VAL n 
1 96  THR n 
1 97  HIS n 
1 98  PRO n 
1 99  HIS n 
1 100 LEU n 
1 101 PRO n 
1 102 ARG n 
1 103 ALA n 
1 104 LEU n 
1 105 MET n 
1 106 ARG n 
1 107 SER n 
1 108 THR n 
1 109 THR n 
1 110 LYS n 
1 111 THR n 
1 112 SER n 
1 113 GLY n 
1 114 PRO n 
1 115 ARG n 
1 116 ALA n 
1 117 ALA n 
1 118 PRO n 
1 119 GLU n 
1 120 VAL n 
1 121 TYR n 
1 122 ALA n 
1 123 PHE n 
1 124 ALA n 
1 125 THR n 
1 126 PRO n 
1 127 GLU n 
1 128 TRP n 
1 129 PRO n 
1 130 GLY n 
1 131 SER n 
1 132 ARG n 
1 133 ASP n 
1 134 LYS n 
1 135 ARG n 
1 136 THR n 
1 137 LEU n 
1 138 ALA n 
1 139 CYS n 
1 140 LEU n 
1 141 ILE n 
1 142 GLN n 
1 143 ASN n 
1 144 PHE n 
1 145 MET n 
1 146 PRO n 
1 147 GLU n 
1 148 ASP n 
1 149 ILE n 
1 150 SER n 
1 151 VAL n 
1 152 GLN n 
1 153 TRP n 
1 154 LEU n 
1 155 HIS n 
1 156 ASN n 
1 157 GLU n 
1 158 VAL n 
1 159 GLN n 
1 160 LEU n 
1 161 PRO n 
1 162 ASP n 
1 163 ALA n 
1 164 ARG n 
1 165 HIS n 
1 166 SER n 
1 167 THR n 
1 168 THR n 
1 169 GLN n 
1 170 PRO n 
1 171 ARG n 
1 172 LYS n 
1 173 THR n 
1 174 LYS n 
1 175 GLY n 
1 176 SER n 
1 177 GLY n 
1 178 PHE n 
1 179 PHE n 
1 180 VAL n 
1 181 PHE n 
1 182 SER n 
1 183 ARG n 
1 184 LEU n 
1 185 GLU n 
1 186 VAL n 
1 187 THR n 
1 188 ARG n 
1 189 ALA n 
1 190 GLU n 
1 191 TRP n 
1 192 GLU n 
1 193 GLN n 
1 194 LYS n 
1 195 ASP n 
1 196 GLU n 
1 197 PHE n 
1 198 ILE n 
1 199 CYS n 
1 200 ARG n 
1 201 ALA n 
1 202 VAL n 
1 203 HIS n 
1 204 GLU n 
1 205 ALA n 
1 206 ALA n 
1 207 SER n 
1 208 PRO n 
1 209 SER n 
1 210 GLN n 
1 211 THR n 
1 212 VAL n 
1 213 GLN n 
1 214 ARG n 
1 215 ALA n 
1 216 VAL n 
1 217 SER n 
1 218 VAL n 
1 219 ASN n 
1 220 PRO n 
1 221 GLY n 
1 222 LYS n 
# 
_entity_src_gen.entity_id                          1 
_entity_src_gen.pdbx_src_id                        1 
_entity_src_gen.pdbx_alt_source_flag               sample 
_entity_src_gen.pdbx_seq_type                      ? 
_entity_src_gen.pdbx_beg_seq_num                   ? 
_entity_src_gen.pdbx_end_seq_num                   ? 
_entity_src_gen.gene_src_common_name               human 
_entity_src_gen.gene_src_genus                     Homo 
_entity_src_gen.pdbx_gene_src_gene                 ? 
_entity_src_gen.gene_src_species                   ? 
_entity_src_gen.gene_src_strain                    ? 
_entity_src_gen.gene_src_tissue                    ? 
_entity_src_gen.gene_src_tissue_fraction           ? 
_entity_src_gen.gene_src_details                   ? 
_entity_src_gen.pdbx_gene_src_fragment             ? 
_entity_src_gen.pdbx_gene_src_scientific_name      'Homo sapiens' 
_entity_src_gen.pdbx_gene_src_ncbi_taxonomy_id     9606 
_entity_src_gen.pdbx_gene_src_variant              ? 
_entity_src_gen.pdbx_gene_src_cell_line            ? 
_entity_src_gen.pdbx_gene_src_atcc                 ? 
_entity_src_gen.pdbx_gene_src_organ                ? 
_entity_src_gen.pdbx_gene_src_organelle            ? 
_entity_src_gen.pdbx_gene_src_cell                 ? 
_entity_src_gen.pdbx_gene_src_cellular_location    ? 
_entity_src_gen.host_org_common_name               'cabbage looper' 
_entity_src_gen.pdbx_host_org_scientific_name      'Trichoplusia ni' 
_entity_src_gen.pdbx_host_org_ncbi_taxonomy_id     7111 
_entity_src_gen.host_org_genus                     Trichoplusia 
_entity_src_gen.pdbx_host_org_gene                 ? 
_entity_src_gen.pdbx_host_org_organ                ? 
_entity_src_gen.host_org_species                   ? 
_entity_src_gen.pdbx_host_org_tissue               ? 
_entity_src_gen.pdbx_host_org_tissue_fraction      ? 
_entity_src_gen.pdbx_host_org_strain               ? 
_entity_src_gen.pdbx_host_org_variant              ? 
_entity_src_gen.pdbx_host_org_cell_line            ? 
_entity_src_gen.pdbx_host_org_atcc                 ? 
_entity_src_gen.pdbx_host_org_culture_collection   ? 
_entity_src_gen.pdbx_host_org_cell                 ? 
_entity_src_gen.pdbx_host_org_organelle            ? 
_entity_src_gen.pdbx_host_org_cellular_location    ? 
_entity_src_gen.pdbx_host_org_vector_type          BACULOVIRUS 
_entity_src_gen.pdbx_host_org_vector               ? 
_entity_src_gen.host_org_details                   ? 
_entity_src_gen.expression_system_id               ? 
_entity_src_gen.plasmid_name                       PACGP67A 
_entity_src_gen.plasmid_details                    ? 
_entity_src_gen.pdbx_description                   ? 
# 
loop_
_chem_comp.id 
_chem_comp.type 
_chem_comp.mon_nstd_flag 
_chem_comp.name 
_chem_comp.pdbx_synonyms 
_chem_comp.formula 
_chem_comp.formula_weight 
ALA 'L-peptide linking' y ALANINE         ? 'C3 H7 N O2'     89.093  
ARG 'L-peptide linking' y ARGININE        ? 'C6 H15 N4 O2 1' 175.209 
ASN 'L-peptide linking' y ASPARAGINE      ? 'C4 H8 N2 O3'    132.118 
ASP 'L-peptide linking' y 'ASPARTIC ACID' ? 'C4 H7 N O4'     133.103 
CYS 'L-peptide linking' y CYSTEINE        ? 'C3 H7 N O2 S'   121.158 
GLN 'L-peptide linking' y GLUTAMINE       ? 'C5 H10 N2 O3'   146.144 
GLU 'L-peptide linking' y 'GLUTAMIC ACID' ? 'C5 H9 N O4'     147.129 
GLY 'peptide linking'   y GLYCINE         ? 'C2 H5 N O2'     75.067  
HIS 'L-peptide linking' y HISTIDINE       ? 'C6 H10 N3 O2 1' 156.162 
HOH non-polymer         . WATER           ? 'H2 O'           18.015  
ILE 'L-peptide linking' y ISOLEUCINE      ? 'C6 H13 N O2'    131.173 
LEU 'L-peptide linking' y LEUCINE         ? 'C6 H13 N O2'    131.173 
LYS 'L-peptide linking' y LYSINE          ? 'C6 H15 N2 O2 1' 147.195 
MET 'L-peptide linking' y METHIONINE      ? 'C5 H11 N O2 S'  149.211 
PHE 'L-peptide linking' y PHENYLALANINE   ? 'C9 H11 N O2'    165.189 
PRO 'L-peptide linking' y PROLINE         ? 'C5 H9 N O2'     115.130 
SER 'L-peptide linking' y SERINE          ? 'C3 H7 N O3'     105.093 
THR 'L-peptide linking' y THREONINE       ? 'C4 H9 N O3'     119.119 
TRP 'L-peptide linking' y TRYPTOPHAN      ? 'C11 H12 N2 O2'  204.225 
TYR 'L-peptide linking' y TYROSINE        ? 'C9 H11 N O3'    181.189 
VAL 'L-peptide linking' y VALINE          ? 'C5 H11 N O2'    117.146 
# 
loop_
_pdbx_poly_seq_scheme.asym_id 
_pdbx_poly_seq_scheme.entity_id 
_pdbx_poly_seq_scheme.seq_id 
_pdbx_poly_seq_scheme.mon_id 
_pdbx_poly_seq_scheme.ndb_seq_num 
_pdbx_poly_seq_scheme.pdb_seq_num 
_pdbx_poly_seq_scheme.auth_seq_num 
_pdbx_poly_seq_scheme.pdb_mon_id 
_pdbx_poly_seq_scheme.auth_mon_id 
_pdbx_poly_seq_scheme.pdb_strand_id 
_pdbx_poly_seq_scheme.pdb_ins_code 
_pdbx_poly_seq_scheme.hetero 
A 1 1   ALA 1   326 ?   ?   ?   A . n 
A 1 2   ASP 2   327 ?   ?   ?   A . n 
A 1 3   PRO 3   328 ?   ?   ?   A . n 
A 1 4   CYS 4   329 ?   ?   ?   A . n 
A 1 5   ASP 5   330 ?   ?   ?   A . n 
A 1 6   SER 6   331 ?   ?   ?   A . n 
A 1 7   ASN 7   332 ?   ?   ?   A . n 
A 1 8   PRO 8   333 ?   ?   ?   A . n 
A 1 9   ARG 9   334 ?   ?   ?   A . n 
A 1 10  GLY 10  335 ?   ?   ?   A . n 
A 1 11  VAL 11  336 336 VAL VAL A . n 
A 1 12  SER 12  337 337 SER SER A . n 
A 1 13  ALA 13  338 338 ALA ALA A . n 
A 1 14  TYR 14  339 339 TYR TYR A . n 
A 1 15  LEU 15  340 340 LEU LEU A . n 
A 1 16  SER 16  341 341 SER SER A . n 
A 1 17  ARG 17  342 342 ARG ARG A . n 
A 1 18  PRO 18  343 343 PRO PRO A . n 
A 1 19  SER 19  344 344 SER SER A . n 
A 1 20  PRO 20  345 345 PRO PRO A . n 
A 1 21  PHE 21  346 346 PHE PHE A . n 
A 1 22  ASP 22  347 347 ASP ASP A . n 
A 1 23  LEU 23  348 348 LEU LEU A . n 
A 1 24  PHE 24  349 349 PHE PHE A . n 
A 1 25  ILE 25  350 350 ILE ILE A . n 
A 1 26  ARG 26  351 351 ARG ARG A . n 
A 1 27  LYS 27  352 352 LYS LYS A . n 
A 1 28  SER 28  353 353 SER SER A . n 
A 1 29  PRO 29  354 354 PRO PRO A . n 
A 1 30  THR 30  355 355 THR THR A . n 
A 1 31  ILE 31  356 356 ILE ILE A . n 
A 1 32  THR 32  357 357 THR THR A . n 
A 1 33  CYS 33  358 358 CYS CYS A . n 
A 1 34  LEU 34  359 359 LEU LEU A . n 
A 1 35  VAL 35  360 360 VAL VAL A . n 
A 1 36  VAL 36  361 361 VAL VAL A . n 
A 1 37  ASP 37  362 362 ASP ASP A . n 
A 1 38  LEU 38  363 363 LEU LEU A . n 
A 1 39  ALA 39  364 364 ALA ALA A . n 
A 1 40  PRO 40  365 365 PRO PRO A . n 
A 1 41  SER 41  366 366 SER SER A . n 
A 1 42  LYS 42  367 367 LYS LYS A . n 
A 1 43  GLY 43  368 368 GLY GLY A . n 
A 1 44  THR 44  369 369 THR THR A . n 
A 1 45  VAL 45  370 370 VAL VAL A . n 
A 1 46  ASN 46  371 371 ASN ASN A . n 
A 1 47  LEU 47  372 372 LEU LEU A . n 
A 1 48  THR 48  373 373 THR THR A . n 
A 1 49  TRP 49  374 374 TRP TRP A . n 
A 1 50  SER 50  375 375 SER SER A . n 
A 1 51  ARG 51  376 376 ARG ARG A . n 
A 1 52  ALA 52  377 377 ALA ALA A . n 
A 1 53  SER 53  378 378 SER SER A . n 
A 1 54  GLY 54  379 379 GLY GLY A . n 
A 1 55  LYS 55  380 380 LYS LYS A . n 
A 1 56  PRO 56  381 381 PRO PRO A . n 
A 1 57  VAL 57  382 382 VAL VAL A . n 
A 1 58  ASN 58  383 383 ASN ASN A . n 
A 1 59  HIS 59  384 384 HIS HIS A . n 
A 1 60  SER 60  385 385 SER SER A . n 
A 1 61  THR 61  386 386 THR THR A . n 
A 1 62  ARG 62  387 387 ARG ARG A . n 
A 1 63  LYS 63  388 388 LYS LYS A . n 
A 1 64  GLU 64  389 389 GLU GLU A . n 
A 1 65  GLU 65  390 390 GLU GLU A . n 
A 1 66  LYS 66  391 391 LYS ALA A . n 
A 1 67  GLN 67  392 392 GLN GLN A . n 
A 1 68  ARG 68  393 393 ARG ARG A . n 
A 1 69  ASN 69  394 394 ASN ASN A . n 
A 1 70  GLY 70  395 395 GLY GLY A . n 
A 1 71  THR 71  396 396 THR THR A . n 
A 1 72  LEU 72  397 397 LEU LEU A . n 
A 1 73  THR 73  398 398 THR THR A . n 
A 1 74  VAL 74  399 399 VAL VAL A . n 
A 1 75  THR 75  400 400 THR THR A . n 
A 1 76  SER 76  401 401 SER SER A . n 
A 1 77  THR 77  402 402 THR THR A . n 
A 1 78  LEU 78  403 403 LEU LEU A . n 
A 1 79  PRO 79  404 404 PRO PRO A . n 
A 1 80  VAL 80  405 405 VAL VAL A . n 
A 1 81  GLY 81  406 406 GLY GLY A . n 
A 1 82  THR 82  407 407 THR THR A . n 
A 1 83  ARG 83  408 408 ARG ALA A . n 
A 1 84  ASP 84  409 409 ASP ASP A . n 
A 1 85  TRP 85  410 410 TRP TRP A . n 
A 1 86  ILE 86  411 411 ILE ILE A . n 
A 1 87  GLU 87  412 412 GLU GLU A . n 
A 1 88  GLY 88  413 413 GLY GLY A . n 
A 1 89  GLU 89  414 414 GLU GLU A . n 
A 1 90  THR 90  415 415 THR THR A . n 
A 1 91  TYR 91  416 416 TYR TYR A . n 
A 1 92  GLN 92  417 417 GLN GLN A . n 
A 1 93  CYS 93  418 418 CYS CYS A . n 
A 1 94  ARG 94  419 419 ARG ARG A . n 
A 1 95  VAL 95  420 420 VAL VAL A . n 
A 1 96  THR 96  421 421 THR THR A . n 
A 1 97  HIS 97  422 422 HIS HIS A . n 
A 1 98  PRO 98  423 423 PRO PRO A . n 
A 1 99  HIS 99  424 424 HIS HIS A . n 
A 1 100 LEU 100 425 425 LEU LEU A . n 
A 1 101 PRO 101 426 426 PRO PRO A . n 
A 1 102 ARG 102 427 427 ARG ARG A . n 
A 1 103 ALA 103 428 428 ALA ALA A . n 
A 1 104 LEU 104 429 429 LEU LEU A . n 
A 1 105 MET 105 430 430 MET MET A . n 
A 1 106 ARG 106 431 431 ARG ARG A . n 
A 1 107 SER 107 432 432 SER SER A . n 
A 1 108 THR 108 433 433 THR THR A . n 
A 1 109 THR 109 434 434 THR THR A . n 
A 1 110 LYS 110 435 435 LYS ALA A . n 
A 1 111 THR 111 436 436 THR THR A . n 
A 1 112 SER 112 437 437 SER SER A . n 
A 1 113 GLY 113 438 438 GLY GLY A . n 
A 1 114 PRO 114 439 439 PRO PRO A . n 
A 1 115 ARG 115 440 440 ARG ARG A . n 
A 1 116 ALA 116 441 441 ALA ALA A . n 
A 1 117 ALA 117 442 442 ALA ALA A . n 
A 1 118 PRO 118 443 443 PRO PRO A . n 
A 1 119 GLU 119 444 444 GLU ALA A . n 
A 1 120 VAL 120 445 445 VAL VAL A . n 
A 1 121 TYR 121 446 446 TYR TYR A . n 
A 1 122 ALA 122 447 447 ALA ALA A . n 
A 1 123 PHE 123 448 448 PHE PHE A . n 
A 1 124 ALA 124 449 449 ALA ALA A . n 
A 1 125 THR 125 450 450 THR THR A . n 
A 1 126 PRO 126 451 451 PRO PRO A . n 
A 1 127 GLU 127 452 452 GLU GLU A . n 
A 1 128 TRP 128 453 453 TRP TRP A . n 
A 1 129 PRO 129 454 454 PRO PRO A . n 
A 1 130 GLY 130 455 455 GLY GLY A . n 
A 1 131 SER 131 456 456 SER SER A . n 
A 1 132 ARG 132 457 457 ARG ALA A . n 
A 1 133 ASP 133 458 458 ASP ASP A . n 
A 1 134 LYS 134 459 459 LYS LYS A . n 
A 1 135 ARG 135 460 460 ARG ARG A . n 
A 1 136 THR 136 461 461 THR THR A . n 
A 1 137 LEU 137 462 462 LEU LEU A . n 
A 1 138 ALA 138 463 463 ALA ALA A . n 
A 1 139 CYS 139 464 464 CYS CYS A . n 
A 1 140 LEU 140 465 465 LEU LEU A . n 
A 1 141 ILE 141 466 466 ILE ILE A . n 
A 1 142 GLN 142 467 467 GLN GLN A . n 
A 1 143 ASN 143 468 468 ASN ASN A . n 
A 1 144 PHE 144 469 469 PHE PHE A . n 
A 1 145 MET 145 470 470 MET MET A . n 
A 1 146 PRO 146 471 471 PRO PRO A . n 
A 1 147 GLU 147 472 472 GLU GLU A . n 
A 1 148 ASP 148 473 473 ASP ASP A . n 
A 1 149 ILE 149 474 474 ILE ILE A . n 
A 1 150 SER 150 475 475 SER SER A . n 
A 1 151 VAL 151 476 476 VAL VAL A . n 
A 1 152 GLN 152 477 477 GLN GLN A . n 
A 1 153 TRP 153 478 478 TRP TRP A . n 
A 1 154 LEU 154 479 479 LEU LEU A . n 
A 1 155 HIS 155 480 480 HIS HIS A . n 
A 1 156 ASN 156 481 481 ASN ASN A . n 
A 1 157 GLU 157 482 482 GLU GLU A . n 
A 1 158 VAL 158 483 483 VAL VAL A . n 
A 1 159 GLN 159 484 484 GLN GLN A . n 
A 1 160 LEU 160 485 485 LEU LEU A . n 
A 1 161 PRO 161 486 486 PRO PRO A . n 
A 1 162 ASP 162 487 487 ASP ASP A . n 
A 1 163 ALA 163 488 488 ALA ALA A . n 
A 1 164 ARG 164 489 489 ARG ARG A . n 
A 1 165 HIS 165 490 490 HIS HIS A . n 
A 1 166 SER 166 491 491 SER SER A . n 
A 1 167 THR 167 492 492 THR THR A . n 
A 1 168 THR 168 493 493 THR THR A . n 
A 1 169 GLN 169 494 494 GLN GLN A . n 
A 1 170 PRO 170 495 495 PRO PRO A . n 
A 1 171 ARG 171 496 496 ARG ARG A . n 
A 1 172 LYS 172 497 497 LYS LYS A . n 
A 1 173 THR 173 498 498 THR THR A . n 
A 1 174 LYS 174 499 499 LYS LYS A . n 
A 1 175 GLY 175 500 500 GLY GLY A . n 
A 1 176 SER 176 501 501 SER SER A . n 
A 1 177 GLY 177 502 502 GLY GLY A . n 
A 1 178 PHE 178 503 503 PHE PHE A . n 
A 1 179 PHE 179 504 504 PHE PHE A . n 
A 1 180 VAL 180 505 505 VAL VAL A . n 
A 1 181 PHE 181 506 506 PHE PHE A . n 
A 1 182 SER 182 507 507 SER SER A . n 
A 1 183 ARG 183 508 508 ARG ARG A . n 
A 1 184 LEU 184 509 509 LEU LEU A . n 
A 1 185 GLU 185 510 510 GLU GLU A . n 
A 1 186 VAL 186 511 511 VAL VAL A . n 
A 1 187 THR 187 512 512 THR THR A . n 
A 1 188 ARG 188 513 513 ARG ARG A . n 
A 1 189 ALA 189 514 514 ALA ALA A . n 
A 1 190 GLU 190 515 515 GLU GLU A . n 
A 1 191 TRP 191 516 516 TRP TRP A . n 
A 1 192 GLU 192 517 517 GLU GLU A . n 
A 1 193 GLN 193 518 518 GLN ALA A . n 
A 1 194 LYS 194 519 519 LYS LYS A . n 
A 1 195 ASP 195 520 520 ASP ASP A . n 
A 1 196 GLU 196 521 521 GLU GLU A . n 
A 1 197 PHE 197 522 522 PHE PHE A . n 
A 1 198 ILE 198 523 523 ILE ILE A . n 
A 1 199 CYS 199 524 524 CYS CYS A . n 
A 1 200 ARG 200 525 525 ARG ARG A . n 
A 1 201 ALA 201 526 526 ALA ALA A . n 
A 1 202 VAL 202 527 527 VAL VAL A . n 
A 1 203 HIS 203 528 528 HIS HIS A . n 
A 1 204 GLU 204 529 529 GLU GLU A . n 
A 1 205 ALA 205 530 530 ALA ALA A . n 
A 1 206 ALA 206 531 531 ALA ALA A . n 
A 1 207 SER 207 532 532 SER SER A . n 
A 1 208 PRO 208 533 533 PRO PRO A . n 
A 1 209 SER 209 534 534 SER SER A . n 
A 1 210 GLN 210 535 535 GLN GLN A . n 
A 1 211 THR 211 536 536 THR THR A . n 
A 1 212 VAL 212 537 537 VAL VAL A . n 
A 1 213 GLN 213 538 538 GLN GLN A . n 
A 1 214 ARG 214 539 539 ARG ARG A . n 
A 1 215 ALA 215 540 540 ALA ALA A . n 
A 1 216 VAL 216 541 541 VAL VAL A . n 
A 1 217 SER 217 542 542 SER SER A . n 
A 1 218 VAL 218 543 543 VAL VAL A . n 
A 1 219 ASN 219 544 ?   ?   ?   A . n 
A 1 220 PRO 220 545 ?   ?   ?   A . n 
A 1 221 GLY 221 546 ?   ?   ?   A . n 
A 1 222 LYS 222 547 ?   ?   ?   A . n 
# 
loop_
_pdbx_nonpoly_scheme.asym_id 
_pdbx_nonpoly_scheme.entity_id 
_pdbx_nonpoly_scheme.mon_id 
_pdbx_nonpoly_scheme.ndb_seq_num 
_pdbx_nonpoly_scheme.pdb_seq_num 
_pdbx_nonpoly_scheme.auth_seq_num 
_pdbx_nonpoly_scheme.pdb_mon_id 
_pdbx_nonpoly_scheme.auth_mon_id 
_pdbx_nonpoly_scheme.pdb_strand_id 
_pdbx_nonpoly_scheme.pdb_ins_code 
B 2 HOH 1   1   1   HOH WAT A . 
B 2 HOH 2   2   2   HOH WAT A . 
B 2 HOH 3   3   3   HOH WAT A . 
B 2 HOH 4   4   4   HOH WAT A . 
B 2 HOH 5   5   5   HOH WAT A . 
B 2 HOH 6   6   6   HOH WAT A . 
B 2 HOH 7   7   7   HOH WAT A . 
B 2 HOH 8   8   8   HOH WAT A . 
B 2 HOH 9   9   9   HOH WAT A . 
B 2 HOH 10  10  10  HOH WAT A . 
B 2 HOH 11  11  11  HOH WAT A . 
B 2 HOH 12  12  12  HOH WAT A . 
B 2 HOH 13  13  13  HOH WAT A . 
B 2 HOH 14  14  14  HOH WAT A . 
B 2 HOH 15  15  15  HOH WAT A . 
B 2 HOH 16  16  16  HOH WAT A . 
B 2 HOH 17  17  17  HOH WAT A . 
B 2 HOH 18  18  18  HOH WAT A . 
B 2 HOH 19  19  19  HOH WAT A . 
B 2 HOH 20  20  20  HOH WAT A . 
B 2 HOH 21  21  21  HOH WAT A . 
B 2 HOH 22  22  22  HOH WAT A . 
B 2 HOH 23  23  23  HOH WAT A . 
B 2 HOH 24  24  24  HOH WAT A . 
B 2 HOH 25  25  25  HOH WAT A . 
B 2 HOH 26  26  26  HOH WAT A . 
B 2 HOH 27  27  27  HOH WAT A . 
B 2 HOH 28  28  28  HOH WAT A . 
B 2 HOH 29  29  29  HOH WAT A . 
B 2 HOH 30  30  30  HOH WAT A . 
B 2 HOH 31  31  31  HOH WAT A . 
B 2 HOH 32  32  32  HOH WAT A . 
B 2 HOH 33  33  33  HOH WAT A . 
B 2 HOH 34  34  34  HOH WAT A . 
B 2 HOH 35  35  35  HOH WAT A . 
B 2 HOH 36  36  36  HOH WAT A . 
B 2 HOH 37  37  37  HOH WAT A . 
B 2 HOH 38  38  38  HOH WAT A . 
B 2 HOH 39  39  39  HOH WAT A . 
B 2 HOH 40  40  40  HOH WAT A . 
B 2 HOH 41  41  41  HOH WAT A . 
B 2 HOH 42  42  42  HOH WAT A . 
B 2 HOH 43  43  43  HOH WAT A . 
B 2 HOH 44  44  44  HOH WAT A . 
B 2 HOH 45  45  45  HOH WAT A . 
B 2 HOH 46  46  46  HOH WAT A . 
B 2 HOH 47  47  47  HOH WAT A . 
B 2 HOH 48  48  48  HOH WAT A . 
B 2 HOH 49  49  49  HOH WAT A . 
B 2 HOH 50  50  50  HOH WAT A . 
B 2 HOH 51  51  51  HOH WAT A . 
B 2 HOH 52  52  52  HOH WAT A . 
B 2 HOH 53  53  53  HOH WAT A . 
B 2 HOH 54  54  54  HOH WAT A . 
B 2 HOH 55  55  55  HOH WAT A . 
B 2 HOH 56  56  56  HOH WAT A . 
B 2 HOH 57  57  57  HOH WAT A . 
B 2 HOH 58  58  58  HOH WAT A . 
B 2 HOH 59  59  59  HOH WAT A . 
B 2 HOH 60  60  60  HOH WAT A . 
B 2 HOH 61  61  61  HOH WAT A . 
B 2 HOH 62  62  62  HOH WAT A . 
B 2 HOH 63  63  63  HOH WAT A . 
B 2 HOH 64  64  64  HOH WAT A . 
B 2 HOH 65  65  65  HOH WAT A . 
B 2 HOH 66  66  66  HOH WAT A . 
B 2 HOH 67  67  67  HOH WAT A . 
B 2 HOH 68  68  68  HOH WAT A . 
B 2 HOH 69  69  69  HOH WAT A . 
B 2 HOH 70  70  70  HOH WAT A . 
B 2 HOH 71  71  71  HOH WAT A . 
B 2 HOH 72  72  72  HOH WAT A . 
B 2 HOH 73  73  73  HOH WAT A . 
B 2 HOH 74  74  74  HOH WAT A . 
B 2 HOH 75  75  75  HOH WAT A . 
B 2 HOH 76  76  76  HOH WAT A . 
B 2 HOH 77  77  77  HOH WAT A . 
B 2 HOH 78  78  78  HOH WAT A . 
B 2 HOH 79  79  79  HOH WAT A . 
B 2 HOH 80  80  80  HOH WAT A . 
B 2 HOH 81  81  81  HOH WAT A . 
B 2 HOH 82  82  82  HOH WAT A . 
B 2 HOH 83  83  83  HOH WAT A . 
B 2 HOH 84  84  84  HOH WAT A . 
B 2 HOH 85  85  85  HOH WAT A . 
B 2 HOH 86  86  86  HOH WAT A . 
B 2 HOH 87  87  87  HOH WAT A . 
B 2 HOH 88  88  88  HOH WAT A . 
B 2 HOH 89  89  89  HOH WAT A . 
B 2 HOH 90  90  90  HOH WAT A . 
B 2 HOH 91  91  91  HOH WAT A . 
B 2 HOH 92  92  92  HOH WAT A . 
B 2 HOH 93  93  93  HOH WAT A . 
B 2 HOH 94  94  94  HOH WAT A . 
B 2 HOH 95  95  95  HOH WAT A . 
B 2 HOH 96  96  96  HOH WAT A . 
B 2 HOH 97  97  97  HOH WAT A . 
B 2 HOH 98  98  98  HOH WAT A . 
B 2 HOH 99  99  99  HOH WAT A . 
B 2 HOH 100 100 100 HOH WAT A . 
B 2 HOH 101 101 101 HOH WAT A . 
B 2 HOH 102 102 102 HOH WAT A . 
B 2 HOH 103 103 103 HOH WAT A . 
B 2 HOH 104 104 104 HOH WAT A . 
B 2 HOH 105 105 105 HOH WAT A . 
B 2 HOH 106 106 106 HOH WAT A . 
B 2 HOH 107 107 107 HOH WAT A . 
B 2 HOH 108 108 108 HOH WAT A . 
B 2 HOH 109 109 109 HOH WAT A . 
B 2 HOH 110 110 110 HOH WAT A . 
B 2 HOH 111 111 111 HOH WAT A . 
B 2 HOH 112 112 112 HOH WAT A . 
B 2 HOH 113 113 113 HOH WAT A . 
B 2 HOH 114 114 114 HOH WAT A . 
B 2 HOH 115 115 115 HOH WAT A . 
B 2 HOH 116 116 116 HOH WAT A . 
B 2 HOH 117 117 117 HOH WAT A . 
B 2 HOH 118 118 118 HOH WAT A . 
B 2 HOH 119 119 119 HOH WAT A . 
B 2 HOH 120 120 120 HOH WAT A . 
B 2 HOH 121 121 121 HOH WAT A . 
B 2 HOH 122 122 122 HOH WAT A . 
B 2 HOH 123 123 123 HOH WAT A . 
B 2 HOH 124 124 124 HOH WAT A . 
B 2 HOH 125 125 125 HOH WAT A . 
B 2 HOH 126 126 126 HOH WAT A . 
B 2 HOH 127 127 127 HOH WAT A . 
B 2 HOH 128 128 128 HOH WAT A . 
B 2 HOH 129 129 129 HOH WAT A . 
B 2 HOH 130 130 130 HOH WAT A . 
B 2 HOH 131 131 131 HOH WAT A . 
B 2 HOH 132 132 132 HOH WAT A . 
B 2 HOH 133 133 133 HOH WAT A . 
B 2 HOH 134 134 134 HOH WAT A . 
B 2 HOH 135 135 135 HOH WAT A . 
B 2 HOH 136 136 136 HOH WAT A . 
B 2 HOH 137 137 137 HOH WAT A . 
B 2 HOH 138 138 138 HOH WAT A . 
B 2 HOH 139 139 139 HOH WAT A . 
B 2 HOH 140 140 140 HOH WAT A . 
B 2 HOH 141 141 141 HOH WAT A . 
B 2 HOH 142 142 142 HOH WAT A . 
B 2 HOH 143 143 143 HOH WAT A . 
B 2 HOH 144 144 144 HOH WAT A . 
B 2 HOH 145 145 145 HOH WAT A . 
# 
loop_
_pdbx_unobs_or_zero_occ_atoms.id 
_pdbx_unobs_or_zero_occ_atoms.PDB_model_num 
_pdbx_unobs_or_zero_occ_atoms.polymer_flag 
_pdbx_unobs_or_zero_occ_atoms.occupancy_flag 
_pdbx_unobs_or_zero_occ_atoms.auth_asym_id 
_pdbx_unobs_or_zero_occ_atoms.auth_comp_id 
_pdbx_unobs_or_zero_occ_atoms.auth_seq_id 
_pdbx_unobs_or_zero_occ_atoms.PDB_ins_code 
_pdbx_unobs_or_zero_occ_atoms.auth_atom_id 
_pdbx_unobs_or_zero_occ_atoms.label_alt_id 
_pdbx_unobs_or_zero_occ_atoms.label_asym_id 
_pdbx_unobs_or_zero_occ_atoms.label_comp_id 
_pdbx_unobs_or_zero_occ_atoms.label_seq_id 
_pdbx_unobs_or_zero_occ_atoms.label_atom_id 
1  1 Y 1 A LYS 391 ? CG  ? A LYS 66  CG  
2  1 Y 1 A LYS 391 ? CD  ? A LYS 66  CD  
3  1 Y 1 A LYS 391 ? CE  ? A LYS 66  CE  
4  1 Y 1 A LYS 391 ? NZ  ? A LYS 66  NZ  
5  1 Y 1 A ARG 408 ? CG  ? A ARG 83  CG  
6  1 Y 1 A ARG 408 ? CD  ? A ARG 83  CD  
7  1 Y 1 A ARG 408 ? NE  ? A ARG 83  NE  
8  1 Y 1 A ARG 408 ? CZ  ? A ARG 83  CZ  
9  1 Y 1 A ARG 408 ? NH1 ? A ARG 83  NH1 
10 1 Y 1 A ARG 408 ? NH2 ? A ARG 83  NH2 
11 1 Y 1 A LYS 435 ? CG  ? A LYS 110 CG  
12 1 Y 1 A LYS 435 ? CD  ? A LYS 110 CD  
13 1 Y 1 A LYS 435 ? CE  ? A LYS 110 CE  
14 1 Y 1 A LYS 435 ? NZ  ? A LYS 110 NZ  
15 1 Y 1 A GLU 444 ? CG  ? A GLU 119 CG  
16 1 Y 1 A GLU 444 ? CD  ? A GLU 119 CD  
17 1 Y 1 A GLU 444 ? OE1 ? A GLU 119 OE1 
18 1 Y 1 A GLU 444 ? OE2 ? A GLU 119 OE2 
19 1 Y 1 A ARG 457 ? CG  ? A ARG 132 CG  
20 1 Y 1 A ARG 457 ? CD  ? A ARG 132 CD  
21 1 Y 1 A ARG 457 ? NE  ? A ARG 132 NE  
22 1 Y 1 A ARG 457 ? CZ  ? A ARG 132 CZ  
23 1 Y 1 A ARG 457 ? NH1 ? A ARG 132 NH1 
24 1 Y 1 A ARG 457 ? NH2 ? A ARG 132 NH2 
25 1 Y 1 A GLN 518 ? CG  ? A GLN 193 CG  
26 1 Y 1 A GLN 518 ? CD  ? A GLN 193 CD  
27 1 Y 1 A GLN 518 ? OE1 ? A GLN 193 OE1 
28 1 Y 1 A GLN 518 ? NE2 ? A GLN 193 NE2 
# 
loop_
_software.name 
_software.classification 
_software.version 
_software.citation_id 
_software.pdbx_ordinal 
DENZO     'data reduction' . ? 1 
SCALEPACK 'data scaling'   . ? 2 
AMoRE     phasing          . ? 3 
CNS       refinement       . ? 4 
# 
_cell.entry_id           1FP5 
_cell.length_a           105.600 
_cell.length_b           105.600 
_cell.length_c           47.100 
_cell.angle_alpha        90.00 
_cell.angle_beta         90.00 
_cell.angle_gamma        90.00 
_cell.Z_PDB              8 
_cell.pdbx_unique_axis   ? 
# 
_symmetry.entry_id                         1FP5 
_symmetry.space_group_name_H-M             'P 4 21 2' 
_symmetry.pdbx_full_space_group_name_H-M   ? 
_symmetry.cell_setting                     ? 
_symmetry.Int_Tables_number                90 
# 
_exptl.entry_id          1FP5 
_exptl.method            'X-RAY DIFFRACTION' 
_exptl.crystals_number   1 
# 
_exptl_crystal.id                    1 
_exptl_crystal.density_meas          ? 
_exptl_crystal.density_percent_sol   45.5 
_exptl_crystal.density_Matthews      2.64 
_exptl_crystal.description           ? 
# 
_exptl_crystal_grow.crystal_id      1 
_exptl_crystal_grow.method          'VAPOR DIFFUSION, HANGING DROP' 
_exptl_crystal_grow.pH              4.6 
_exptl_crystal_grow.temp            295 
_exptl_crystal_grow.temp_details    ? 
_exptl_crystal_grow.pdbx_details    'PEG 4000, sodium acetate pH 4.6, VAPOR DIFFUSION, HANGING DROP, temperature 295K' 
_exptl_crystal_grow.pdbx_pH_range   ? 
# 
_diffrn.id                     1 
_diffrn.ambient_temp           113 
_diffrn.ambient_temp_details   ? 
_diffrn.crystal_id             1 
# 
_diffrn_detector.diffrn_id              1 
_diffrn_detector.detector               CCD 
_diffrn_detector.type                   MARRESEARCH 
_diffrn_detector.pdbx_collection_date   1999-08-07 
_diffrn_detector.details                '1mm x 1mm slits, 25 m from crystal' 
# 
_diffrn_radiation.diffrn_id                        1 
_diffrn_radiation.wavelength_id                    1 
_diffrn_radiation.monochromator                    'Si (111), cryogenically-cooled' 
_diffrn_radiation.pdbx_monochromatic_or_laue_m_l   M 
_diffrn_radiation.pdbx_diffrn_protocol             'SINGLE WAVELENGTH' 
_diffrn_radiation.pdbx_scattering_type             x-ray 
# 
_diffrn_radiation_wavelength.id           1 
_diffrn_radiation_wavelength.wavelength   0.906 
_diffrn_radiation_wavelength.wt           1.0 
# 
_diffrn_source.diffrn_id                   1 
_diffrn_source.source                      SYNCHROTRON 
_diffrn_source.type                        'APS BEAMLINE 5ID-B' 
_diffrn_source.pdbx_wavelength             0.906 
_diffrn_source.pdbx_synchrotron_site       APS 
_diffrn_source.pdbx_synchrotron_beamline   5ID-B 
_diffrn_source.pdbx_wavelength_list        ? 
# 
_reflns.entry_id                     1FP5 
_reflns.observed_criterion_sigma_I   ? 
_reflns.observed_criterion_sigma_F   ? 
_reflns.d_resolution_low             30.0 
_reflns.d_resolution_high            2.3 
_reflns.number_obs                   12322 
_reflns.number_all                   12322 
_reflns.percent_possible_obs         99.8 
_reflns.pdbx_Rmerge_I_obs            0.054 
_reflns.pdbx_Rsym_value              ? 
_reflns.pdbx_netI_over_sigmaI        33.9 
_reflns.B_iso_Wilson_estimate        49.2 
_reflns.pdbx_redundancy              8.7 
_reflns.R_free_details               ? 
_reflns.limit_h_max                  ? 
_reflns.limit_h_min                  ? 
_reflns.limit_k_max                  ? 
_reflns.limit_k_min                  ? 
_reflns.limit_l_max                  ? 
_reflns.limit_l_min                  ? 
_reflns.observed_criterion_F_max     ? 
_reflns.observed_criterion_F_min     ? 
_reflns.pdbx_diffrn_id               1 
_reflns.pdbx_ordinal                 1 
# 
_reflns_shell.d_res_high             2.30 
_reflns_shell.d_res_low              2.38 
_reflns_shell.percent_possible_obs   ? 
_reflns_shell.percent_possible_all   100 
_reflns_shell.Rmerge_I_obs           0.257 
_reflns_shell.meanI_over_sigI_obs    10.6 
_reflns_shell.pdbx_Rsym_value        ? 
_reflns_shell.pdbx_redundancy        7.1 
_reflns_shell.number_unique_all      1208 
_reflns_shell.pdbx_diffrn_id         ? 
_reflns_shell.pdbx_ordinal           1 
# 
_refine.entry_id                                 1FP5 
_refine.ls_number_reflns_obs                     12322 
_refine.ls_number_reflns_all                     12322 
_refine.pdbx_ls_sigma_I                          ? 
_refine.pdbx_ls_sigma_F                          0 
_refine.pdbx_data_cutoff_high_absF               ? 
_refine.pdbx_data_cutoff_low_absF                ? 
_refine.ls_d_res_low                             30.0 
_refine.ls_d_res_high                            2.30 
_refine.ls_percent_reflns_obs                    99.7 
_refine.ls_R_factor_obs                          ? 
_refine.ls_R_factor_all                          ? 
_refine.ls_R_factor_R_work                       0.242 
_refine.ls_R_factor_R_free                       0.27 
_refine.ls_R_factor_R_free_error                 ? 
_refine.ls_R_factor_R_free_error_details         ? 
_refine.ls_percent_reflns_R_free                 10.3 
_refine.ls_number_reflns_R_free                  1269 
_refine.ls_number_parameters                     ? 
_refine.ls_number_restraints                     ? 
_refine.occupancy_min                            ? 
_refine.occupancy_max                            ? 
_refine.B_iso_mean                               51.9 
_refine.aniso_B[1][1]                            2.735 
_refine.aniso_B[2][2]                            2.735 
_refine.aniso_B[3][3]                            -5.470 
_refine.aniso_B[1][2]                            0.000 
_refine.aniso_B[1][3]                            0.000 
_refine.aniso_B[2][3]                            0.000 
_refine.solvent_model_details                    ? 
_refine.solvent_model_param_ksol                 ? 
_refine.solvent_model_param_bsol                 ? 
_refine.pdbx_ls_cross_valid_method               ? 
_refine.details                                  
;Density for the Cepsilon4 AB loop was particularly poor,
especially from residues 453-457, and this region of the
loop was built sterically.
 
The B-factors were generally higher and the electron
density generally poorer for the  BC- DE- and FG-loops of
the Cepsilon3 domain that bind to the high affinity
receptor.
 
The residue K435 sits at the interdomain interface and
the side chain may partially fill a gap in the space
between the domains.  This is not obvious from the
structure, however, as all of the atoms could not be
modeled for this residue.
 
The structure contains two cis-Prolines :  P471 and P533
 
There are N-linked carbohydrates attached to the protein
at residues N371 and N394.  Some electron density is
observed for the carbohydrate attached to N394, but no
electron density is observed for the carbohydrate attached
to N371.  Carbohydrates were not modeled in the structure
and so they are not present in the PDB file.
;
_refine.pdbx_starting_model                      ? 
_refine.pdbx_method_to_determine_struct          'MOLECULAR REPLACEMENT' 
_refine.pdbx_isotropic_thermal_model             ? 
_refine.pdbx_stereochemistry_target_values       'Engh & Huber' 
_refine.pdbx_stereochem_target_val_spec_case     ? 
_refine.pdbx_R_Free_selection_details            random 
_refine.pdbx_overall_ESU_R_Free                  ? 
_refine.overall_SU_B                             ? 
_refine.ls_redundancy_reflns_obs                 ? 
_refine.B_iso_min                                ? 
_refine.B_iso_max                                ? 
_refine.overall_SU_ML                            ? 
_refine.pdbx_overall_ESU_R                       ? 
_refine.pdbx_data_cutoff_high_rms_absF           ? 
_refine.correlation_coeff_Fo_to_Fc               ? 
_refine.correlation_coeff_Fo_to_Fc_free          ? 
_refine.pdbx_solvent_vdw_probe_radii             ? 
_refine.pdbx_solvent_ion_probe_radii             ? 
_refine.pdbx_solvent_shrinkage_radii             ? 
_refine.overall_SU_R_Cruickshank_DPI             ? 
_refine.overall_SU_R_free                        ? 
_refine.pdbx_refine_id                           'X-RAY DIFFRACTION' 
_refine.pdbx_diffrn_id                           1 
_refine.pdbx_TLS_residual_ADP_flag               ? 
_refine.pdbx_overall_phase_error                 ? 
_refine.pdbx_overall_SU_R_free_Cruickshank_DPI   ? 
_refine.pdbx_overall_SU_R_Blow_DPI               ? 
_refine.pdbx_overall_SU_R_free_Blow_DPI          ? 
# 
_refine_hist.pdbx_refine_id                   'X-RAY DIFFRACTION' 
_refine_hist.cycle_id                         LAST 
_refine_hist.pdbx_number_atoms_protein        1618 
_refine_hist.pdbx_number_atoms_nucleic_acid   0 
_refine_hist.pdbx_number_atoms_ligand         0 
_refine_hist.number_atoms_solvent             145 
_refine_hist.number_atoms_total               1763 
_refine_hist.d_res_high                       2.30 
_refine_hist.d_res_low                        30.0 
# 
loop_
_refine_ls_restr.type 
_refine_ls_restr.dev_ideal 
_refine_ls_restr.dev_ideal_target 
_refine_ls_restr.weight 
_refine_ls_restr.number 
_refine_ls_restr.pdbx_refine_id 
_refine_ls_restr.pdbx_restraint_function 
c_angle_deg        1.77  ?   ? ? 'X-RAY DIFFRACTION' ? 
c_bond_d           0.007 ?   ? ? 'X-RAY DIFFRACTION' ? 
c_improper_angle_d 0.951 ?   ? ? 'X-RAY DIFFRACTION' ? 
c_dihedral_angle_d 26.21 ?   ? ? 'X-RAY DIFFRACTION' ? 
c_mcbond_it        ?     1.5 ? ? 'X-RAY DIFFRACTION' ? 
c_mcangle_it       ?     2.0 ? ? 'X-RAY DIFFRACTION' ? 
c_scbond_it        ?     3.0 ? ? 'X-RAY DIFFRACTION' ? 
c_scangle_it       ?     3.5 ? ? 'X-RAY DIFFRACTION' ? 
# 
_struct.entry_id                  1FP5 
_struct.title                     'CRYSTAL STRUCTURE ANALYSIS OF THE HUMAN IGE-FC CEPSILON3-CEPSILON4 FRAGMENT.' 
_struct.pdbx_model_details        ? 
_struct.pdbx_CASP_flag            ? 
_struct.pdbx_model_type_details   ? 
# 
_struct_keywords.entry_id        1FP5 
_struct_keywords.pdbx_keywords   'IMMUNE SYSTEM' 
_struct_keywords.text            
;Antibody, Fc, Immunoglobin fold, "closed" IgE-Fc, IMMUNE SYSTEM
;
# 
loop_
_struct_asym.id 
_struct_asym.pdbx_blank_PDB_chainid_flag 
_struct_asym.pdbx_modified 
_struct_asym.entity_id 
_struct_asym.details 
A N N 1 ? 
B N N 2 ? 
# 
_struct_ref.id                         1 
_struct_ref.db_code                    IGHE_HUMAN 
_struct_ref.db_name                    UNP 
_struct_ref.entity_id                  1 
_struct_ref.pdbx_db_accession          P01854 
_struct_ref.pdbx_align_begin           357 
_struct_ref.pdbx_seq_one_letter_code   
;DSNPRGVSAYLSRPSPFDLFIRKSPTITCLVVDLAPSKGTVNLTWSRASGKPVNHSTRKEEKQRNGTLTVTSTLPVGTRD
WIEGETYQCRVTHPHLPRALMRSTTKTSGPRAAPEVYAFATPEWPGSRDKRTLACLIQNFMPEDISVQWLHNEVQLPDAR
HSTTQPRKTKGSGFFVFSRLEVTRAEWEQKDEFICRAVHEAASPSQTVQRAVSVNPGK
;
_struct_ref.pdbx_db_isoform            ? 
# 
_struct_ref_seq.align_id                      1 
_struct_ref_seq.ref_id                        1 
_struct_ref_seq.pdbx_PDB_id_code              1FP5 
_struct_ref_seq.pdbx_strand_id                A 
_struct_ref_seq.seq_align_beg                 5 
_struct_ref_seq.pdbx_seq_align_beg_ins_code   ? 
_struct_ref_seq.seq_align_end                 222 
_struct_ref_seq.pdbx_seq_align_end_ins_code   ? 
_struct_ref_seq.pdbx_db_accession             P01854 
_struct_ref_seq.db_align_beg                  357 
_struct_ref_seq.pdbx_db_align_beg_ins_code    ? 
_struct_ref_seq.db_align_end                  574 
_struct_ref_seq.pdbx_db_align_end_ins_code    ? 
_struct_ref_seq.pdbx_auth_seq_align_beg       330 
_struct_ref_seq.pdbx_auth_seq_align_end       547 
# 
loop_
_struct_ref_seq_dif.align_id 
_struct_ref_seq_dif.pdbx_pdb_id_code 
_struct_ref_seq_dif.mon_id 
_struct_ref_seq_dif.pdbx_pdb_strand_id 
_struct_ref_seq_dif.seq_num 
_struct_ref_seq_dif.pdbx_pdb_ins_code 
_struct_ref_seq_dif.pdbx_seq_db_name 
_struct_ref_seq_dif.pdbx_seq_db_accession_code 
_struct_ref_seq_dif.db_mon_id 
_struct_ref_seq_dif.pdbx_seq_db_seq_num 
_struct_ref_seq_dif.details 
_struct_ref_seq_dif.pdbx_auth_seq_num 
_struct_ref_seq_dif.pdbx_ordinal 
1 1FP5 ALA A 1 ? UNP P01854 ? ? 'cloning artifact' 326 1 
1 1FP5 ASP A 2 ? UNP P01854 ? ? 'cloning artifact' 327 2 
1 1FP5 PRO A 3 ? UNP P01854 ? ? 'cloning artifact' 328 3 
1 1FP5 CYS A 4 ? UNP P01854 ? ? 'cloning artifact' 329 4 
# 
_pdbx_struct_assembly.id                   1 
_pdbx_struct_assembly.details              author_defined_assembly 
_pdbx_struct_assembly.method_details       ? 
_pdbx_struct_assembly.oligomeric_details   dimeric 
_pdbx_struct_assembly.oligomeric_count     2 
# 
_pdbx_struct_assembly_gen.assembly_id       1 
_pdbx_struct_assembly_gen.oper_expression   1,2 
_pdbx_struct_assembly_gen.asym_id_list      A,B 
# 
loop_
_pdbx_struct_oper_list.id 
_pdbx_struct_oper_list.type 
_pdbx_struct_oper_list.name 
_pdbx_struct_oper_list.symmetry_operation 
_pdbx_struct_oper_list.matrix[1][1] 
_pdbx_struct_oper_list.matrix[1][2] 
_pdbx_struct_oper_list.matrix[1][3] 
_pdbx_struct_oper_list.vector[1] 
_pdbx_struct_oper_list.matrix[2][1] 
_pdbx_struct_oper_list.matrix[2][2] 
_pdbx_struct_oper_list.matrix[2][3] 
_pdbx_struct_oper_list.vector[2] 
_pdbx_struct_oper_list.matrix[3][1] 
_pdbx_struct_oper_list.matrix[3][2] 
_pdbx_struct_oper_list.matrix[3][3] 
_pdbx_struct_oper_list.vector[3] 
1 'identity operation'         1_555 x,y,z          1.0000000000 0.0000000000 0.0000000000 0.0000000000  0.0000000000 1.0000000000  0.0000000000 0.0000000000  0.0000000000 0.0000000000 1.0000000000  0.0000000000 
2 'crystal symmetry operation' 8_666 -y+1,-x+1,-z+1 0.9156607323 0.3869974652 0.1086203722 -5.2892762803 0.3869974652 -0.9218196440 0.0219432429 24.1089110980 0.1086203722 0.0219432429 -0.9938410883 7.3869327873 
# 
_struct_biol.id                    1 
_struct_biol.details               
'The asymmetric unit contains one chain of the Fc homodimer. The biological dimer can be generated from chain A.' 
_struct_biol.pdbx_parent_biol_id   ? 
# 
loop_
_struct_conf.conf_type_id 
_struct_conf.id 
_struct_conf.pdbx_PDB_helix_id 
_struct_conf.beg_label_comp_id 
_struct_conf.beg_label_asym_id 
_struct_conf.beg_label_seq_id 
_struct_conf.pdbx_beg_PDB_ins_code 
_struct_conf.end_label_comp_id 
_struct_conf.end_label_asym_id 
_struct_conf.end_label_seq_id 
_struct_conf.pdbx_end_PDB_ins_code 
_struct_conf.beg_auth_comp_id 
_struct_conf.beg_auth_asym_id 
_struct_conf.beg_auth_seq_id 
_struct_conf.end_auth_comp_id 
_struct_conf.end_auth_asym_id 
_struct_conf.end_auth_seq_id 
_struct_conf.pdbx_PDB_helix_class 
_struct_conf.details 
_struct_conf.pdbx_PDB_helix_length 
HELX_P HELX_P1 1 SER A 19  ? ILE A 25  ? SER A 344 ILE A 350 1 ? 7 
HELX_P HELX_P2 2 GLY A 81  ? GLU A 87  ? GLY A 406 GLU A 412 1 ? 7 
HELX_P HELX_P3 3 PRO A 161 ? ALA A 163 ? PRO A 486 ALA A 488 5 ? 3 
HELX_P HELX_P4 4 THR A 187 ? GLU A 192 ? THR A 512 GLU A 517 1 ? 6 
HELX_P HELX_P5 5 GLN A 193 ? ASP A 195 ? GLN A 518 ASP A 520 5 ? 3 
# 
_struct_conf_type.id          HELX_P 
_struct_conf_type.criteria    ? 
_struct_conf_type.reference   ? 
# 
loop_
_struct_conn.id 
_struct_conn.conn_type_id 
_struct_conn.pdbx_leaving_atom_flag 
_struct_conn.pdbx_PDB_id 
_struct_conn.ptnr1_label_asym_id 
_struct_conn.ptnr1_label_comp_id 
_struct_conn.ptnr1_label_seq_id 
_struct_conn.ptnr1_label_atom_id 
_struct_conn.pdbx_ptnr1_label_alt_id 
_struct_conn.pdbx_ptnr1_PDB_ins_code 
_struct_conn.pdbx_ptnr1_standard_comp_id 
_struct_conn.ptnr1_symmetry 
_struct_conn.ptnr2_label_asym_id 
_struct_conn.ptnr2_label_comp_id 
_struct_conn.ptnr2_label_seq_id 
_struct_conn.ptnr2_label_atom_id 
_struct_conn.pdbx_ptnr2_label_alt_id 
_struct_conn.pdbx_ptnr2_PDB_ins_code 
_struct_conn.ptnr1_auth_asym_id 
_struct_conn.ptnr1_auth_comp_id 
_struct_conn.ptnr1_auth_seq_id 
_struct_conn.ptnr2_auth_asym_id 
_struct_conn.ptnr2_auth_comp_id 
_struct_conn.ptnr2_auth_seq_id 
_struct_conn.ptnr2_symmetry 
_struct_conn.pdbx_ptnr3_label_atom_id 
_struct_conn.pdbx_ptnr3_label_seq_id 
_struct_conn.pdbx_ptnr3_label_comp_id 
_struct_conn.pdbx_ptnr3_label_asym_id 
_struct_conn.pdbx_ptnr3_label_alt_id 
_struct_conn.pdbx_ptnr3_PDB_ins_code 
_struct_conn.details 
_struct_conn.pdbx_dist_value 
_struct_conn.pdbx_value_order 
_struct_conn.pdbx_role 
disulf1 disulf ? ? A CYS 33  SG ? ? ? 1_555 A CYS 93  SG ? ? A CYS 358 A CYS 418 1_555 ? ? ? ? ? ? ? 2.046 ? ? 
disulf2 disulf ? ? A CYS 139 SG ? ? ? 1_555 A CYS 199 SG ? ? A CYS 464 A CYS 524 1_555 ? ? ? ? ? ? ? 2.059 ? ? 
# 
_struct_conn_type.id          disulf 
_struct_conn_type.criteria    ? 
_struct_conn_type.reference   ? 
# 
loop_
_pdbx_modification_feature.ordinal 
_pdbx_modification_feature.label_comp_id 
_pdbx_modification_feature.label_asym_id 
_pdbx_modification_feature.label_seq_id 
_pdbx_modification_feature.label_alt_id 
_pdbx_modification_feature.modified_residue_label_comp_id 
_pdbx_modification_feature.modified_residue_label_asym_id 
_pdbx_modification_feature.modified_residue_label_seq_id 
_pdbx_modification_feature.modified_residue_label_alt_id 
_pdbx_modification_feature.auth_comp_id 
_pdbx_modification_feature.auth_asym_id 
_pdbx_modification_feature.auth_seq_id 
_pdbx_modification_feature.PDB_ins_code 
_pdbx_modification_feature.symmetry 
_pdbx_modification_feature.modified_residue_auth_comp_id 
_pdbx_modification_feature.modified_residue_auth_asym_id 
_pdbx_modification_feature.modified_residue_auth_seq_id 
_pdbx_modification_feature.modified_residue_PDB_ins_code 
_pdbx_modification_feature.modified_residue_symmetry 
_pdbx_modification_feature.comp_id_linking_atom 
_pdbx_modification_feature.modified_residue_id_linking_atom 
_pdbx_modification_feature.modified_residue_id 
_pdbx_modification_feature.ref_pcm_id 
_pdbx_modification_feature.ref_comp_id 
_pdbx_modification_feature.type 
_pdbx_modification_feature.category 
1 CYS A 33  ? CYS A 93  ? CYS A 358 ? 1_555 CYS A 418 ? 1_555 SG SG . . . None 'Disulfide bridge' 
2 CYS A 139 ? CYS A 199 ? CYS A 464 ? 1_555 CYS A 524 ? 1_555 SG SG . . . None 'Disulfide bridge' 
# 
loop_
_struct_mon_prot_cis.pdbx_id 
_struct_mon_prot_cis.label_comp_id 
_struct_mon_prot_cis.label_seq_id 
_struct_mon_prot_cis.label_asym_id 
_struct_mon_prot_cis.label_alt_id 
_struct_mon_prot_cis.pdbx_PDB_ins_code 
_struct_mon_prot_cis.auth_comp_id 
_struct_mon_prot_cis.auth_seq_id 
_struct_mon_prot_cis.auth_asym_id 
_struct_mon_prot_cis.pdbx_label_comp_id_2 
_struct_mon_prot_cis.pdbx_label_seq_id_2 
_struct_mon_prot_cis.pdbx_label_asym_id_2 
_struct_mon_prot_cis.pdbx_PDB_ins_code_2 
_struct_mon_prot_cis.pdbx_auth_comp_id_2 
_struct_mon_prot_cis.pdbx_auth_seq_id_2 
_struct_mon_prot_cis.pdbx_auth_asym_id_2 
_struct_mon_prot_cis.pdbx_PDB_model_num 
_struct_mon_prot_cis.pdbx_omega_angle 
1 MET 145 A . ? MET 470 A PRO 146 A ? PRO 471 A 1 -0.10 
2 SER 207 A . ? SER 532 A PRO 208 A ? PRO 533 A 1 1.12  
# 
loop_
_struct_sheet.id 
_struct_sheet.type 
_struct_sheet.number_strands 
_struct_sheet.details 
A ? 4 ? 
B ? 3 ? 
C ? 4 ? 
D ? 4 ? 
E ? 4 ? 
# 
loop_
_struct_sheet_order.sheet_id 
_struct_sheet_order.range_id_1 
_struct_sheet_order.range_id_2 
_struct_sheet_order.offset 
_struct_sheet_order.sense 
A 1 2 ? anti-parallel 
A 2 3 ? anti-parallel 
A 3 4 ? anti-parallel 
B 1 2 ? anti-parallel 
B 2 3 ? anti-parallel 
C 1 2 ? anti-parallel 
C 2 3 ? anti-parallel 
C 3 4 ? anti-parallel 
D 1 2 ? anti-parallel 
D 2 3 ? anti-parallel 
D 3 4 ? anti-parallel 
E 1 2 ? anti-parallel 
E 2 3 ? anti-parallel 
E 3 4 ? anti-parallel 
# 
loop_
_struct_sheet_range.sheet_id 
_struct_sheet_range.id 
_struct_sheet_range.beg_label_comp_id 
_struct_sheet_range.beg_label_asym_id 
_struct_sheet_range.beg_label_seq_id 
_struct_sheet_range.pdbx_beg_PDB_ins_code 
_struct_sheet_range.end_label_comp_id 
_struct_sheet_range.end_label_asym_id 
_struct_sheet_range.end_label_seq_id 
_struct_sheet_range.pdbx_end_PDB_ins_code 
_struct_sheet_range.beg_auth_comp_id 
_struct_sheet_range.beg_auth_asym_id 
_struct_sheet_range.beg_auth_seq_id 
_struct_sheet_range.end_auth_comp_id 
_struct_sheet_range.end_auth_asym_id 
_struct_sheet_range.end_auth_seq_id 
A 1 SER A 12  ? SER A 16  ? SER A 337 SER A 341 
A 2 THR A 30  ? ASP A 37  ? THR A 355 ASP A 362 
A 3 THR A 71  ? PRO A 79  ? THR A 396 PRO A 404 
A 4 THR A 61  ? GLN A 67  ? THR A 386 GLN A 392 
B 1 ASN A 46  ? ARG A 51  ? ASN A 371 ARG A 376 
B 2 TYR A 91  ? THR A 96  ? TYR A 416 THR A 421 
B 3 LEU A 104 ? THR A 108 ? LEU A 429 THR A 433 
C 1 GLU A 119 ? ALA A 124 ? GLU A 444 ALA A 449 
C 2 ARG A 135 ? PHE A 144 ? ARG A 460 PHE A 469 
C 3 PHE A 178 ? VAL A 186 ? PHE A 503 VAL A 511 
C 4 HIS A 165 ? THR A 167 ? HIS A 490 THR A 492 
D 1 GLU A 119 ? ALA A 124 ? GLU A 444 ALA A 449 
D 2 ARG A 135 ? PHE A 144 ? ARG A 460 PHE A 469 
D 3 PHE A 178 ? VAL A 186 ? PHE A 503 VAL A 511 
D 4 ARG A 171 ? LYS A 172 ? ARG A 496 LYS A 497 
E 1 VAL A 158 ? GLN A 159 ? VAL A 483 GLN A 484 
E 2 SER A 150 ? HIS A 155 ? SER A 475 HIS A 480 
E 3 PHE A 197 ? VAL A 202 ? PHE A 522 VAL A 527 
E 4 THR A 211 ? ALA A 215 ? THR A 536 ALA A 540 
# 
loop_
_pdbx_struct_sheet_hbond.sheet_id 
_pdbx_struct_sheet_hbond.range_id_1 
_pdbx_struct_sheet_hbond.range_id_2 
_pdbx_struct_sheet_hbond.range_1_label_atom_id 
_pdbx_struct_sheet_hbond.range_1_label_comp_id 
_pdbx_struct_sheet_hbond.range_1_label_asym_id 
_pdbx_struct_sheet_hbond.range_1_label_seq_id 
_pdbx_struct_sheet_hbond.range_1_PDB_ins_code 
_pdbx_struct_sheet_hbond.range_1_auth_atom_id 
_pdbx_struct_sheet_hbond.range_1_auth_comp_id 
_pdbx_struct_sheet_hbond.range_1_auth_asym_id 
_pdbx_struct_sheet_hbond.range_1_auth_seq_id 
_pdbx_struct_sheet_hbond.range_2_label_atom_id 
_pdbx_struct_sheet_hbond.range_2_label_comp_id 
_pdbx_struct_sheet_hbond.range_2_label_asym_id 
_pdbx_struct_sheet_hbond.range_2_label_seq_id 
_pdbx_struct_sheet_hbond.range_2_PDB_ins_code 
_pdbx_struct_sheet_hbond.range_2_auth_atom_id 
_pdbx_struct_sheet_hbond.range_2_auth_comp_id 
_pdbx_struct_sheet_hbond.range_2_auth_asym_id 
_pdbx_struct_sheet_hbond.range_2_auth_seq_id 
A 1 2 N SER A 16  ? N SER A 341 O THR A 32  ? O THR A 357 
A 2 3 O ASP A 37  ? O ASP A 362 N LEU A 72  ? N LEU A 397 
A 3 4 N THR A 77  ? N THR A 402 O THR A 61  ? O THR A 386 
B 1 2 O SER A 50  ? O SER A 375 N GLN A 92  ? N GLN A 417 
B 2 3 N VAL A 95  ? N VAL A 420 O LEU A 104 ? O LEU A 429 
C 1 2 N PHE A 123 ? N PHE A 448 O ALA A 138 ? O ALA A 463 
C 2 3 O PHE A 144 ? O PHE A 469 N PHE A 178 ? N PHE A 503 
C 3 4 N ARG A 183 ? N ARG A 508 O SER A 166 ? O SER A 491 
D 1 2 N PHE A 123 ? N PHE A 448 O ALA A 138 ? O ALA A 463 
D 2 3 O PHE A 144 ? O PHE A 469 N PHE A 178 ? N PHE A 503 
D 3 4 O PHE A 179 ? O PHE A 504 N ARG A 171 ? N ARG A 496 
E 1 2 O VAL A 158 ? O VAL A 483 N HIS A 155 ? N HIS A 480 
E 2 3 O LEU A 154 ? O LEU A 479 N ILE A 198 ? N ILE A 523 
E 3 4 N ALA A 201 ? N ALA A 526 O VAL A 212 ? O VAL A 537 
# 
_pdbx_entry_details.entry_id                   1FP5 
_pdbx_entry_details.compound_details           ? 
_pdbx_entry_details.source_details             ? 
_pdbx_entry_details.nonpolymer_details         ? 
_pdbx_entry_details.sequence_details           ? 
_pdbx_entry_details.has_ligand_of_interest     ? 
_pdbx_entry_details.has_protein_modification   Y 
# 
loop_
_pdbx_validate_rmsd_angle.id 
_pdbx_validate_rmsd_angle.PDB_model_num 
_pdbx_validate_rmsd_angle.auth_atom_id_1 
_pdbx_validate_rmsd_angle.auth_asym_id_1 
_pdbx_validate_rmsd_angle.auth_comp_id_1 
_pdbx_validate_rmsd_angle.auth_seq_id_1 
_pdbx_validate_rmsd_angle.PDB_ins_code_1 
_pdbx_validate_rmsd_angle.label_alt_id_1 
_pdbx_validate_rmsd_angle.auth_atom_id_2 
_pdbx_validate_rmsd_angle.auth_asym_id_2 
_pdbx_validate_rmsd_angle.auth_comp_id_2 
_pdbx_validate_rmsd_angle.auth_seq_id_2 
_pdbx_validate_rmsd_angle.PDB_ins_code_2 
_pdbx_validate_rmsd_angle.label_alt_id_2 
_pdbx_validate_rmsd_angle.auth_atom_id_3 
_pdbx_validate_rmsd_angle.auth_asym_id_3 
_pdbx_validate_rmsd_angle.auth_comp_id_3 
_pdbx_validate_rmsd_angle.auth_seq_id_3 
_pdbx_validate_rmsd_angle.PDB_ins_code_3 
_pdbx_validate_rmsd_angle.label_alt_id_3 
_pdbx_validate_rmsd_angle.angle_value 
_pdbx_validate_rmsd_angle.angle_target_value 
_pdbx_validate_rmsd_angle.angle_deviation 
_pdbx_validate_rmsd_angle.angle_standard_deviation 
_pdbx_validate_rmsd_angle.linker_flag 
1 1 N A GLY 368 ? ? CA A GLY 368 ? ? C A GLY 368 ? ? 97.81  113.10 -15.29 2.50 N 
2 1 N A GLY 455 ? ? CA A GLY 455 ? ? C A GLY 455 ? ? 95.26  113.10 -17.84 2.50 N 
3 1 N A SER 456 ? ? CA A SER 456 ? ? C A SER 456 ? ? 130.23 111.00 19.23  2.70 N 
4 1 N A ARG 457 ? ? CA A ARG 457 ? ? C A ARG 457 ? ? 86.85  111.00 -24.15 2.70 N 
# 
loop_
_pdbx_validate_torsion.id 
_pdbx_validate_torsion.PDB_model_num 
_pdbx_validate_torsion.auth_comp_id 
_pdbx_validate_torsion.auth_asym_id 
_pdbx_validate_torsion.auth_seq_id 
_pdbx_validate_torsion.PDB_ins_code 
_pdbx_validate_torsion.label_alt_id 
_pdbx_validate_torsion.phi 
_pdbx_validate_torsion.psi 
1  1 ILE A 350 ? ? -90.89  -64.50  
2  1 ARG A 393 ? ? -53.65  4.09    
3  1 PRO A 426 ? ? -59.66  -71.20  
4  1 PRO A 454 ? ? -35.80  176.94  
5  1 ARG A 457 ? ? -171.25 120.45  
6  1 LYS A 459 ? ? 172.09  106.42  
7  1 PRO A 471 ? ? -62.01  -177.94 
8  1 ASN A 481 ? ? 80.39   -113.76 
9  1 ALA A 488 ? ? -47.31  -13.07  
10 1 THR A 498 ? ? -145.80 -158.10 
11 1 GLN A 535 ? ? 35.82   41.63   
# 
loop_
_pdbx_unobs_or_zero_occ_residues.id 
_pdbx_unobs_or_zero_occ_residues.PDB_model_num 
_pdbx_unobs_or_zero_occ_residues.polymer_flag 
_pdbx_unobs_or_zero_occ_residues.occupancy_flag 
_pdbx_unobs_or_zero_occ_residues.auth_asym_id 
_pdbx_unobs_or_zero_occ_residues.auth_comp_id 
_pdbx_unobs_or_zero_occ_residues.auth_seq_id 
_pdbx_unobs_or_zero_occ_residues.PDB_ins_code 
_pdbx_unobs_or_zero_occ_residues.label_asym_id 
_pdbx_unobs_or_zero_occ_residues.label_comp_id 
_pdbx_unobs_or_zero_occ_residues.label_seq_id 
1  1 Y 1 A ALA 326 ? A ALA 1   
2  1 Y 1 A ASP 327 ? A ASP 2   
3  1 Y 1 A PRO 328 ? A PRO 3   
4  1 Y 1 A CYS 329 ? A CYS 4   
5  1 Y 1 A ASP 330 ? A ASP 5   
6  1 Y 1 A SER 331 ? A SER 6   
7  1 Y 1 A ASN 332 ? A ASN 7   
8  1 Y 1 A PRO 333 ? A PRO 8   
9  1 Y 1 A ARG 334 ? A ARG 9   
10 1 Y 1 A GLY 335 ? A GLY 10  
11 1 Y 1 A ASN 544 ? A ASN 219 
12 1 Y 1 A PRO 545 ? A PRO 220 
13 1 Y 1 A GLY 546 ? A GLY 221 
14 1 Y 1 A LYS 547 ? A LYS 222 
# 
loop_
_chem_comp_atom.comp_id 
_chem_comp_atom.atom_id 
_chem_comp_atom.type_symbol 
_chem_comp_atom.pdbx_aromatic_flag 
_chem_comp_atom.pdbx_stereo_config 
_chem_comp_atom.pdbx_ordinal 
ALA N    N N N 1   
ALA CA   C N S 2   
ALA C    C N N 3   
ALA O    O N N 4   
ALA CB   C N N 5   
ALA OXT  O N N 6   
ALA H    H N N 7   
ALA H2   H N N 8   
ALA HA   H N N 9   
ALA HB1  H N N 10  
ALA HB2  H N N 11  
ALA HB3  H N N 12  
ALA HXT  H N N 13  
ARG N    N N N 14  
ARG CA   C N S 15  
ARG C    C N N 16  
ARG O    O N N 17  
ARG CB   C N N 18  
ARG CG   C N N 19  
ARG CD   C N N 20  
ARG NE   N N N 21  
ARG CZ   C N N 22  
ARG NH1  N N N 23  
ARG NH2  N N N 24  
ARG OXT  O N N 25  
ARG H    H N N 26  
ARG H2   H N N 27  
ARG HA   H N N 28  
ARG HB2  H N N 29  
ARG HB3  H N N 30  
ARG HG2  H N N 31  
ARG HG3  H N N 32  
ARG HD2  H N N 33  
ARG HD3  H N N 34  
ARG HE   H N N 35  
ARG HH11 H N N 36  
ARG HH12 H N N 37  
ARG HH21 H N N 38  
ARG HH22 H N N 39  
ARG HXT  H N N 40  
ASN N    N N N 41  
ASN CA   C N S 42  
ASN C    C N N 43  
ASN O    O N N 44  
ASN CB   C N N 45  
ASN CG   C N N 46  
ASN OD1  O N N 47  
ASN ND2  N N N 48  
ASN OXT  O N N 49  
ASN H    H N N 50  
ASN H2   H N N 51  
ASN HA   H N N 52  
ASN HB2  H N N 53  
ASN HB3  H N N 54  
ASN HD21 H N N 55  
ASN HD22 H N N 56  
ASN HXT  H N N 57  
ASP N    N N N 58  
ASP CA   C N S 59  
ASP C    C N N 60  
ASP O    O N N 61  
ASP CB   C N N 62  
ASP CG   C N N 63  
ASP OD1  O N N 64  
ASP OD2  O N N 65  
ASP OXT  O N N 66  
ASP H    H N N 67  
ASP H2   H N N 68  
ASP HA   H N N 69  
ASP HB2  H N N 70  
ASP HB3  H N N 71  
ASP HD2  H N N 72  
ASP HXT  H N N 73  
CYS N    N N N 74  
CYS CA   C N R 75  
CYS C    C N N 76  
CYS O    O N N 77  
CYS CB   C N N 78  
CYS SG   S N N 79  
CYS OXT  O N N 80  
CYS H    H N N 81  
CYS H2   H N N 82  
CYS HA   H N N 83  
CYS HB2  H N N 84  
CYS HB3  H N N 85  
CYS HG   H N N 86  
CYS HXT  H N N 87  
GLN N    N N N 88  
GLN CA   C N S 89  
GLN C    C N N 90  
GLN O    O N N 91  
GLN CB   C N N 92  
GLN CG   C N N 93  
GLN CD   C N N 94  
GLN OE1  O N N 95  
GLN NE2  N N N 96  
GLN OXT  O N N 97  
GLN H    H N N 98  
GLN H2   H N N 99  
GLN HA   H N N 100 
GLN HB2  H N N 101 
GLN HB3  H N N 102 
GLN HG2  H N N 103 
GLN HG3  H N N 104 
GLN HE21 H N N 105 
GLN HE22 H N N 106 
GLN HXT  H N N 107 
GLU N    N N N 108 
GLU CA   C N S 109 
GLU C    C N N 110 
GLU O    O N N 111 
GLU CB   C N N 112 
GLU CG   C N N 113 
GLU CD   C N N 114 
GLU OE1  O N N 115 
GLU OE2  O N N 116 
GLU OXT  O N N 117 
GLU H    H N N 118 
GLU H2   H N N 119 
GLU HA   H N N 120 
GLU HB2  H N N 121 
GLU HB3  H N N 122 
GLU HG2  H N N 123 
GLU HG3  H N N 124 
GLU HE2  H N N 125 
GLU HXT  H N N 126 
GLY N    N N N 127 
GLY CA   C N N 128 
GLY C    C N N 129 
GLY O    O N N 130 
GLY OXT  O N N 131 
GLY H    H N N 132 
GLY H2   H N N 133 
GLY HA2  H N N 134 
GLY HA3  H N N 135 
GLY HXT  H N N 136 
HIS N    N N N 137 
HIS CA   C N S 138 
HIS C    C N N 139 
HIS O    O N N 140 
HIS CB   C N N 141 
HIS CG   C Y N 142 
HIS ND1  N Y N 143 
HIS CD2  C Y N 144 
HIS CE1  C Y N 145 
HIS NE2  N Y N 146 
HIS OXT  O N N 147 
HIS H    H N N 148 
HIS H2   H N N 149 
HIS HA   H N N 150 
HIS HB2  H N N 151 
HIS HB3  H N N 152 
HIS HD1  H N N 153 
HIS HD2  H N N 154 
HIS HE1  H N N 155 
HIS HE2  H N N 156 
HIS HXT  H N N 157 
HOH O    O N N 158 
HOH H1   H N N 159 
HOH H2   H N N 160 
ILE N    N N N 161 
ILE CA   C N S 162 
ILE C    C N N 163 
ILE O    O N N 164 
ILE CB   C N S 165 
ILE CG1  C N N 166 
ILE CG2  C N N 167 
ILE CD1  C N N 168 
ILE OXT  O N N 169 
ILE H    H N N 170 
ILE H2   H N N 171 
ILE HA   H N N 172 
ILE HB   H N N 173 
ILE HG12 H N N 174 
ILE HG13 H N N 175 
ILE HG21 H N N 176 
ILE HG22 H N N 177 
ILE HG23 H N N 178 
ILE HD11 H N N 179 
ILE HD12 H N N 180 
ILE HD13 H N N 181 
ILE HXT  H N N 182 
LEU N    N N N 183 
LEU CA   C N S 184 
LEU C    C N N 185 
LEU O    O N N 186 
LEU CB   C N N 187 
LEU CG   C N N 188 
LEU CD1  C N N 189 
LEU CD2  C N N 190 
LEU OXT  O N N 191 
LEU H    H N N 192 
LEU H2   H N N 193 
LEU HA   H N N 194 
LEU HB2  H N N 195 
LEU HB3  H N N 196 
LEU HG   H N N 197 
LEU HD11 H N N 198 
LEU HD12 H N N 199 
LEU HD13 H N N 200 
LEU HD21 H N N 201 
LEU HD22 H N N 202 
LEU HD23 H N N 203 
LEU HXT  H N N 204 
LYS N    N N N 205 
LYS CA   C N S 206 
LYS C    C N N 207 
LYS O    O N N 208 
LYS CB   C N N 209 
LYS CG   C N N 210 
LYS CD   C N N 211 
LYS CE   C N N 212 
LYS NZ   N N N 213 
LYS OXT  O N N 214 
LYS H    H N N 215 
LYS H2   H N N 216 
LYS HA   H N N 217 
LYS HB2  H N N 218 
LYS HB3  H N N 219 
LYS HG2  H N N 220 
LYS HG3  H N N 221 
LYS HD2  H N N 222 
LYS HD3  H N N 223 
LYS HE2  H N N 224 
LYS HE3  H N N 225 
LYS HZ1  H N N 226 
LYS HZ2  H N N 227 
LYS HZ3  H N N 228 
LYS HXT  H N N 229 
MET N    N N N 230 
MET CA   C N S 231 
MET C    C N N 232 
MET O    O N N 233 
MET CB   C N N 234 
MET CG   C N N 235 
MET SD   S N N 236 
MET CE   C N N 237 
MET OXT  O N N 238 
MET H    H N N 239 
MET H2   H N N 240 
MET HA   H N N 241 
MET HB2  H N N 242 
MET HB3  H N N 243 
MET HG2  H N N 244 
MET HG3  H N N 245 
MET HE1  H N N 246 
MET HE2  H N N 247 
MET HE3  H N N 248 
MET HXT  H N N 249 
PHE N    N N N 250 
PHE CA   C N S 251 
PHE C    C N N 252 
PHE O    O N N 253 
PHE CB   C N N 254 
PHE CG   C Y N 255 
PHE CD1  C Y N 256 
PHE CD2  C Y N 257 
PHE CE1  C Y N 258 
PHE CE2  C Y N 259 
PHE CZ   C Y N 260 
PHE OXT  O N N 261 
PHE H    H N N 262 
PHE H2   H N N 263 
PHE HA   H N N 264 
PHE HB2  H N N 265 
PHE HB3  H N N 266 
PHE HD1  H N N 267 
PHE HD2  H N N 268 
PHE HE1  H N N 269 
PHE HE2  H N N 270 
PHE HZ   H N N 271 
PHE HXT  H N N 272 
PRO N    N N N 273 
PRO CA   C N S 274 
PRO C    C N N 275 
PRO O    O N N 276 
PRO CB   C N N 277 
PRO CG   C N N 278 
PRO CD   C N N 279 
PRO OXT  O N N 280 
PRO H    H N N 281 
PRO HA   H N N 282 
PRO HB2  H N N 283 
PRO HB3  H N N 284 
PRO HG2  H N N 285 
PRO HG3  H N N 286 
PRO HD2  H N N 287 
PRO HD3  H N N 288 
PRO HXT  H N N 289 
SER N    N N N 290 
SER CA   C N S 291 
SER C    C N N 292 
SER O    O N N 293 
SER CB   C N N 294 
SER OG   O N N 295 
SER OXT  O N N 296 
SER H    H N N 297 
SER H2   H N N 298 
SER HA   H N N 299 
SER HB2  H N N 300 
SER HB3  H N N 301 
SER HG   H N N 302 
SER HXT  H N N 303 
THR N    N N N 304 
THR CA   C N S 305 
THR C    C N N 306 
THR O    O N N 307 
THR CB   C N R 308 
THR OG1  O N N 309 
THR CG2  C N N 310 
THR OXT  O N N 311 
THR H    H N N 312 
THR H2   H N N 313 
THR HA   H N N 314 
THR HB   H N N 315 
THR HG1  H N N 316 
THR HG21 H N N 317 
THR HG22 H N N 318 
THR HG23 H N N 319 
THR HXT  H N N 320 
TRP N    N N N 321 
TRP CA   C N S 322 
TRP C    C N N 323 
TRP O    O N N 324 
TRP CB   C N N 325 
TRP CG   C Y N 326 
TRP CD1  C Y N 327 
TRP CD2  C Y N 328 
TRP NE1  N Y N 329 
TRP CE2  C Y N 330 
TRP CE3  C Y N 331 
TRP CZ2  C Y N 332 
TRP CZ3  C Y N 333 
TRP CH2  C Y N 334 
TRP OXT  O N N 335 
TRP H    H N N 336 
TRP H2   H N N 337 
TRP HA   H N N 338 
TRP HB2  H N N 339 
TRP HB3  H N N 340 
TRP HD1  H N N 341 
TRP HE1  H N N 342 
TRP HE3  H N N 343 
TRP HZ2  H N N 344 
TRP HZ3  H N N 345 
TRP HH2  H N N 346 
TRP HXT  H N N 347 
TYR N    N N N 348 
TYR CA   C N S 349 
TYR C    C N N 350 
TYR O    O N N 351 
TYR CB   C N N 352 
TYR CG   C Y N 353 
TYR CD1  C Y N 354 
TYR CD2  C Y N 355 
TYR CE1  C Y N 356 
TYR CE2  C Y N 357 
TYR CZ   C Y N 358 
TYR OH   O N N 359 
TYR OXT  O N N 360 
TYR H    H N N 361 
TYR H2   H N N 362 
TYR HA   H N N 363 
TYR HB2  H N N 364 
TYR HB3  H N N 365 
TYR HD1  H N N 366 
TYR HD2  H N N 367 
TYR HE1  H N N 368 
TYR HE2  H N N 369 
TYR HH   H N N 370 
TYR HXT  H N N 371 
VAL N    N N N 372 
VAL CA   C N S 373 
VAL C    C N N 374 
VAL O    O N N 375 
VAL CB   C N N 376 
VAL CG1  C N N 377 
VAL CG2  C N N 378 
VAL OXT  O N N 379 
VAL H    H N N 380 
VAL H2   H N N 381 
VAL HA   H N N 382 
VAL HB   H N N 383 
VAL HG11 H N N 384 
VAL HG12 H N N 385 
VAL HG13 H N N 386 
VAL HG21 H N N 387 
VAL HG22 H N N 388 
VAL HG23 H N N 389 
VAL HXT  H N N 390 
# 
loop_
_chem_comp_bond.comp_id 
_chem_comp_bond.atom_id_1 
_chem_comp_bond.atom_id_2 
_chem_comp_bond.value_order 
_chem_comp_bond.pdbx_aromatic_flag 
_chem_comp_bond.pdbx_stereo_config 
_chem_comp_bond.pdbx_ordinal 
ALA N   CA   sing N N 1   
ALA N   H    sing N N 2   
ALA N   H2   sing N N 3   
ALA CA  C    sing N N 4   
ALA CA  CB   sing N N 5   
ALA CA  HA   sing N N 6   
ALA C   O    doub N N 7   
ALA C   OXT  sing N N 8   
ALA CB  HB1  sing N N 9   
ALA CB  HB2  sing N N 10  
ALA CB  HB3  sing N N 11  
ALA OXT HXT  sing N N 12  
ARG N   CA   sing N N 13  
ARG N   H    sing N N 14  
ARG N   H2   sing N N 15  
ARG CA  C    sing N N 16  
ARG CA  CB   sing N N 17  
ARG CA  HA   sing N N 18  
ARG C   O    doub N N 19  
ARG C   OXT  sing N N 20  
ARG CB  CG   sing N N 21  
ARG CB  HB2  sing N N 22  
ARG CB  HB3  sing N N 23  
ARG CG  CD   sing N N 24  
ARG CG  HG2  sing N N 25  
ARG CG  HG3  sing N N 26  
ARG CD  NE   sing N N 27  
ARG CD  HD2  sing N N 28  
ARG CD  HD3  sing N N 29  
ARG NE  CZ   sing N N 30  
ARG NE  HE   sing N N 31  
ARG CZ  NH1  sing N N 32  
ARG CZ  NH2  doub N N 33  
ARG NH1 HH11 sing N N 34  
ARG NH1 HH12 sing N N 35  
ARG NH2 HH21 sing N N 36  
ARG NH2 HH22 sing N N 37  
ARG OXT HXT  sing N N 38  
ASN N   CA   sing N N 39  
ASN N   H    sing N N 40  
ASN N   H2   sing N N 41  
ASN CA  C    sing N N 42  
ASN CA  CB   sing N N 43  
ASN CA  HA   sing N N 44  
ASN C   O    doub N N 45  
ASN C   OXT  sing N N 46  
ASN CB  CG   sing N N 47  
ASN CB  HB2  sing N N 48  
ASN CB  HB3  sing N N 49  
ASN CG  OD1  doub N N 50  
ASN CG  ND2  sing N N 51  
ASN ND2 HD21 sing N N 52  
ASN ND2 HD22 sing N N 53  
ASN OXT HXT  sing N N 54  
ASP N   CA   sing N N 55  
ASP N   H    sing N N 56  
ASP N   H2   sing N N 57  
ASP CA  C    sing N N 58  
ASP CA  CB   sing N N 59  
ASP CA  HA   sing N N 60  
ASP C   O    doub N N 61  
ASP C   OXT  sing N N 62  
ASP CB  CG   sing N N 63  
ASP CB  HB2  sing N N 64  
ASP CB  HB3  sing N N 65  
ASP CG  OD1  doub N N 66  
ASP CG  OD2  sing N N 67  
ASP OD2 HD2  sing N N 68  
ASP OXT HXT  sing N N 69  
CYS N   CA   sing N N 70  
CYS N   H    sing N N 71  
CYS N   H2   sing N N 72  
CYS CA  C    sing N N 73  
CYS CA  CB   sing N N 74  
CYS CA  HA   sing N N 75  
CYS C   O    doub N N 76  
CYS C   OXT  sing N N 77  
CYS CB  SG   sing N N 78  
CYS CB  HB2  sing N N 79  
CYS CB  HB3  sing N N 80  
CYS SG  HG   sing N N 81  
CYS OXT HXT  sing N N 82  
GLN N   CA   sing N N 83  
GLN N   H    sing N N 84  
GLN N   H2   sing N N 85  
GLN CA  C    sing N N 86  
GLN CA  CB   sing N N 87  
GLN CA  HA   sing N N 88  
GLN C   O    doub N N 89  
GLN C   OXT  sing N N 90  
GLN CB  CG   sing N N 91  
GLN CB  HB2  sing N N 92  
GLN CB  HB3  sing N N 93  
GLN CG  CD   sing N N 94  
GLN CG  HG2  sing N N 95  
GLN CG  HG3  sing N N 96  
GLN CD  OE1  doub N N 97  
GLN CD  NE2  sing N N 98  
GLN NE2 HE21 sing N N 99  
GLN NE2 HE22 sing N N 100 
GLN OXT HXT  sing N N 101 
GLU N   CA   sing N N 102 
GLU N   H    sing N N 103 
GLU N   H2   sing N N 104 
GLU CA  C    sing N N 105 
GLU CA  CB   sing N N 106 
GLU CA  HA   sing N N 107 
GLU C   O    doub N N 108 
GLU C   OXT  sing N N 109 
GLU CB  CG   sing N N 110 
GLU CB  HB2  sing N N 111 
GLU CB  HB3  sing N N 112 
GLU CG  CD   sing N N 113 
GLU CG  HG2  sing N N 114 
GLU CG  HG3  sing N N 115 
GLU CD  OE1  doub N N 116 
GLU CD  OE2  sing N N 117 
GLU OE2 HE2  sing N N 118 
GLU OXT HXT  sing N N 119 
GLY N   CA   sing N N 120 
GLY N   H    sing N N 121 
GLY N   H2   sing N N 122 
GLY CA  C    sing N N 123 
GLY CA  HA2  sing N N 124 
GLY CA  HA3  sing N N 125 
GLY C   O    doub N N 126 
GLY C   OXT  sing N N 127 
GLY OXT HXT  sing N N 128 
HIS N   CA   sing N N 129 
HIS N   H    sing N N 130 
HIS N   H2   sing N N 131 
HIS CA  C    sing N N 132 
HIS CA  CB   sing N N 133 
HIS CA  HA   sing N N 134 
HIS C   O    doub N N 135 
HIS C   OXT  sing N N 136 
HIS CB  CG   sing N N 137 
HIS CB  HB2  sing N N 138 
HIS CB  HB3  sing N N 139 
HIS CG  ND1  sing Y N 140 
HIS CG  CD2  doub Y N 141 
HIS ND1 CE1  doub Y N 142 
HIS ND1 HD1  sing N N 143 
HIS CD2 NE2  sing Y N 144 
HIS CD2 HD2  sing N N 145 
HIS CE1 NE2  sing Y N 146 
HIS CE1 HE1  sing N N 147 
HIS NE2 HE2  sing N N 148 
HIS OXT HXT  sing N N 149 
HOH O   H1   sing N N 150 
HOH O   H2   sing N N 151 
ILE N   CA   sing N N 152 
ILE N   H    sing N N 153 
ILE N   H2   sing N N 154 
ILE CA  C    sing N N 155 
ILE CA  CB   sing N N 156 
ILE CA  HA   sing N N 157 
ILE C   O    doub N N 158 
ILE C   OXT  sing N N 159 
ILE CB  CG1  sing N N 160 
ILE CB  CG2  sing N N 161 
ILE CB  HB   sing N N 162 
ILE CG1 CD1  sing N N 163 
ILE CG1 HG12 sing N N 164 
ILE CG1 HG13 sing N N 165 
ILE CG2 HG21 sing N N 166 
ILE CG2 HG22 sing N N 167 
ILE CG2 HG23 sing N N 168 
ILE CD1 HD11 sing N N 169 
ILE CD1 HD12 sing N N 170 
ILE CD1 HD13 sing N N 171 
ILE OXT HXT  sing N N 172 
LEU N   CA   sing N N 173 
LEU N   H    sing N N 174 
LEU N   H2   sing N N 175 
LEU CA  C    sing N N 176 
LEU CA  CB   sing N N 177 
LEU CA  HA   sing N N 178 
LEU C   O    doub N N 179 
LEU C   OXT  sing N N 180 
LEU CB  CG   sing N N 181 
LEU CB  HB2  sing N N 182 
LEU CB  HB3  sing N N 183 
LEU CG  CD1  sing N N 184 
LEU CG  CD2  sing N N 185 
LEU CG  HG   sing N N 186 
LEU CD1 HD11 sing N N 187 
LEU CD1 HD12 sing N N 188 
LEU CD1 HD13 sing N N 189 
LEU CD2 HD21 sing N N 190 
LEU CD2 HD22 sing N N 191 
LEU CD2 HD23 sing N N 192 
LEU OXT HXT  sing N N 193 
LYS N   CA   sing N N 194 
LYS N   H    sing N N 195 
LYS N   H2   sing N N 196 
LYS CA  C    sing N N 197 
LYS CA  CB   sing N N 198 
LYS CA  HA   sing N N 199 
LYS C   O    doub N N 200 
LYS C   OXT  sing N N 201 
LYS CB  CG   sing N N 202 
LYS CB  HB2  sing N N 203 
LYS CB  HB3  sing N N 204 
LYS CG  CD   sing N N 205 
LYS CG  HG2  sing N N 206 
LYS CG  HG3  sing N N 207 
LYS CD  CE   sing N N 208 
LYS CD  HD2  sing N N 209 
LYS CD  HD3  sing N N 210 
LYS CE  NZ   sing N N 211 
LYS CE  HE2  sing N N 212 
LYS CE  HE3  sing N N 213 
LYS NZ  HZ1  sing N N 214 
LYS NZ  HZ2  sing N N 215 
LYS NZ  HZ3  sing N N 216 
LYS OXT HXT  sing N N 217 
MET N   CA   sing N N 218 
MET N   H    sing N N 219 
MET N   H2   sing N N 220 
MET CA  C    sing N N 221 
MET CA  CB   sing N N 222 
MET CA  HA   sing N N 223 
MET C   O    doub N N 224 
MET C   OXT  sing N N 225 
MET CB  CG   sing N N 226 
MET CB  HB2  sing N N 227 
MET CB  HB3  sing N N 228 
MET CG  SD   sing N N 229 
MET CG  HG2  sing N N 230 
MET CG  HG3  sing N N 231 
MET SD  CE   sing N N 232 
MET CE  HE1  sing N N 233 
MET CE  HE2  sing N N 234 
MET CE  HE3  sing N N 235 
MET OXT HXT  sing N N 236 
PHE N   CA   sing N N 237 
PHE N   H    sing N N 238 
PHE N   H2   sing N N 239 
PHE CA  C    sing N N 240 
PHE CA  CB   sing N N 241 
PHE CA  HA   sing N N 242 
PHE C   O    doub N N 243 
PHE C   OXT  sing N N 244 
PHE CB  CG   sing N N 245 
PHE CB  HB2  sing N N 246 
PHE CB  HB3  sing N N 247 
PHE CG  CD1  doub Y N 248 
PHE CG  CD2  sing Y N 249 
PHE CD1 CE1  sing Y N 250 
PHE CD1 HD1  sing N N 251 
PHE CD2 CE2  doub Y N 252 
PHE CD2 HD2  sing N N 253 
PHE CE1 CZ   doub Y N 254 
PHE CE1 HE1  sing N N 255 
PHE CE2 CZ   sing Y N 256 
PHE CE2 HE2  sing N N 257 
PHE CZ  HZ   sing N N 258 
PHE OXT HXT  sing N N 259 
PRO N   CA   sing N N 260 
PRO N   CD   sing N N 261 
PRO N   H    sing N N 262 
PRO CA  C    sing N N 263 
PRO CA  CB   sing N N 264 
PRO CA  HA   sing N N 265 
PRO C   O    doub N N 266 
PRO C   OXT  sing N N 267 
PRO CB  CG   sing N N 268 
PRO CB  HB2  sing N N 269 
PRO CB  HB3  sing N N 270 
PRO CG  CD   sing N N 271 
PRO CG  HG2  sing N N 272 
PRO CG  HG3  sing N N 273 
PRO CD  HD2  sing N N 274 
PRO CD  HD3  sing N N 275 
PRO OXT HXT  sing N N 276 
SER N   CA   sing N N 277 
SER N   H    sing N N 278 
SER N   H2   sing N N 279 
SER CA  C    sing N N 280 
SER CA  CB   sing N N 281 
SER CA  HA   sing N N 282 
SER C   O    doub N N 283 
SER C   OXT  sing N N 284 
SER CB  OG   sing N N 285 
SER CB  HB2  sing N N 286 
SER CB  HB3  sing N N 287 
SER OG  HG   sing N N 288 
SER OXT HXT  sing N N 289 
THR N   CA   sing N N 290 
THR N   H    sing N N 291 
THR N   H2   sing N N 292 
THR CA  C    sing N N 293 
THR CA  CB   sing N N 294 
THR CA  HA   sing N N 295 
THR C   O    doub N N 296 
THR C   OXT  sing N N 297 
THR CB  OG1  sing N N 298 
THR CB  CG2  sing N N 299 
THR CB  HB   sing N N 300 
THR OG1 HG1  sing N N 301 
THR CG2 HG21 sing N N 302 
THR CG2 HG22 sing N N 303 
THR CG2 HG23 sing N N 304 
THR OXT HXT  sing N N 305 
TRP N   CA   sing N N 306 
TRP N   H    sing N N 307 
TRP N   H2   sing N N 308 
TRP CA  C    sing N N 309 
TRP CA  CB   sing N N 310 
TRP CA  HA   sing N N 311 
TRP C   O    doub N N 312 
TRP C   OXT  sing N N 313 
TRP CB  CG   sing N N 314 
TRP CB  HB2  sing N N 315 
TRP CB  HB3  sing N N 316 
TRP CG  CD1  doub Y N 317 
TRP CG  CD2  sing Y N 318 
TRP CD1 NE1  sing Y N 319 
TRP CD1 HD1  sing N N 320 
TRP CD2 CE2  doub Y N 321 
TRP CD2 CE3  sing Y N 322 
TRP NE1 CE2  sing Y N 323 
TRP NE1 HE1  sing N N 324 
TRP CE2 CZ2  sing Y N 325 
TRP CE3 CZ3  doub Y N 326 
TRP CE3 HE3  sing N N 327 
TRP CZ2 CH2  doub Y N 328 
TRP CZ2 HZ2  sing N N 329 
TRP CZ3 CH2  sing Y N 330 
TRP CZ3 HZ3  sing N N 331 
TRP CH2 HH2  sing N N 332 
TRP OXT HXT  sing N N 333 
TYR N   CA   sing N N 334 
TYR N   H    sing N N 335 
TYR N   H2   sing N N 336 
TYR CA  C    sing N N 337 
TYR CA  CB   sing N N 338 
TYR CA  HA   sing N N 339 
TYR C   O    doub N N 340 
TYR C   OXT  sing N N 341 
TYR CB  CG   sing N N 342 
TYR CB  HB2  sing N N 343 
TYR CB  HB3  sing N N 344 
TYR CG  CD1  doub Y N 345 
TYR CG  CD2  sing Y N 346 
TYR CD1 CE1  sing Y N 347 
TYR CD1 HD1  sing N N 348 
TYR CD2 CE2  doub Y N 349 
TYR CD2 HD2  sing N N 350 
TYR CE1 CZ   doub Y N 351 
TYR CE1 HE1  sing N N 352 
TYR CE2 CZ   sing Y N 353 
TYR CE2 HE2  sing N N 354 
TYR CZ  OH   sing N N 355 
TYR OH  HH   sing N N 356 
TYR OXT HXT  sing N N 357 
VAL N   CA   sing N N 358 
VAL N   H    sing N N 359 
VAL N   H2   sing N N 360 
VAL CA  C    sing N N 361 
VAL CA  CB   sing N N 362 
VAL CA  HA   sing N N 363 
VAL C   O    doub N N 364 
VAL C   OXT  sing N N 365 
VAL CB  CG1  sing N N 366 
VAL CB  CG2  sing N N 367 
VAL CB  HB   sing N N 368 
VAL CG1 HG11 sing N N 369 
VAL CG1 HG12 sing N N 370 
VAL CG1 HG13 sing N N 371 
VAL CG2 HG21 sing N N 372 
VAL CG2 HG22 sing N N 373 
VAL CG2 HG23 sing N N 374 
VAL OXT HXT  sing N N 375 
# 
_atom_sites.entry_id                    1FP5 
_atom_sites.fract_transf_matrix[1][1]   -0.00720307 
_atom_sites.fract_transf_matrix[1][2]   0.00006124 
_atom_sites.fract_transf_matrix[1][3]   0.00614760 
_atom_sites.fract_transf_matrix[2][1]   0.00590411 
_atom_sites.fract_transf_matrix[2][2]   0.00270912 
_atom_sites.fract_transf_matrix[2][3]   0.00689079 
_atom_sites.fract_transf_matrix[3][1]   -0.00384290 
_atom_sites.fract_transf_matrix[3][2]   0.02034324 
_atom_sites.fract_transf_matrix[3][3]   -0.00470533 
_atom_sites.fract_transf_vector[1]      0.242827 
_atom_sites.fract_transf_vector[2]      0.672218 
_atom_sites.fract_transf_vector[3]      0.261979 
# 
loop_
_atom_type.symbol 
C 
N 
O 
S 
# 
loop_
_atom_site.group_PDB 
_atom_site.id 
_atom_site.type_symbol 
_atom_site.label_atom_id 
_atom_site.label_alt_id 
_atom_site.label_comp_id 
_atom_site.label_asym_id 
_atom_site.label_entity_id 
_atom_site.label_seq_id 
_atom_site.pdbx_PDB_ins_code 
_atom_site.Cartn_x 
_atom_site.Cartn_y 
_atom_site.Cartn_z 
_atom_site.occupancy 
_atom_site.B_iso_or_equiv 
_atom_site.pdbx_formal_charge 
_atom_site.auth_seq_id 
_atom_site.auth_comp_id 
_atom_site.auth_asym_id 
_atom_site.auth_atom_id 
_atom_site.pdbx_PDB_model_num 
ATOM   1    N N   . VAL A 1 11  ? -21.843 3.155   5.978   1.00 58.93  ? 336 VAL A N   1 
ATOM   2    C CA  . VAL A 1 11  ? -21.589 1.963   5.121   1.00 60.44  ? 336 VAL A CA  1 
ATOM   3    C C   . VAL A 1 11  ? -20.866 2.331   3.828   1.00 60.07  ? 336 VAL A C   1 
ATOM   4    O O   . VAL A 1 11  ? -21.503 2.647   2.823   1.00 61.48  ? 336 VAL A O   1 
ATOM   5    C CB  . VAL A 1 11  ? -22.906 1.267   4.749   1.00 60.81  ? 336 VAL A CB  1 
ATOM   6    C CG1 . VAL A 1 11  ? -22.618 -0.041  4.034   1.00 61.71  ? 336 VAL A CG1 1 
ATOM   7    C CG2 . VAL A 1 11  ? -23.733 1.038   5.992   1.00 64.73  ? 336 VAL A CG2 1 
ATOM   8    N N   . SER A 1 12  ? -19.538 2.282   3.850   1.00 57.95  ? 337 SER A N   1 
ATOM   9    C CA  . SER A 1 12  ? -18.753 2.615   2.669   1.00 56.60  ? 337 SER A CA  1 
ATOM   10   C C   . SER A 1 12  ? -17.889 1.446   2.195   1.00 55.17  ? 337 SER A C   1 
ATOM   11   O O   . SER A 1 12  ? -17.650 0.491   2.944   1.00 54.55  ? 337 SER A O   1 
ATOM   12   C CB  . SER A 1 12  ? -17.885 3.840   2.949   1.00 57.92  ? 337 SER A CB  1 
ATOM   13   O OG  . SER A 1 12  ? -17.226 3.714   4.191   1.00 64.70  ? 337 SER A OG  1 
ATOM   14   N N   . ALA A 1 13  ? -17.435 1.521   0.946   1.00 52.40  ? 338 ALA A N   1 
ATOM   15   C CA  . ALA A 1 13  ? -16.626 0.461   0.357   1.00 50.69  ? 338 ALA A CA  1 
ATOM   16   C C   . ALA A 1 13  ? -15.457 0.995   -0.456  1.00 50.25  ? 338 ALA A C   1 
ATOM   17   O O   . ALA A 1 13  ? -15.559 2.038   -1.106  1.00 51.17  ? 338 ALA A O   1 
ATOM   18   C CB  . ALA A 1 13  ? -17.499 -0.429  -0.520  1.00 50.21  ? 338 ALA A CB  1 
ATOM   19   N N   . TYR A 1 14  ? -14.346 0.265   -0.423  1.00 48.22  ? 339 TYR A N   1 
ATOM   20   C CA  . TYR A 1 14  ? -13.147 0.659   -1.150  1.00 46.82  ? 339 TYR A CA  1 
ATOM   21   C C   . TYR A 1 14  ? -12.475 -0.579  -1.751  1.00 44.51  ? 339 TYR A C   1 
ATOM   22   O O   . TYR A 1 14  ? -12.479 -1.656  -1.156  1.00 42.27  ? 339 TYR A O   1 
ATOM   23   C CB  . TYR A 1 14  ? -12.166 1.384   -0.215  1.00 50.52  ? 339 TYR A CB  1 
ATOM   24   C CG  . TYR A 1 14  ? -12.816 2.392   0.714   1.00 58.40  ? 339 TYR A CG  1 
ATOM   25   C CD1 . TYR A 1 14  ? -13.538 1.974   1.837   1.00 61.23  ? 339 TYR A CD1 1 
ATOM   26   C CD2 . TYR A 1 14  ? -12.733 3.766   0.458   1.00 60.99  ? 339 TYR A CD2 1 
ATOM   27   C CE1 . TYR A 1 14  ? -14.166 2.892   2.679   1.00 62.71  ? 339 TYR A CE1 1 
ATOM   28   C CE2 . TYR A 1 14  ? -13.358 4.695   1.297   1.00 63.53  ? 339 TYR A CE2 1 
ATOM   29   C CZ  . TYR A 1 14  ? -14.072 4.251   2.404   1.00 64.33  ? 339 TYR A CZ  1 
ATOM   30   O OH  . TYR A 1 14  ? -14.701 5.161   3.229   1.00 65.07  ? 339 TYR A OH  1 
ATOM   31   N N   . LEU A 1 15  ? -11.918 -0.421  -2.944  1.00 41.90  ? 340 LEU A N   1 
ATOM   32   C CA  . LEU A 1 15  ? -11.243 -1.513  -3.624  1.00 41.06  ? 340 LEU A CA  1 
ATOM   33   C C   . LEU A 1 15  ? -9.870  -0.966  -3.962  1.00 41.10  ? 340 LEU A C   1 
ATOM   34   O O   . LEU A 1 15  ? -9.762  0.122   -4.516  1.00 43.45  ? 340 LEU A O   1 
ATOM   35   C CB  . LEU A 1 15  ? -12.007 -1.898  -4.897  1.00 36.93  ? 340 LEU A CB  1 
ATOM   36   C CG  . LEU A 1 15  ? -11.519 -3.115  -5.691  1.00 35.91  ? 340 LEU A CG  1 
ATOM   37   C CD1 . LEU A 1 15  ? -11.473 -4.346  -4.793  1.00 34.60  ? 340 LEU A CD1 1 
ATOM   38   C CD2 . LEU A 1 15  ? -12.444 -3.350  -6.876  1.00 35.51  ? 340 LEU A CD2 1 
ATOM   39   N N   . SER A 1 16  ? -8.818  -1.700  -3.617  1.00 39.82  ? 341 SER A N   1 
ATOM   40   C CA  . SER A 1 16  ? -7.467  -1.218  -3.887  1.00 39.85  ? 341 SER A CA  1 
ATOM   41   C C   . SER A 1 16  ? -6.737  -2.110  -4.859  1.00 37.88  ? 341 SER A C   1 
ATOM   42   O O   . SER A 1 16  ? -7.003  -3.297  -4.945  1.00 42.10  ? 341 SER A O   1 
ATOM   43   C CB  . SER A 1 16  ? -6.664  -1.124  -2.585  1.00 39.34  ? 341 SER A CB  1 
ATOM   44   O OG  . SER A 1 16  ? -6.558  -2.387  -1.952  1.00 44.58  ? 341 SER A OG  1 
ATOM   45   N N   . ARG A 1 17  ? -5.796  -1.532  -5.585  1.00 36.98  ? 342 ARG A N   1 
ATOM   46   C CA  . ARG A 1 17  ? -5.015  -2.278  -6.554  1.00 35.20  ? 342 ARG A CA  1 
ATOM   47   C C   . ARG A 1 17  ? -3.946  -3.077  -5.808  1.00 33.18  ? 342 ARG A C   1 
ATOM   48   O O   . ARG A 1 17  ? -3.779  -2.914  -4.605  1.00 33.16  ? 342 ARG A O   1 
ATOM   49   C CB  . ARG A 1 17  ? -4.382  -1.292  -7.543  1.00 38.57  ? 342 ARG A CB  1 
ATOM   50   C CG  . ARG A 1 17  ? -5.408  -0.504  -8.366  1.00 39.10  ? 342 ARG A CG  1 
ATOM   51   C CD  . ARG A 1 17  ? -4.744  0.464   -9.338  1.00 43.21  ? 342 ARG A CD  1 
ATOM   52   N NE  . ARG A 1 17  ? -4.194  1.624   -8.644  1.00 45.40  ? 342 ARG A NE  1 
ATOM   53   C CZ  . ARG A 1 17  ? -4.920  2.639   -8.187  1.00 48.22  ? 342 ARG A CZ  1 
ATOM   54   N NH1 . ARG A 1 17  ? -6.234  2.652   -8.354  1.00 52.78  ? 342 ARG A NH1 1 
ATOM   55   N NH2 . ARG A 1 17  ? -4.332  3.641   -7.550  1.00 54.34  ? 342 ARG A NH2 1 
ATOM   56   N N   . PRO A 1 18  ? -3.219  -3.959  -6.503  1.00 33.03  ? 343 PRO A N   1 
ATOM   57   C CA  . PRO A 1 18  ? -2.181  -4.739  -5.811  1.00 34.14  ? 343 PRO A CA  1 
ATOM   58   C C   . PRO A 1 18  ? -1.022  -3.841  -5.372  1.00 34.06  ? 343 PRO A C   1 
ATOM   59   O O   . PRO A 1 18  ? -0.755  -2.818  -6.001  1.00 35.44  ? 343 PRO A O   1 
ATOM   60   C CB  . PRO A 1 18  ? -1.718  -5.747  -6.875  1.00 33.07  ? 343 PRO A CB  1 
ATOM   61   C CG  . PRO A 1 18  ? -2.882  -5.819  -7.850  1.00 35.06  ? 343 PRO A CG  1 
ATOM   62   C CD  . PRO A 1 18  ? -3.352  -4.383  -7.909  1.00 33.27  ? 343 PRO A CD  1 
ATOM   63   N N   . SER A 1 19  ? -0.336  -4.203  -4.298  1.00 32.17  ? 344 SER A N   1 
ATOM   64   C CA  . SER A 1 19  ? 0.805   -3.403  -3.877  1.00 31.75  ? 344 SER A CA  1 
ATOM   65   C C   . SER A 1 19  ? 1.950   -3.796  -4.806  1.00 32.07  ? 344 SER A C   1 
ATOM   66   O O   . SER A 1 19  ? 2.100   -4.967  -5.164  1.00 30.21  ? 344 SER A O   1 
ATOM   67   C CB  . SER A 1 19  ? 1.188   -3.697  -2.419  1.00 32.20  ? 344 SER A CB  1 
ATOM   68   O OG  . SER A 1 19  ? 1.919   -4.905  -2.287  1.00 32.50  ? 344 SER A OG  1 
ATOM   69   N N   . PRO A 1 20  ? 2.758   -2.818  -5.235  1.00 32.31  ? 345 PRO A N   1 
ATOM   70   C CA  . PRO A 1 20  ? 3.871   -3.153  -6.124  1.00 30.84  ? 345 PRO A CA  1 
ATOM   71   C C   . PRO A 1 20  ? 4.776   -4.253  -5.546  1.00 29.64  ? 345 PRO A C   1 
ATOM   72   O O   . PRO A 1 20  ? 5.293   -5.095  -6.280  1.00 30.14  ? 345 PRO A O   1 
ATOM   73   C CB  . PRO A 1 20  ? 4.583   -1.807  -6.299  1.00 30.96  ? 345 PRO A CB  1 
ATOM   74   C CG  . PRO A 1 20  ? 3.430   -0.842  -6.295  1.00 33.18  ? 345 PRO A CG  1 
ATOM   75   C CD  . PRO A 1 20  ? 2.571   -1.357  -5.142  1.00 33.65  ? 345 PRO A CD  1 
ATOM   76   N N   . PHE A 1 21  ? 4.949   -4.268  -4.232  1.00 28.34  ? 346 PHE A N   1 
ATOM   77   C CA  . PHE A 1 21  ? 5.796   -5.281  -3.628  1.00 31.46  ? 346 PHE A CA  1 
ATOM   78   C C   . PHE A 1 21  ? 5.254   -6.697  -3.878  1.00 32.46  ? 346 PHE A C   1 
ATOM   79   O O   . PHE A 1 21  ? 6.006   -7.604  -4.244  1.00 32.59  ? 346 PHE A O   1 
ATOM   80   C CB  . PHE A 1 21  ? 5.943   -5.028  -2.123  1.00 32.72  ? 346 PHE A CB  1 
ATOM   81   C CG  . PHE A 1 21  ? 6.681   -6.117  -1.398  1.00 36.34  ? 346 PHE A CG  1 
ATOM   82   C CD1 . PHE A 1 21  ? 8.028   -6.343  -1.640  1.00 40.58  ? 346 PHE A CD1 1 
ATOM   83   C CD2 . PHE A 1 21  ? 6.026   -6.923  -0.480  1.00 36.76  ? 346 PHE A CD2 1 
ATOM   84   C CE1 . PHE A 1 21  ? 8.717   -7.351  -0.971  1.00 38.98  ? 346 PHE A CE1 1 
ATOM   85   C CE2 . PHE A 1 21  ? 6.707   -7.932  0.194   1.00 40.15  ? 346 PHE A CE2 1 
ATOM   86   C CZ  . PHE A 1 21  ? 8.057   -8.148  -0.054  1.00 38.60  ? 346 PHE A CZ  1 
ATOM   87   N N   . ASP A 1 22  ? 3.948   -6.879  -3.684  1.00 32.92  ? 347 ASP A N   1 
ATOM   88   C CA  . ASP A 1 22  ? 3.319   -8.181  -3.898  1.00 33.58  ? 347 ASP A CA  1 
ATOM   89   C C   . ASP A 1 22  ? 3.338   -8.552  -5.380  1.00 34.26  ? 347 ASP A C   1 
ATOM   90   O O   . ASP A 1 22  ? 3.501   -9.718  -5.737  1.00 32.29  ? 347 ASP A O   1 
ATOM   91   C CB  . ASP A 1 22  ? 1.872   -8.172  -3.386  1.00 28.72  ? 347 ASP A CB  1 
ATOM   92   C CG  . ASP A 1 22  ? 1.785   -8.258  -1.883  1.00 39.62  ? 347 ASP A CG  1 
ATOM   93   O OD1 . ASP A 1 22  ? 0.658   -8.186  -1.330  1.00 42.08  ? 347 ASP A OD1 1 
ATOM   94   O OD2 . ASP A 1 22  ? 2.851   -8.405  -1.248  1.00 46.23  ? 347 ASP A OD2 1 
ATOM   95   N N   . LEU A 1 23  ? 3.189   -7.549  -6.235  1.00 34.31  ? 348 LEU A N   1 
ATOM   96   C CA  . LEU A 1 23  ? 3.172   -7.754  -7.674  1.00 37.70  ? 348 LEU A CA  1 
ATOM   97   C C   . LEU A 1 23  ? 4.528   -8.073  -8.323  1.00 38.98  ? 348 LEU A C   1 
ATOM   98   O O   . LEU A 1 23  ? 4.627   -9.000  -9.130  1.00 38.11  ? 348 LEU A O   1 
ATOM   99   C CB  . LEU A 1 23  ? 2.570   -6.517  -8.357  1.00 40.66  ? 348 LEU A CB  1 
ATOM   100  C CG  . LEU A 1 23  ? 2.431   -6.523  -9.885  1.00 41.99  ? 348 LEU A CG  1 
ATOM   101  C CD1 . LEU A 1 23  ? 1.508   -7.672  -10.331 1.00 42.77  ? 348 LEU A CD1 1 
ATOM   102  C CD2 . LEU A 1 23  ? 1.858   -5.172  -10.350 1.00 41.00  ? 348 LEU A CD2 1 
ATOM   103  N N   . PHE A 1 24  ? 5.569   -7.322  -7.973  1.00 39.68  ? 349 PHE A N   1 
ATOM   104  C CA  . PHE A 1 24  ? 6.884   -7.517  -8.590  1.00 42.09  ? 349 PHE A CA  1 
ATOM   105  C C   . PHE A 1 24  ? 7.951   -8.284  -7.817  1.00 45.09  ? 349 PHE A C   1 
ATOM   106  O O   . PHE A 1 24  ? 8.792   -8.950  -8.419  1.00 48.27  ? 349 PHE A O   1 
ATOM   107  C CB  . PHE A 1 24  ? 7.473   -6.169  -9.002  1.00 37.36  ? 349 PHE A CB  1 
ATOM   108  C CG  . PHE A 1 24  ? 6.575   -5.364  -9.885  1.00 36.93  ? 349 PHE A CG  1 
ATOM   109  C CD1 . PHE A 1 24  ? 5.913   -4.246  -9.389  1.00 38.16  ? 349 PHE A CD1 1 
ATOM   110  C CD2 . PHE A 1 24  ? 6.366   -5.737  -11.208 1.00 38.04  ? 349 PHE A CD2 1 
ATOM   111  C CE1 . PHE A 1 24  ? 5.057   -3.511  -10.194 1.00 38.11  ? 349 PHE A CE1 1 
ATOM   112  C CE2 . PHE A 1 24  ? 5.504   -5.005  -12.029 1.00 37.58  ? 349 PHE A CE2 1 
ATOM   113  C CZ  . PHE A 1 24  ? 4.850   -3.895  -11.520 1.00 40.39  ? 349 PHE A CZ  1 
ATOM   114  N N   . ILE A 1 25  ? 7.952   -8.182  -6.496  1.00 46.66  ? 350 ILE A N   1 
ATOM   115  C CA  . ILE A 1 25  ? 8.957   -8.899  -5.729  1.00 48.94  ? 350 ILE A CA  1 
ATOM   116  C C   . ILE A 1 25  ? 8.422   -10.281 -5.351  1.00 51.15  ? 350 ILE A C   1 
ATOM   117  O O   . ILE A 1 25  ? 8.931   -11.303 -5.805  1.00 50.51  ? 350 ILE A O   1 
ATOM   118  C CB  . ILE A 1 25  ? 9.339   -8.116  -4.458  1.00 48.52  ? 350 ILE A CB  1 
ATOM   119  C CG1 . ILE A 1 25  ? 9.598   -6.648  -4.816  1.00 49.25  ? 350 ILE A CG1 1 
ATOM   120  C CG2 . ILE A 1 25  ? 10.580  -8.715  -3.830  1.00 49.68  ? 350 ILE A CG2 1 
ATOM   121  C CD1 . ILE A 1 25  ? 10.550  -6.460  -5.986  1.00 46.80  ? 350 ILE A CD1 1 
ATOM   122  N N   . ARG A 1 26  ? 7.372   -10.286 -4.539  1.00 52.64  ? 351 ARG A N   1 
ATOM   123  C CA  . ARG A 1 26  ? 6.732   -11.503 -4.067  1.00 53.76  ? 351 ARG A CA  1 
ATOM   124  C C   . ARG A 1 26  ? 6.133   -12.320 -5.218  1.00 53.61  ? 351 ARG A C   1 
ATOM   125  O O   . ARG A 1 26  ? 6.149   -13.547 -5.193  1.00 53.55  ? 351 ARG A O   1 
ATOM   126  C CB  . ARG A 1 26  ? 5.647   -11.120 -3.062  1.00 56.64  ? 351 ARG A CB  1 
ATOM   127  C CG  . ARG A 1 26  ? 5.488   -12.062 -1.884  1.00 62.18  ? 351 ARG A CG  1 
ATOM   128  C CD  . ARG A 1 26  ? 5.172   -11.262 -0.632  1.00 66.96  ? 351 ARG A CD  1 
ATOM   129  N NE  . ARG A 1 26  ? 4.516   -12.056 0.401   1.00 71.13  ? 351 ARG A NE  1 
ATOM   130  C CZ  . ARG A 1 26  ? 3.300   -12.577 0.275   1.00 76.72  ? 351 ARG A CZ  1 
ATOM   131  N NH1 . ARG A 1 26  ? 2.612   -12.388 -0.844  1.00 78.73  ? 351 ARG A NH1 1 
ATOM   132  N NH2 . ARG A 1 26  ? 2.764   -13.282 1.266   1.00 77.63  ? 351 ARG A NH2 1 
ATOM   133  N N   . LYS A 1 27  ? 5.615   -11.630 -6.228  1.00 53.86  ? 352 LYS A N   1 
ATOM   134  C CA  . LYS A 1 27  ? 5.007   -12.273 -7.394  1.00 54.12  ? 352 LYS A CA  1 
ATOM   135  C C   . LYS A 1 27  ? 3.704   -13.008 -7.069  1.00 52.02  ? 352 LYS A C   1 
ATOM   136  O O   . LYS A 1 27  ? 3.405   -14.052 -7.648  1.00 51.77  ? 352 LYS A O   1 
ATOM   137  C CB  . LYS A 1 27  ? 5.991   -13.245 -8.047  1.00 57.77  ? 352 LYS A CB  1 
ATOM   138  C CG  . LYS A 1 27  ? 7.272   -12.600 -8.554  1.00 62.15  ? 352 LYS A CG  1 
ATOM   139  C CD  . LYS A 1 27  ? 8.155   -13.637 -9.247  1.00 71.06  ? 352 LYS A CD  1 
ATOM   140  C CE  . LYS A 1 27  ? 9.552   -13.102 -9.541  1.00 74.25  ? 352 LYS A CE  1 
ATOM   141  N NZ  . LYS A 1 27  ? 10.359  -12.929 -8.296  1.00 78.35  ? 352 LYS A NZ  1 
ATOM   142  N N   . SER A 1 28  ? 2.940   -12.455 -6.136  1.00 48.01  ? 353 SER A N   1 
ATOM   143  C CA  . SER A 1 28  ? 1.658   -13.025 -5.744  1.00 45.29  ? 353 SER A CA  1 
ATOM   144  C C   . SER A 1 28  ? 0.727   -11.872 -5.342  1.00 40.67  ? 353 SER A C   1 
ATOM   145  O O   . SER A 1 28  ? 0.419   -11.681 -4.162  1.00 40.76  ? 353 SER A O   1 
ATOM   146  C CB  . SER A 1 28  ? 1.840   -14.005 -4.582  1.00 47.97  ? 353 SER A CB  1 
ATOM   147  O OG  . SER A 1 28  ? 2.439   -13.373 -3.469  1.00 56.20  ? 353 SER A OG  1 
ATOM   148  N N   . PRO A 1 29  ? 0.279   -11.087 -6.337  1.00 36.53  ? 354 PRO A N   1 
ATOM   149  C CA  . PRO A 1 29  ? -0.610  -9.924  -6.219  1.00 32.68  ? 354 PRO A CA  1 
ATOM   150  C C   . PRO A 1 29  ? -1.999  -10.253 -5.695  1.00 31.88  ? 354 PRO A C   1 
ATOM   151  O O   . PRO A 1 29  ? -2.557  -11.304 -6.005  1.00 29.76  ? 354 PRO A O   1 
ATOM   152  C CB  . PRO A 1 29  ? -0.700  -9.394  -7.650  1.00 30.29  ? 354 PRO A CB  1 
ATOM   153  C CG  . PRO A 1 29  ? 0.472   -10.010 -8.348  1.00 41.68  ? 354 PRO A CG  1 
ATOM   154  C CD  . PRO A 1 29  ? 0.566   -11.365 -7.751  1.00 33.29  ? 354 PRO A CD  1 
ATOM   155  N N   . THR A 1 30  ? -2.552  -9.346  -4.899  1.00 30.03  ? 355 THR A N   1 
ATOM   156  C CA  . THR A 1 30  ? -3.901  -9.512  -4.380  1.00 29.70  ? 355 THR A CA  1 
ATOM   157  C C   . THR A 1 30  ? -4.604  -8.163  -4.398  1.00 30.82  ? 355 THR A C   1 
ATOM   158  O O   . THR A 1 30  ? -3.964  -7.110  -4.371  1.00 30.67  ? 355 THR A O   1 
ATOM   159  C CB  . THR A 1 30  ? -3.926  -9.978  -2.918  1.00 32.14  ? 355 THR A CB  1 
ATOM   160  O OG1 . THR A 1 30  ? -3.397  -8.933  -2.097  1.00 29.97  ? 355 THR A OG1 1 
ATOM   161  C CG2 . THR A 1 30  ? -3.118  -11.271 -2.719  1.00 31.76  ? 355 THR A CG2 1 
ATOM   162  N N   . ILE A 1 31  ? -5.928  -8.188  -4.471  1.00 30.53  ? 356 ILE A N   1 
ATOM   163  C CA  . ILE A 1 31  ? -6.676  -6.946  -4.403  1.00 31.56  ? 356 ILE A CA  1 
ATOM   164  C C   . ILE A 1 31  ? -7.593  -7.152  -3.222  1.00 31.79  ? 356 ILE A C   1 
ATOM   165  O O   . ILE A 1 31  ? -7.940  -8.288  -2.889  1.00 30.35  ? 356 ILE A O   1 
ATOM   166  C CB  . ILE A 1 31  ? -7.468  -6.648  -5.692  1.00 30.05  ? 356 ILE A CB  1 
ATOM   167  C CG1 . ILE A 1 31  ? -8.425  -7.792  -6.005  1.00 31.32  ? 356 ILE A CG1 1 
ATOM   168  C CG2 . ILE A 1 31  ? -6.484  -6.407  -6.840  1.00 31.27  ? 356 ILE A CG2 1 
ATOM   169  C CD1 . ILE A 1 31  ? -9.187  -7.600  -7.298  1.00 36.89  ? 356 ILE A CD1 1 
ATOM   170  N N   . THR A 1 32  ? -7.976  -6.058  -2.579  1.00 33.31  ? 357 THR A N   1 
ATOM   171  C CA  . THR A 1 32  ? -8.807  -6.151  -1.395  1.00 33.68  ? 357 THR A CA  1 
ATOM   172  C C   . THR A 1 32  ? -10.007 -5.234  -1.444  1.00 35.47  ? 357 THR A C   1 
ATOM   173  O O   . THR A 1 32  ? -9.893  -4.050  -1.767  1.00 36.65  ? 357 THR A O   1 
ATOM   174  C CB  . THR A 1 32  ? -7.972  -5.807  -0.121  1.00 33.81  ? 357 THR A CB  1 
ATOM   175  O OG1 . THR A 1 32  ? -6.943  -6.790  0.059   1.00 33.71  ? 357 THR A OG1 1 
ATOM   176  C CG2 . THR A 1 32  ? -8.853  -5.756  1.119   1.00 29.63  ? 357 THR A CG2 1 
ATOM   177  N N   . CYS A 1 33  ? -11.156 -5.794  -1.106  1.00 35.41  ? 358 CYS A N   1 
ATOM   178  C CA  . CYS A 1 33  ? -12.396 -5.040  -1.065  1.00 38.12  ? 358 CYS A CA  1 
ATOM   179  C C   . CYS A 1 33  ? -12.651 -4.802  0.422   1.00 37.77  ? 358 CYS A C   1 
ATOM   180  O O   . CYS A 1 33  ? -12.824 -5.749  1.183   1.00 36.67  ? 358 CYS A O   1 
ATOM   181  C CB  . CYS A 1 33  ? -13.529 -5.872  -1.669  1.00 40.37  ? 358 CYS A CB  1 
ATOM   182  S SG  . CYS A 1 33  ? -15.099 -4.986  -1.945  1.00 49.83  ? 358 CYS A SG  1 
ATOM   183  N N   . LEU A 1 34  ? -12.648 -3.539  0.831   1.00 39.77  ? 359 LEU A N   1 
ATOM   184  C CA  . LEU A 1 34  ? -12.869 -3.182  2.223   1.00 42.86  ? 359 LEU A CA  1 
ATOM   185  C C   . LEU A 1 34  ? -14.213 -2.503  2.420   1.00 46.01  ? 359 LEU A C   1 
ATOM   186  O O   . LEU A 1 34  ? -14.488 -1.469  1.816   1.00 47.43  ? 359 LEU A O   1 
ATOM   187  C CB  . LEU A 1 34  ? -11.758 -2.248  2.718   1.00 42.74  ? 359 LEU A CB  1 
ATOM   188  C CG  . LEU A 1 34  ? -12.021 -1.488  4.030   1.00 45.03  ? 359 LEU A CG  1 
ATOM   189  C CD1 . LEU A 1 34  ? -12.193 -2.458  5.179   1.00 47.59  ? 359 LEU A CD1 1 
ATOM   190  C CD2 . LEU A 1 34  ? -10.871 -0.534  4.320   1.00 47.51  ? 359 LEU A CD2 1 
ATOM   191  N N   . VAL A 1 35  ? -15.041 -3.086  3.276   1.00 48.26  ? 360 VAL A N   1 
ATOM   192  C CA  . VAL A 1 35  ? -16.349 -2.522  3.573   1.00 52.34  ? 360 VAL A CA  1 
ATOM   193  C C   . VAL A 1 35  ? -16.388 -2.061  5.027   1.00 55.48  ? 360 VAL A C   1 
ATOM   194  O O   . VAL A 1 35  ? -16.030 -2.808  5.939   1.00 55.57  ? 360 VAL A O   1 
ATOM   195  C CB  . VAL A 1 35  ? -17.472 -3.559  3.335   1.00 53.36  ? 360 VAL A CB  1 
ATOM   196  C CG1 . VAL A 1 35  ? -18.818 -2.971  3.734   1.00 51.62  ? 360 VAL A CG1 1 
ATOM   197  C CG2 . VAL A 1 35  ? -17.492 -3.974  1.868   1.00 51.77  ? 360 VAL A CG2 1 
ATOM   198  N N   . VAL A 1 36  ? -16.813 -0.821  5.241   1.00 58.92  ? 361 VAL A N   1 
ATOM   199  C CA  . VAL A 1 36  ? -16.895 -0.265  6.586   1.00 63.13  ? 361 VAL A CA  1 
ATOM   200  C C   . VAL A 1 36  ? -18.343 0.053   6.932   1.00 67.77  ? 361 VAL A C   1 
ATOM   201  O O   . VAL A 1 36  ? -19.015 0.779   6.199   1.00 68.38  ? 361 VAL A O   1 
ATOM   202  C CB  . VAL A 1 36  ? -16.057 1.034   6.719   1.00 60.50  ? 361 VAL A CB  1 
ATOM   203  C CG1 . VAL A 1 36  ? -16.206 1.606   8.112   1.00 56.92  ? 361 VAL A CG1 1 
ATOM   204  C CG2 . VAL A 1 36  ? -14.595 0.748   6.442   1.00 56.10  ? 361 VAL A CG2 1 
ATOM   205  N N   . ASP A 1 37  ? -18.817 -0.498  8.046   1.00 72.90  ? 362 ASP A N   1 
ATOM   206  C CA  . ASP A 1 37  ? -20.190 -0.281  8.501   1.00 78.30  ? 362 ASP A CA  1 
ATOM   207  C C   . ASP A 1 37  ? -20.165 0.491   9.817   1.00 81.68  ? 362 ASP A C   1 
ATOM   208  O O   . ASP A 1 37  ? -19.963 -0.092  10.885  1.00 81.72  ? 362 ASP A O   1 
ATOM   209  C CB  . ASP A 1 37  ? -20.901 -1.621  8.713   1.00 80.22  ? 362 ASP A CB  1 
ATOM   210  C CG  . ASP A 1 37  ? -22.401 -1.464  8.893   1.00 84.67  ? 362 ASP A CG  1 
ATOM   211  O OD1 . ASP A 1 37  ? -22.831 -0.418  9.423   1.00 87.54  ? 362 ASP A OD1 1 
ATOM   212  O OD2 . ASP A 1 37  ? -23.150 -2.391  8.516   1.00 87.19  ? 362 ASP A OD2 1 
ATOM   213  N N   . LEU A 1 38  ? -20.380 1.802   9.735   1.00 85.84  ? 363 LEU A N   1 
ATOM   214  C CA  . LEU A 1 38  ? -20.369 2.668   10.909  1.00 89.95  ? 363 LEU A CA  1 
ATOM   215  C C   . LEU A 1 38  ? -21.345 2.220   11.993  1.00 92.20  ? 363 LEU A C   1 
ATOM   216  O O   . LEU A 1 38  ? -21.037 2.302   13.180  1.00 92.55  ? 363 LEU A O   1 
ATOM   217  C CB  . LEU A 1 38  ? -20.677 4.107   10.497  1.00 91.66  ? 363 LEU A CB  1 
ATOM   218  C CG  . LEU A 1 38  ? -19.755 4.715   9.434   1.00 92.93  ? 363 LEU A CG  1 
ATOM   219  C CD1 . LEU A 1 38  ? -20.204 6.138   9.130   1.00 95.41  ? 363 LEU A CD1 1 
ATOM   220  C CD2 . LEU A 1 38  ? -18.320 4.704   9.924   1.00 92.73  ? 363 LEU A CD2 1 
ATOM   221  N N   . ALA A 1 39  ? -22.521 1.752   11.585  1.00 94.76  ? 364 ALA A N   1 
ATOM   222  C CA  . ALA A 1 39  ? -23.531 1.281   12.532  1.00 97.66  ? 364 ALA A CA  1 
ATOM   223  C C   . ALA A 1 39  ? -24.005 -0.113  12.122  1.00 99.72  ? 364 ALA A C   1 
ATOM   224  O O   . ALA A 1 39  ? -24.665 -0.277  11.097  1.00 100.44 ? 364 ALA A O   1 
ATOM   225  C CB  . ALA A 1 39  ? -24.706 2.246   12.563  1.00 97.99  ? 364 ALA A CB  1 
ATOM   226  N N   . PRO A 1 40  ? -23.668 -1.137  12.919  1.00 101.15 ? 365 PRO A N   1 
ATOM   227  C CA  . PRO A 1 40  ? -24.073 -2.511  12.602  1.00 102.25 ? 365 PRO A CA  1 
ATOM   228  C C   . PRO A 1 40  ? -25.482 -2.951  12.990  1.00 103.43 ? 365 PRO A C   1 
ATOM   229  O O   . PRO A 1 40  ? -25.886 -2.842  14.147  1.00 104.19 ? 365 PRO A O   1 
ATOM   230  C CB  . PRO A 1 40  ? -23.017 -3.356  13.316  1.00 101.91 ? 365 PRO A CB  1 
ATOM   231  C CG  . PRO A 1 40  ? -21.842 -2.406  13.469  1.00 102.27 ? 365 PRO A CG  1 
ATOM   232  C CD  . PRO A 1 40  ? -22.533 -1.141  13.854  1.00 101.40 ? 365 PRO A CD  1 
ATOM   233  N N   . SER A 1 41  ? -26.211 -3.448  11.996  1.00 104.18 ? 366 SER A N   1 
ATOM   234  C CA  . SER A 1 41  ? -27.553 -3.997  12.162  1.00 104.43 ? 366 SER A CA  1 
ATOM   235  C C   . SER A 1 41  ? -27.199 -5.422  11.752  1.00 104.05 ? 366 SER A C   1 
ATOM   236  O O   . SER A 1 41  ? -26.476 -5.606  10.772  1.00 104.36 ? 366 SER A O   1 
ATOM   237  C CB  . SER A 1 41  ? -28.514 -3.383  11.148  1.00 105.50 ? 366 SER A CB  1 
ATOM   238  O OG  . SER A 1 41  ? -28.100 -3.714  9.837   1.00 106.70 ? 366 SER A OG  1 
ATOM   239  N N   . LYS A 1 42  ? -27.675 -6.438  12.461  1.00 103.19 ? 367 LYS A N   1 
ATOM   240  C CA  . LYS A 1 42  ? -27.236 -7.765  12.062  1.00 102.08 ? 367 LYS A CA  1 
ATOM   241  C C   . LYS A 1 42  ? -27.936 -8.586  10.992  1.00 100.74 ? 367 LYS A C   1 
ATOM   242  O O   . LYS A 1 42  ? -29.070 -9.054  11.126  1.00 101.05 ? 367 LYS A O   1 
ATOM   243  C CB  . LYS A 1 42  ? -26.976 -8.640  13.290  1.00 103.30 ? 367 LYS A CB  1 
ATOM   244  C CG  . LYS A 1 42  ? -28.128 -8.894  14.229  1.00 105.00 ? 367 LYS A CG  1 
ATOM   245  C CD  . LYS A 1 42  ? -27.578 -9.690  15.402  1.00 104.80 ? 367 LYS A CD  1 
ATOM   246  C CE  . LYS A 1 42  ? -28.644 -10.151 16.370  1.00 104.70 ? 367 LYS A CE  1 
ATOM   247  N NZ  . LYS A 1 42  ? -28.021 -10.968 17.453  1.00 105.18 ? 367 LYS A NZ  1 
ATOM   248  N N   . GLY A 1 43  ? -27.170 -8.746  9.920   1.00 98.70  ? 368 GLY A N   1 
ATOM   249  C CA  . GLY A 1 43  ? -27.526 -9.510  8.743   1.00 95.62  ? 368 GLY A CA  1 
ATOM   250  C C   . GLY A 1 43  ? -26.119 -9.793  8.248   1.00 93.12  ? 368 GLY A C   1 
ATOM   251  O O   . GLY A 1 43  ? -25.172 -9.262  8.825   1.00 93.17  ? 368 GLY A O   1 
ATOM   252  N N   . THR A 1 44  ? -25.935 -10.601 7.214   1.00 90.15  ? 369 THR A N   1 
ATOM   253  C CA  . THR A 1 44  ? -24.574 -10.863 6.761   1.00 86.41  ? 369 THR A CA  1 
ATOM   254  C C   . THR A 1 44  ? -24.172 -9.916  5.638   1.00 83.04  ? 369 THR A C   1 
ATOM   255  O O   . THR A 1 44  ? -25.010 -9.492  4.841   1.00 82.54  ? 369 THR A O   1 
ATOM   256  C CB  . THR A 1 44  ? -24.409 -12.323 6.277   1.00 87.73  ? 369 THR A CB  1 
ATOM   257  O OG1 . THR A 1 44  ? -25.308 -12.575 5.188   1.00 88.60  ? 369 THR A OG1 1 
ATOM   258  C CG2 . THR A 1 44  ? -24.700 -13.294 7.415   1.00 86.64  ? 369 THR A CG2 1 
ATOM   259  N N   . VAL A 1 45  ? -22.887 -9.569  5.594   1.00 79.07  ? 370 VAL A N   1 
ATOM   260  C CA  . VAL A 1 45  ? -22.369 -8.683  4.559   1.00 74.46  ? 370 VAL A CA  1 
ATOM   261  C C   . VAL A 1 45  ? -21.650 -9.543  3.530   1.00 72.21  ? 370 VAL A C   1 
ATOM   262  O O   . VAL A 1 45  ? -20.638 -10.168 3.834   1.00 71.35  ? 370 VAL A O   1 
ATOM   263  C CB  . VAL A 1 45  ? -21.375 -7.660  5.129   1.00 73.33  ? 370 VAL A CB  1 
ATOM   264  C CG1 . VAL A 1 45  ? -21.048 -6.619  4.075   1.00 70.92  ? 370 VAL A CG1 1 
ATOM   265  C CG2 . VAL A 1 45  ? -21.952 -7.010  6.368   1.00 69.77  ? 370 VAL A CG2 1 
ATOM   266  N N   . ASN A 1 46  ? -22.176 -9.568  2.310   1.00 70.13  ? 371 ASN A N   1 
ATOM   267  C CA  . ASN A 1 46  ? -21.592 -10.378 1.250   1.00 68.15  ? 371 ASN A CA  1 
ATOM   268  C C   . ASN A 1 46  ? -20.771 -9.615  0.219   1.00 65.65  ? 371 ASN A C   1 
ATOM   269  O O   . ASN A 1 46  ? -21.122 -8.505  -0.184  1.00 64.64  ? 371 ASN A O   1 
ATOM   270  C CB  . ASN A 1 46  ? -22.691 -11.163 0.539   1.00 70.12  ? 371 ASN A CB  1 
ATOM   271  C CG  . ASN A 1 46  ? -23.359 -12.163 1.448   1.00 73.56  ? 371 ASN A CG  1 
ATOM   272  O OD1 . ASN A 1 46  ? -22.729 -13.118 1.905   1.00 75.10  ? 371 ASN A OD1 1 
ATOM   273  N ND2 . ASN A 1 46  ? -24.639 -11.947 1.728   1.00 74.76  ? 371 ASN A ND2 1 
ATOM   274  N N   . LEU A 1 47  ? -19.669 -10.230 -0.197  1.00 62.66  ? 372 LEU A N   1 
ATOM   275  C CA  . LEU A 1 47  ? -18.782 -9.654  -1.197  1.00 59.53  ? 372 LEU A CA  1 
ATOM   276  C C   . LEU A 1 47  ? -18.587 -10.695 -2.286  1.00 56.68  ? 372 LEU A C   1 
ATOM   277  O O   . LEU A 1 47  ? -18.163 -11.815 -2.017  1.00 56.70  ? 372 LEU A O   1 
ATOM   278  C CB  . LEU A 1 47  ? -17.427 -9.283  -0.582  1.00 59.44  ? 372 LEU A CB  1 
ATOM   279  C CG  . LEU A 1 47  ? -17.423 -8.289  0.580   1.00 60.55  ? 372 LEU A CG  1 
ATOM   280  C CD1 . LEU A 1 47  ? -16.004 -7.853  0.861   1.00 61.28  ? 372 LEU A CD1 1 
ATOM   281  C CD2 . LEU A 1 47  ? -18.269 -7.083  0.235   1.00 62.83  ? 372 LEU A CD2 1 
ATOM   282  N N   . THR A 1 48  ? -18.902 -10.318 -3.517  1.00 53.76  ? 373 THR A N   1 
ATOM   283  C CA  . THR A 1 48  ? -18.777 -11.223 -4.648  1.00 51.64  ? 373 THR A CA  1 
ATOM   284  C C   . THR A 1 48  ? -17.765 -10.664 -5.645  1.00 48.20  ? 373 THR A C   1 
ATOM   285  O O   . THR A 1 48  ? -17.821 -9.486  -5.993  1.00 46.65  ? 373 THR A O   1 
ATOM   286  C CB  . THR A 1 48  ? -20.132 -11.380 -5.363  1.00 53.15  ? 373 THR A CB  1 
ATOM   287  O OG1 . THR A 1 48  ? -21.161 -11.601 -4.392  1.00 57.77  ? 373 THR A OG1 1 
ATOM   288  C CG2 . THR A 1 48  ? -20.088 -12.551 -6.333  1.00 53.75  ? 373 THR A CG2 1 
ATOM   289  N N   . TRP A 1 49  ? -16.846 -11.507 -6.102  1.00 45.34  ? 374 TRP A N   1 
ATOM   290  C CA  . TRP A 1 49  ? -15.833 -11.077 -7.068  1.00 44.94  ? 374 TRP A CA  1 
ATOM   291  C C   . TRP A 1 49  ? -16.144 -11.566 -8.481  1.00 43.68  ? 374 TRP A C   1 
ATOM   292  O O   . TRP A 1 49  ? -16.695 -12.648 -8.661  1.00 42.67  ? 374 TRP A O   1 
ATOM   293  C CB  . TRP A 1 49  ? -14.441 -11.605 -6.688  1.00 41.63  ? 374 TRP A CB  1 
ATOM   294  C CG  . TRP A 1 49  ? -13.884 -11.070 -5.404  1.00 41.50  ? 374 TRP A CG  1 
ATOM   295  C CD1 . TRP A 1 49  ? -13.959 -11.655 -4.171  1.00 39.67  ? 374 TRP A CD1 1 
ATOM   296  C CD2 . TRP A 1 49  ? -13.169 -9.840  -5.222  1.00 35.69  ? 374 TRP A CD2 1 
ATOM   297  N NE1 . TRP A 1 49  ? -13.333 -10.865 -3.236  1.00 35.06  ? 374 TRP A NE1 1 
ATOM   298  C CE2 . TRP A 1 49  ? -12.841 -9.747  -3.853  1.00 34.53  ? 374 TRP A CE2 1 
ATOM   299  C CE3 . TRP A 1 49  ? -12.776 -8.811  -6.083  1.00 32.37  ? 374 TRP A CE3 1 
ATOM   300  C CZ2 . TRP A 1 49  ? -12.134 -8.664  -3.325  1.00 35.43  ? 374 TRP A CZ2 1 
ATOM   301  C CZ3 . TRP A 1 49  ? -12.074 -7.731  -5.560  1.00 36.11  ? 374 TRP A CZ3 1 
ATOM   302  C CH2 . TRP A 1 49  ? -11.761 -7.667  -4.189  1.00 37.51  ? 374 TRP A CH2 1 
ATOM   303  N N   . SER A 1 50  ? -15.779 -10.765 -9.478  1.00 43.53  ? 375 SER A N   1 
ATOM   304  C CA  . SER A 1 50  ? -15.979 -11.147 -10.872 1.00 43.57  ? 375 SER A CA  1 
ATOM   305  C C   . SER A 1 50  ? -14.986 -10.436 -11.773 1.00 42.59  ? 375 SER A C   1 
ATOM   306  O O   . SER A 1 50  ? -14.514 -9.345  -11.449 1.00 43.68  ? 375 SER A O   1 
ATOM   307  C CB  . SER A 1 50  ? -17.406 -10.831 -11.343 1.00 45.03  ? 375 SER A CB  1 
ATOM   308  O OG  . SER A 1 50  ? -17.607 -9.445  -11.539 1.00 45.66  ? 375 SER A OG  1 
ATOM   309  N N   . ARG A 1 51  ? -14.653 -11.077 -12.888 1.00 40.79  ? 376 ARG A N   1 
ATOM   310  C CA  . ARG A 1 51  ? -13.747 -10.505 -13.862 1.00 40.12  ? 376 ARG A CA  1 
ATOM   311  C C   . ARG A 1 51  ? -14.581 -9.978  -15.030 1.00 40.59  ? 376 ARG A C   1 
ATOM   312  O O   . ARG A 1 51  ? -15.432 -10.681 -15.564 1.00 40.90  ? 376 ARG A O   1 
ATOM   313  C CB  . ARG A 1 51  ? -12.770 -11.555 -14.378 1.00 40.03  ? 376 ARG A CB  1 
ATOM   314  C CG  . ARG A 1 51  ? -11.781 -12.073 -13.354 1.00 43.20  ? 376 ARG A CG  1 
ATOM   315  C CD  . ARG A 1 51  ? -10.455 -12.358 -14.036 1.00 41.05  ? 376 ARG A CD  1 
ATOM   316  N NE  . ARG A 1 51  ? -10.168 -13.777 -14.120 1.00 50.71  ? 376 ARG A NE  1 
ATOM   317  C CZ  . ARG A 1 51  ? -9.227  -14.297 -14.899 1.00 53.97  ? 376 ARG A CZ  1 
ATOM   318  N NH1 . ARG A 1 51  ? -8.490  -13.506 -15.666 1.00 51.88  ? 376 ARG A NH1 1 
ATOM   319  N NH2 . ARG A 1 51  ? -9.015  -15.608 -14.898 1.00 55.55  ? 376 ARG A NH2 1 
ATOM   320  N N   . ALA A 1 52  ? -14.334 -8.741  -15.430 1.00 40.20  ? 377 ALA A N   1 
ATOM   321  C CA  . ALA A 1 52  ? -15.081 -8.155  -16.533 1.00 40.25  ? 377 ALA A CA  1 
ATOM   322  C C   . ALA A 1 52  ? -15.017 -9.061  -17.769 1.00 40.38  ? 377 ALA A C   1 
ATOM   323  O O   . ALA A 1 52  ? -15.919 -9.042  -18.594 1.00 41.16  ? 377 ALA A O   1 
ATOM   324  C CB  . ALA A 1 52  ? -14.524 -6.767  -16.865 1.00 33.12  ? 377 ALA A CB  1 
ATOM   325  N N   . SER A 1 53  ? -13.954 -9.854  -17.879 1.00 40.21  ? 378 SER A N   1 
ATOM   326  C CA  . SER A 1 53  ? -13.764 -10.749 -19.016 1.00 41.95  ? 378 SER A CA  1 
ATOM   327  C C   . SER A 1 53  ? -14.609 -12.009 -18.892 1.00 44.92  ? 378 SER A C   1 
ATOM   328  O O   . SER A 1 53  ? -14.689 -12.795 -19.834 1.00 44.28  ? 378 SER A O   1 
ATOM   329  C CB  . SER A 1 53  ? -12.300 -11.165 -19.134 1.00 40.91  ? 378 SER A CB  1 
ATOM   330  O OG  . SER A 1 53  ? -11.977 -12.111 -18.126 1.00 40.09  ? 378 SER A OG  1 
ATOM   331  N N   . GLY A 1 54  ? -15.220 -12.201 -17.725 1.00 46.93  ? 379 GLY A N   1 
ATOM   332  C CA  . GLY A 1 54  ? -16.052 -13.369 -17.499 1.00 49.77  ? 379 GLY A CA  1 
ATOM   333  C C   . GLY A 1 54  ? -15.266 -14.588 -17.054 1.00 50.60  ? 379 GLY A C   1 
ATOM   334  O O   . GLY A 1 54  ? -15.841 -15.578 -16.595 1.00 52.95  ? 379 GLY A O   1 
ATOM   335  N N   . LYS A 1 55  ? -13.945 -14.526 -17.190 1.00 53.72  ? 380 LYS A N   1 
ATOM   336  C CA  . LYS A 1 55  ? -13.107 -15.644 -16.787 1.00 54.13  ? 380 LYS A CA  1 
ATOM   337  C C   . LYS A 1 55  ? -13.248 -15.948 -15.291 1.00 48.16  ? 380 LYS A C   1 
ATOM   338  O O   . LYS A 1 55  ? -13.764 -15.136 -14.512 1.00 45.65  ? 380 LYS A O   1 
ATOM   339  C CB  . LYS A 1 55  ? -11.641 -15.374 -17.152 1.00 62.44  ? 380 LYS A CB  1 
ATOM   340  C CG  . LYS A 1 55  ? -11.361 -15.465 -18.647 1.00 67.72  ? 380 LYS A CG  1 
ATOM   341  C CD  . LYS A 1 55  ? -9.874  -15.422 -18.953 1.00 69.32  ? 380 LYS A CD  1 
ATOM   342  C CE  . LYS A 1 55  ? -9.615  -15.644 -20.436 1.00 73.14  ? 380 LYS A CE  1 
ATOM   343  N NZ  . LYS A 1 55  ? -8.162  -15.605 -20.768 1.00 77.37  ? 380 LYS A NZ  1 
ATOM   344  N N   . PRO A 1 56  ? -12.802 -17.141 -14.872 1.00 56.07  ? 381 PRO A N   1 
ATOM   345  C CA  . PRO A 1 56  ? -12.886 -17.556 -13.468 1.00 56.46  ? 381 PRO A CA  1 
ATOM   346  C C   . PRO A 1 56  ? -11.995 -16.759 -12.512 1.00 54.32  ? 381 PRO A C   1 
ATOM   347  O O   . PRO A 1 56  ? -10.894 -16.336 -12.870 1.00 56.76  ? 381 PRO A O   1 
ATOM   348  C CB  . PRO A 1 56  ? -12.464 -19.026 -13.515 1.00 60.70  ? 381 PRO A CB  1 
ATOM   349  C CG  . PRO A 1 56  ? -12.712 -19.433 -14.949 1.00 62.01  ? 381 PRO A CG  1 
ATOM   350  C CD  . PRO A 1 56  ? -12.263 -18.228 -15.707 1.00 59.24  ? 381 PRO A CD  1 
ATOM   351  N N   . VAL A 1 57  ? -12.487 -16.561 -11.293 1.00 55.74  ? 382 VAL A N   1 
ATOM   352  C CA  . VAL A 1 57  ? -11.723 -15.868 -10.261 1.00 55.58  ? 382 VAL A CA  1 
ATOM   353  C C   . VAL A 1 57  ? -11.362 -16.926 -9.215  1.00 55.56  ? 382 VAL A C   1 
ATOM   354  O O   . VAL A 1 57  ? -12.097 -17.898 -9.029  1.00 55.22  ? 382 VAL A O   1 
ATOM   355  C CB  . VAL A 1 57  ? -12.545 -14.741 -9.573  1.00 55.39  ? 382 VAL A CB  1 
ATOM   356  C CG1 . VAL A 1 57  ? -13.049 -13.749 -10.608 1.00 55.94  ? 382 VAL A CG1 1 
ATOM   357  C CG2 . VAL A 1 57  ? -13.701 -15.332 -8.784  1.00 53.06  ? 382 VAL A CG2 1 
ATOM   358  N N   . ASN A 1 58  ? -10.234 -16.740 -8.541  1.00 54.38  ? 383 ASN A N   1 
ATOM   359  C CA  . ASN A 1 58  ? -9.786  -17.680 -7.519  1.00 54.63  ? 383 ASN A CA  1 
ATOM   360  C C   . ASN A 1 58  ? -10.573 -17.556 -6.221  1.00 53.85  ? 383 ASN A C   1 
ATOM   361  O O   . ASN A 1 58  ? -11.462 -16.715 -6.083  1.00 52.58  ? 383 ASN A O   1 
ATOM   362  C CB  . ASN A 1 58  ? -8.310  -17.453 -7.207  1.00 59.07  ? 383 ASN A CB  1 
ATOM   363  C CG  . ASN A 1 58  ? -7.428  -17.642 -8.411  1.00 64.60  ? 383 ASN A CG  1 
ATOM   364  O OD1 . ASN A 1 58  ? -6.269  -17.228 -8.415  1.00 70.14  ? 383 ASN A OD1 1 
ATOM   365  N ND2 . ASN A 1 58  ? -7.966  -18.277 -9.447  1.00 71.07  ? 383 ASN A ND2 1 
ATOM   366  N N   . HIS A 1 59  ? -10.235 -18.409 -5.264  1.00 53.46  ? 384 HIS A N   1 
ATOM   367  C CA  . HIS A 1 59  ? -10.884 -18.382 -3.962  1.00 52.22  ? 384 HIS A CA  1 
ATOM   368  C C   . HIS A 1 59  ? -10.341 -17.176 -3.189  1.00 49.10  ? 384 HIS A C   1 
ATOM   369  O O   . HIS A 1 59  ? -9.146  -16.900 -3.218  1.00 45.53  ? 384 HIS A O   1 
ATOM   370  C CB  . HIS A 1 59  ? -10.591 -19.683 -3.206  1.00 59.11  ? 384 HIS A CB  1 
ATOM   371  C CG  . HIS A 1 59  ? -11.318 -20.871 -3.757  1.00 62.16  ? 384 HIS A CG  1 
ATOM   372  N ND1 . HIS A 1 59  ? -12.691 -20.979 -3.729  1.00 69.15  ? 384 HIS A ND1 1 
ATOM   373  C CD2 . HIS A 1 59  ? -10.864 -21.995 -4.362  1.00 70.28  ? 384 HIS A CD2 1 
ATOM   374  C CE1 . HIS A 1 59  ? -13.054 -22.118 -4.294  1.00 75.01  ? 384 HIS A CE1 1 
ATOM   375  N NE2 . HIS A 1 59  ? -11.965 -22.753 -4.687  1.00 74.58  ? 384 HIS A NE2 1 
ATOM   376  N N   . SER A 1 60  ? -11.225 -16.464 -2.504  1.00 45.07  ? 385 SER A N   1 
ATOM   377  C CA  . SER A 1 60  ? -10.829 -15.288 -1.754  1.00 44.61  ? 385 SER A CA  1 
ATOM   378  C C   . SER A 1 60  ? -10.822 -15.504 -0.240  1.00 44.58  ? 385 SER A C   1 
ATOM   379  O O   . SER A 1 60  ? -11.405 -16.455 0.261   1.00 44.21  ? 385 SER A O   1 
ATOM   380  C CB  . SER A 1 60  ? -11.752 -14.118 -2.120  1.00 44.61  ? 385 SER A CB  1 
ATOM   381  O OG  . SER A 1 60  ? -13.122 -14.429 -1.904  1.00 41.13  ? 385 SER A OG  1 
ATOM   382  N N   . THR A 1 61  ? -10.145 -14.616 0.480   1.00 44.32  ? 386 THR A N   1 
ATOM   383  C CA  . THR A 1 61  ? -10.057 -14.692 1.931   1.00 44.35  ? 386 THR A CA  1 
ATOM   384  C C   . THR A 1 61  ? -10.892 -13.579 2.539   1.00 44.09  ? 386 THR A C   1 
ATOM   385  O O   . THR A 1 61  ? -10.742 -12.408 2.183   1.00 44.06  ? 386 THR A O   1 
ATOM   386  C CB  . THR A 1 61  ? -8.600  -14.547 2.426   1.00 45.20  ? 386 THR A CB  1 
ATOM   387  O OG1 . THR A 1 61  ? -7.817  -15.641 1.937   1.00 51.89  ? 386 THR A OG1 1 
ATOM   388  C CG2 . THR A 1 61  ? -8.548  -14.555 3.954   1.00 47.20  ? 386 THR A CG2 1 
ATOM   389  N N   . ARG A 1 62  ? -11.765 -13.959 3.464   1.00 44.39  ? 387 ARG A N   1 
ATOM   390  C CA  . ARG A 1 62  ? -12.656 -13.025 4.138   1.00 46.68  ? 387 ARG A CA  1 
ATOM   391  C C   . ARG A 1 62  ? -12.258 -12.781 5.603   1.00 47.05  ? 387 ARG A C   1 
ATOM   392  O O   . ARG A 1 62  ? -11.940 -13.718 6.339   1.00 46.65  ? 387 ARG A O   1 
ATOM   393  C CB  . ARG A 1 62  ? -14.080 -13.575 4.070   1.00 48.13  ? 387 ARG A CB  1 
ATOM   394  C CG  . ARG A 1 62  ? -15.134 -12.681 4.685   1.00 52.77  ? 387 ARG A CG  1 
ATOM   395  C CD  . ARG A 1 62  ? -16.415 -13.459 4.940   1.00 56.60  ? 387 ARG A CD  1 
ATOM   396  N NE  . ARG A 1 62  ? -17.402 -12.647 5.642   1.00 60.65  ? 387 ARG A NE  1 
ATOM   397  C CZ  . ARG A 1 62  ? -18.227 -11.796 5.046   1.00 61.97  ? 387 ARG A CZ  1 
ATOM   398  N NH1 . ARG A 1 62  ? -18.189 -11.657 3.728   1.00 64.45  ? 387 ARG A NH1 1 
ATOM   399  N NH2 . ARG A 1 62  ? -19.067 -11.063 5.771   1.00 60.54  ? 387 ARG A NH2 1 
ATOM   400  N N   . LYS A 1 63  ? -12.282 -11.519 6.024   1.00 46.93  ? 388 LYS A N   1 
ATOM   401  C CA  . LYS A 1 63  ? -11.943 -11.161 7.400   1.00 47.51  ? 388 LYS A CA  1 
ATOM   402  C C   . LYS A 1 63  ? -12.982 -10.205 7.979   1.00 48.33  ? 388 LYS A C   1 
ATOM   403  O O   . LYS A 1 63  ? -13.323 -9.199  7.359   1.00 46.08  ? 388 LYS A O   1 
ATOM   404  C CB  . LYS A 1 63  ? -10.564 -10.500 7.461   1.00 46.64  ? 388 LYS A CB  1 
ATOM   405  C CG  . LYS A 1 63  ? -9.445  -11.378 6.966   1.00 52.75  ? 388 LYS A CG  1 
ATOM   406  C CD  . LYS A 1 63  ? -8.183  -10.581 6.711   1.00 58.62  ? 388 LYS A CD  1 
ATOM   407  C CE  . LYS A 1 63  ? -7.186  -11.391 5.899   1.00 62.49  ? 388 LYS A CE  1 
ATOM   408  N NZ  . LYS A 1 63  ? -6.024  -10.553 5.490   1.00 67.33  ? 388 LYS A NZ  1 
ATOM   409  N N   . GLU A 1 64  ? -13.482 -10.537 9.169   1.00 50.07  ? 389 GLU A N   1 
ATOM   410  C CA  . GLU A 1 64  ? -14.478 -9.725  9.870   1.00 51.86  ? 389 GLU A CA  1 
ATOM   411  C C   . GLU A 1 64  ? -13.937 -9.300  11.232  1.00 52.81  ? 389 GLU A C   1 
ATOM   412  O O   . GLU A 1 64  ? -13.530 -10.139 12.039  1.00 49.21  ? 389 GLU A O   1 
ATOM   413  C CB  . GLU A 1 64  ? -15.767 -10.524 10.074  1.00 54.67  ? 389 GLU A CB  1 
ATOM   414  C CG  . GLU A 1 64  ? -16.564 -10.780 8.810   1.00 65.65  ? 389 GLU A CG  1 
ATOM   415  C CD  . GLU A 1 64  ? -17.800 -11.626 9.068   1.00 72.66  ? 389 GLU A CD  1 
ATOM   416  O OE1 . GLU A 1 64  ? -18.571 -11.287 9.994   1.00 75.92  ? 389 GLU A OE1 1 
ATOM   417  O OE2 . GLU A 1 64  ? -18.002 -12.627 8.344   1.00 75.78  ? 389 GLU A OE2 1 
ATOM   418  N N   . GLU A 1 65  ? -13.936 -7.998  11.494  1.00 56.06  ? 390 GLU A N   1 
ATOM   419  C CA  . GLU A 1 65  ? -13.435 -7.502  12.766  1.00 61.17  ? 390 GLU A CA  1 
ATOM   420  C C   . GLU A 1 65  ? -14.290 -6.396  13.366  1.00 64.70  ? 390 GLU A C   1 
ATOM   421  O O   . GLU A 1 65  ? -14.663 -5.430  12.697  1.00 64.01  ? 390 GLU A O   1 
ATOM   422  C CB  . GLU A 1 65  ? -11.997 -7.017  12.611  1.00 64.35  ? 390 GLU A CB  1 
ATOM   423  C CG  . GLU A 1 65  ? -11.423 -6.370  13.854  1.00 74.80  ? 390 GLU A CG  1 
ATOM   424  C CD  . GLU A 1 65  ? -9.916  -6.219  13.783  1.00 85.97  ? 390 GLU A CD  1 
ATOM   425  O OE1 . GLU A 1 65  ? -9.413  -5.688  12.767  1.00 92.60  ? 390 GLU A OE1 1 
ATOM   426  O OE2 . GLU A 1 65  ? -9.236  -6.632  14.747  1.00 92.18  ? 390 GLU A OE2 1 
ATOM   427  N N   . LYS A 1 66  ? -14.585 -6.545  14.651  1.00 68.18  ? 391 LYS A N   1 
ATOM   428  C CA  . LYS A 1 66  ? -15.402 -5.569  15.354  1.00 71.58  ? 391 LYS A CA  1 
ATOM   429  C C   . LYS A 1 66  ? -14.618 -4.652  16.279  1.00 76.11  ? 391 LYS A C   1 
ATOM   430  O O   . LYS A 1 66  ? -13.619 -5.043  16.882  1.00 75.89  ? 391 LYS A O   1 
ATOM   431  C CB  . LYS A 1 66  ? -16.492 -6.281  16.146  1.00 67.28  ? 391 LYS A CB  1 
ATOM   432  N N   . GLN A 1 67  ? -15.091 -3.418  16.369  1.00 81.85  ? 392 GLN A N   1 
ATOM   433  C CA  . GLN A 1 67  ? -14.516 -2.402  17.233  1.00 88.38  ? 392 GLN A CA  1 
ATOM   434  C C   . GLN A 1 67  ? -15.756 -1.678  17.719  1.00 92.30  ? 392 GLN A C   1 
ATOM   435  O O   . GLN A 1 67  ? -16.375 -0.936  16.960  1.00 93.25  ? 392 GLN A O   1 
ATOM   436  C CB  . GLN A 1 67  ? -13.616 -1.444  16.441  1.00 85.87  ? 392 GLN A CB  1 
ATOM   437  C CG  . GLN A 1 67  ? -12.135 -1.565  16.776  1.00 90.76  ? 392 GLN A CG  1 
ATOM   438  C CD  . GLN A 1 67  ? -11.299 -0.452  16.165  1.00 93.39  ? 392 GLN A CD  1 
ATOM   439  O OE1 . GLN A 1 67  ? -11.558 0.733   16.388  1.00 92.93  ? 392 GLN A OE1 1 
ATOM   440  N NE2 . GLN A 1 67  ? -10.284 -0.830  15.396  1.00 93.97  ? 392 GLN A NE2 1 
ATOM   441  N N   . ARG A 1 68  ? -16.142 -1.917  18.969  1.00 96.24  ? 393 ARG A N   1 
ATOM   442  C CA  . ARG A 1 68  ? -17.336 -1.289  19.521  1.00 100.53 ? 393 ARG A CA  1 
ATOM   443  C C   . ARG A 1 68  ? -17.333 0.232   19.386  1.00 102.30 ? 393 ARG A C   1 
ATOM   444  O O   . ARG A 1 68  ? -18.243 0.907   19.869  1.00 101.15 ? 393 ARG A O   1 
ATOM   445  C CB  . ARG A 1 68  ? -17.517 -1.684  20.988  1.00 106.99 ? 393 ARG A CB  1 
ATOM   446  C CG  . ARG A 1 68  ? -16.478 -1.113  21.929  1.00 109.77 ? 393 ARG A CG  1 
ATOM   447  C CD  . ARG A 1 68  ? -16.714 -1.625  23.336  1.00 115.73 ? 393 ARG A CD  1 
ATOM   448  N NE  . ARG A 1 68  ? -15.896 -0.930  24.322  1.00 119.73 ? 393 ARG A NE  1 
ATOM   449  C CZ  . ARG A 1 68  ? -15.871 -1.237  25.614  1.00 121.60 ? 393 ARG A CZ  1 
ATOM   450  N NH1 . ARG A 1 68  ? -16.620 -2.233  26.073  1.00 121.59 ? 393 ARG A NH1 1 
ATOM   451  N NH2 . ARG A 1 68  ? -15.101 -0.551  26.446  1.00 121.49 ? 393 ARG A NH2 1 
ATOM   452  N N   . ASN A 1 69  ? -16.312 0.766   18.724  1.00 103.98 ? 394 ASN A N   1 
ATOM   453  C CA  . ASN A 1 69  ? -16.217 2.200   18.508  1.00 106.60 ? 394 ASN A CA  1 
ATOM   454  C C   . ASN A 1 69  ? -17.364 2.571   17.575  1.00 106.89 ? 394 ASN A C   1 
ATOM   455  O O   . ASN A 1 69  ? -18.167 3.455   17.871  1.00 108.55 ? 394 ASN A O   1 
ATOM   456  C CB  . ASN A 1 69  ? -14.879 2.550   17.852  1.00 108.97 ? 394 ASN A CB  1 
ATOM   457  C CG  . ASN A 1 69  ? -14.667 4.049   17.719  1.00 112.83 ? 394 ASN A CG  1 
ATOM   458  O OD1 . ASN A 1 69  ? -13.719 4.497   17.074  1.00 114.53 ? 394 ASN A OD1 1 
ATOM   459  N ND2 . ASN A 1 69  ? -15.547 4.831   18.337  1.00 114.40 ? 394 ASN A ND2 1 
ATOM   460  N N   . GLY A 1 70  ? -17.437 1.876   16.446  1.00 105.53 ? 395 GLY A N   1 
ATOM   461  C CA  . GLY A 1 70  ? -18.491 2.132   15.482  1.00 101.15 ? 395 GLY A CA  1 
ATOM   462  C C   . GLY A 1 70  ? -18.111 1.627   14.107  1.00 97.82  ? 395 GLY A C   1 
ATOM   463  O O   . GLY A 1 70  ? -18.362 2.287   13.097  1.00 99.41  ? 395 GLY A O   1 
ATOM   464  N N   . THR A 1 71  ? -17.507 0.447   14.054  1.00 94.50  ? 396 THR A N   1 
ATOM   465  C CA  . THR A 1 71  ? -17.100 -0.086  12.769  1.00 89.02  ? 396 THR A CA  1 
ATOM   466  C C   . THR A 1 71  ? -16.964 -1.597  12.675  1.00 83.93  ? 396 THR A C   1 
ATOM   467  O O   . THR A 1 71  ? -16.075 -2.193  13.283  1.00 83.27  ? 396 THR A O   1 
ATOM   468  C CB  . THR A 1 71  ? -15.754 0.531   12.319  1.00 92.03  ? 396 THR A CB  1 
ATOM   469  O OG1 . THR A 1 71  ? -15.900 1.949   12.170  1.00 94.17  ? 396 THR A OG1 1 
ATOM   470  C CG2 . THR A 1 71  ? -15.299 -0.080  10.992  1.00 95.48  ? 396 THR A CG2 1 
ATOM   471  N N   . LEU A 1 72  ? -17.861 -2.205  11.907  1.00 79.69  ? 397 LEU A N   1 
ATOM   472  C CA  . LEU A 1 72  ? -17.810 -3.633  11.652  1.00 74.75  ? 397 LEU A CA  1 
ATOM   473  C C   . LEU A 1 72  ? -17.045 -3.683  10.340  1.00 71.50  ? 397 LEU A C   1 
ATOM   474  O O   . LEU A 1 72  ? -17.637 -3.544  9.271   1.00 74.81  ? 397 LEU A O   1 
ATOM   475  C CB  . LEU A 1 72  ? -19.204 -4.219  11.428  1.00 75.72  ? 397 LEU A CB  1 
ATOM   476  C CG  . LEU A 1 72  ? -19.188 -5.608  10.765  1.00 70.67  ? 397 LEU A CG  1 
ATOM   477  C CD1 . LEU A 1 72  ? -18.936 -6.691  11.810  1.00 69.05  ? 397 LEU A CD1 1 
ATOM   478  C CD2 . LEU A 1 72  ? -20.508 -5.857  10.045  1.00 72.96  ? 397 LEU A CD2 1 
ATOM   479  N N   . THR A 1 73  ? -15.732 -3.843  10.421  1.00 67.61  ? 398 THR A N   1 
ATOM   480  C CA  . THR A 1 73  ? -14.908 -3.904  9.226   1.00 61.30  ? 398 THR A CA  1 
ATOM   481  C C   . THR A 1 73  ? -14.958 -5.289  8.586   1.00 56.61  ? 398 THR A C   1 
ATOM   482  O O   . THR A 1 73  ? -14.911 -6.314  9.269   1.00 54.95  ? 398 THR A O   1 
ATOM   483  C CB  . THR A 1 73  ? -13.446 -3.558  9.547   1.00 61.75  ? 398 THR A CB  1 
ATOM   484  O OG1 . THR A 1 73  ? -13.353 -2.178  9.921   1.00 65.40  ? 398 THR A OG1 1 
ATOM   485  C CG2 . THR A 1 73  ? -12.560 -3.816  8.339   1.00 63.39  ? 398 THR A CG2 1 
ATOM   486  N N   . VAL A 1 74  ? -15.066 -5.307  7.265   1.00 51.84  ? 399 VAL A N   1 
ATOM   487  C CA  . VAL A 1 74  ? -15.104 -6.553  6.521   1.00 48.05  ? 399 VAL A CA  1 
ATOM   488  C C   . VAL A 1 74  ? -14.267 -6.413  5.265   1.00 44.81  ? 399 VAL A C   1 
ATOM   489  O O   . VAL A 1 74  ? -14.435 -5.466  4.492   1.00 44.41  ? 399 VAL A O   1 
ATOM   490  C CB  . VAL A 1 74  ? -16.534 -6.921  6.099   1.00 49.35  ? 399 VAL A CB  1 
ATOM   491  C CG1 . VAL A 1 74  ? -16.519 -8.204  5.295   1.00 49.43  ? 399 VAL A CG1 1 
ATOM   492  C CG2 . VAL A 1 74  ? -17.413 -7.074  7.322   1.00 53.10  ? 399 VAL A CG2 1 
ATOM   493  N N   . THR A 1 75  ? -13.349 -7.344  5.065   1.00 42.44  ? 400 THR A N   1 
ATOM   494  C CA  . THR A 1 75  ? -12.523 -7.295  3.875   1.00 40.44  ? 400 THR A CA  1 
ATOM   495  C C   . THR A 1 75  ? -12.470 -8.646  3.205   1.00 38.07  ? 400 THR A C   1 
ATOM   496  O O   . THR A 1 75  ? -12.651 -9.686  3.836   1.00 36.13  ? 400 THR A O   1 
ATOM   497  C CB  . THR A 1 75  ? -11.074 -6.872  4.175   1.00 39.64  ? 400 THR A CB  1 
ATOM   498  O OG1 . THR A 1 75  ? -10.393 -7.941  4.841   1.00 43.72  ? 400 THR A OG1 1 
ATOM   499  C CG2 . THR A 1 75  ? -11.042 -5.634  5.044   1.00 38.32  ? 400 THR A CG2 1 
ATOM   500  N N   . SER A 1 76  ? -12.253 -8.612  1.902   1.00 36.90  ? 401 SER A N   1 
ATOM   501  C CA  . SER A 1 76  ? -12.126 -9.820  1.123   1.00 35.46  ? 401 SER A CA  1 
ATOM   502  C C   . SER A 1 76  ? -10.920 -9.579  0.242   1.00 33.95  ? 401 SER A C   1 
ATOM   503  O O   . SER A 1 76  ? -10.839 -8.568  -0.451  1.00 34.80  ? 401 SER A O   1 
ATOM   504  C CB  . SER A 1 76  ? -13.361 -10.062 0.257   1.00 36.91  ? 401 SER A CB  1 
ATOM   505  O OG  . SER A 1 76  ? -13.201 -11.266 -0.478  1.00 40.84  ? 401 SER A OG  1 
ATOM   506  N N   . THR A 1 77  ? -9.981  -10.508 0.288   1.00 32.28  ? 402 THR A N   1 
ATOM   507  C CA  . THR A 1 77  ? -8.774  -10.404 -0.494  1.00 31.85  ? 402 THR A CA  1 
ATOM   508  C C   . THR A 1 77  ? -8.787  -11.490 -1.549  1.00 31.76  ? 402 THR A C   1 
ATOM   509  O O   . THR A 1 77  ? -8.952  -12.678 -1.255  1.00 30.55  ? 402 THR A O   1 
ATOM   510  C CB  . THR A 1 77  ? -7.545  -10.554 0.396   1.00 31.33  ? 402 THR A CB  1 
ATOM   511  O OG1 . THR A 1 77  ? -7.602  -9.563  1.420   1.00 32.83  ? 402 THR A OG1 1 
ATOM   512  C CG2 . THR A 1 77  ? -6.266  -10.365 -0.405  1.00 32.70  ? 402 THR A CG2 1 
ATOM   513  N N   . LEU A 1 78  ? -8.595  -11.063 -2.786  1.00 30.72  ? 403 LEU A N   1 
ATOM   514  C CA  . LEU A 1 78  ? -8.619  -11.966 -3.909  1.00 30.33  ? 403 LEU A CA  1 
ATOM   515  C C   . LEU A 1 78  ? -7.260  -12.076 -4.576  1.00 29.66  ? 403 LEU A C   1 
ATOM   516  O O   . LEU A 1 78  ? -6.702  -11.074 -5.010  1.00 28.06  ? 403 LEU A O   1 
ATOM   517  C CB  . LEU A 1 78  ? -9.644  -11.472 -4.936  1.00 28.34  ? 403 LEU A CB  1 
ATOM   518  C CG  . LEU A 1 78  ? -9.793  -12.287 -6.228  1.00 32.10  ? 403 LEU A CG  1 
ATOM   519  C CD1 . LEU A 1 78  ? -10.615 -13.545 -5.932  1.00 31.94  ? 403 LEU A CD1 1 
ATOM   520  C CD2 . LEU A 1 78  ? -10.498 -11.462 -7.306  1.00 30.42  ? 403 LEU A CD2 1 
ATOM   521  N N   . PRO A 1 79  ? -6.705  -13.298 -4.648  1.00 31.48  ? 404 PRO A N   1 
ATOM   522  C CA  . PRO A 1 79  ? -5.407  -13.522 -5.289  1.00 33.20  ? 404 PRO A CA  1 
ATOM   523  C C   . PRO A 1 79  ? -5.640  -13.220 -6.771  1.00 34.02  ? 404 PRO A C   1 
ATOM   524  O O   . PRO A 1 79  ? -6.646  -13.635 -7.338  1.00 32.25  ? 404 PRO A O   1 
ATOM   525  C CB  . PRO A 1 79  ? -5.145  -15.006 -5.045  1.00 33.28  ? 404 PRO A CB  1 
ATOM   526  C CG  . PRO A 1 79  ? -5.921  -15.289 -3.784  1.00 31.82  ? 404 PRO A CG  1 
ATOM   527  C CD  . PRO A 1 79  ? -7.197  -14.538 -4.019  1.00 31.26  ? 404 PRO A CD  1 
ATOM   528  N N   . VAL A 1 80  ? -4.723  -12.487 -7.380  1.00 34.94  ? 405 VAL A N   1 
ATOM   529  C CA  . VAL A 1 80  ? -4.847  -12.103 -8.772  1.00 38.63  ? 405 VAL A CA  1 
ATOM   530  C C   . VAL A 1 80  ? -3.701  -12.639 -9.623  1.00 40.02  ? 405 VAL A C   1 
ATOM   531  O O   . VAL A 1 80  ? -2.574  -12.771 -9.156  1.00 40.31  ? 405 VAL A O   1 
ATOM   532  C CB  . VAL A 1 80  ? -4.904  -10.551 -8.866  1.00 42.09  ? 405 VAL A CB  1 
ATOM   533  C CG1 . VAL A 1 80  ? -3.903  -10.024 -9.886  1.00 43.95  ? 405 VAL A CG1 1 
ATOM   534  C CG2 . VAL A 1 80  ? -6.315  -10.118 -9.203  1.00 41.76  ? 405 VAL A CG2 1 
ATOM   535  N N   . GLY A 1 81  ? -3.996  -12.954 -10.877 1.00 42.35  ? 406 GLY A N   1 
ATOM   536  C CA  . GLY A 1 81  ? -2.953  -13.445 -11.758 1.00 43.35  ? 406 GLY A CA  1 
ATOM   537  C C   . GLY A 1 81  ? -2.006  -12.308 -12.080 1.00 43.87  ? 406 GLY A C   1 
ATOM   538  O O   . GLY A 1 81  ? -2.445  -11.178 -12.297 1.00 42.68  ? 406 GLY A O   1 
ATOM   539  N N   . THR A 1 82  ? -0.711  -12.599 -12.097 1.00 44.40  ? 407 THR A N   1 
ATOM   540  C CA  . THR A 1 82  ? 0.302   -11.593 -12.390 1.00 47.37  ? 407 THR A CA  1 
ATOM   541  C C   . THR A 1 82  ? 0.177   -11.051 -13.806 1.00 48.27  ? 407 THR A C   1 
ATOM   542  O O   . THR A 1 82  ? 0.121   -9.841  -14.009 1.00 48.77  ? 407 THR A O   1 
ATOM   543  C CB  . THR A 1 82  ? 1.724   -12.169 -12.231 1.00 48.44  ? 407 THR A CB  1 
ATOM   544  O OG1 . THR A 1 82  ? 1.998   -12.396 -10.846 1.00 50.00  ? 407 THR A OG1 1 
ATOM   545  C CG2 . THR A 1 82  ? 2.759   -11.207 -12.796 1.00 53.23  ? 407 THR A CG2 1 
ATOM   546  N N   . ARG A 1 83  ? 0.152   -11.958 -14.780 1.00 48.10  ? 408 ARG A N   1 
ATOM   547  C CA  . ARG A 1 83  ? 0.057   -11.578 -16.179 1.00 48.54  ? 408 ARG A CA  1 
ATOM   548  C C   . ARG A 1 83  ? -1.273  -10.918 -16.501 1.00 48.48  ? 408 ARG A C   1 
ATOM   549  O O   . ARG A 1 83  ? -1.310  -9.896  -17.186 1.00 47.34  ? 408 ARG A O   1 
ATOM   550  C CB  . ARG A 1 83  ? 0.268   -12.799 -17.068 1.00 50.16  ? 408 ARG A CB  1 
ATOM   551  N N   . ASP A 1 84  ? -2.361  -11.503 -16.016 1.00 48.72  ? 409 ASP A N   1 
ATOM   552  C CA  . ASP A 1 84  ? -3.687  -10.950 -16.270 1.00 50.88  ? 409 ASP A CA  1 
ATOM   553  C C   . ASP A 1 84  ? -3.766  -9.497  -15.813 1.00 49.92  ? 409 ASP A C   1 
ATOM   554  O O   . ASP A 1 84  ? -4.300  -8.638  -16.520 1.00 49.76  ? 409 ASP A O   1 
ATOM   555  C CB  . ASP A 1 84  ? -4.752  -11.776 -15.547 1.00 56.18  ? 409 ASP A CB  1 
ATOM   556  C CG  . ASP A 1 84  ? -4.769  -13.227 -15.997 1.00 64.80  ? 409 ASP A CG  1 
ATOM   557  O OD1 . ASP A 1 84  ? -4.918  -13.464 -17.218 1.00 71.41  ? 409 ASP A OD1 1 
ATOM   558  O OD2 . ASP A 1 84  ? -4.633  -14.129 -15.138 1.00 68.29  ? 409 ASP A OD2 1 
ATOM   559  N N   . TRP A 1 85  ? -3.220  -9.223  -14.631 1.00 48.36  ? 410 TRP A N   1 
ATOM   560  C CA  . TRP A 1 85  ? -3.245  -7.875  -14.087 1.00 46.32  ? 410 TRP A CA  1 
ATOM   561  C C   . TRP A 1 85  ? -2.402  -6.924  -14.923 1.00 46.21  ? 410 TRP A C   1 
ATOM   562  O O   . TRP A 1 85  ? -2.821  -5.806  -15.221 1.00 44.64  ? 410 TRP A O   1 
ATOM   563  C CB  . TRP A 1 85  ? -2.751  -7.859  -12.636 1.00 42.82  ? 410 TRP A CB  1 
ATOM   564  C CG  . TRP A 1 85  ? -2.797  -6.489  -12.073 1.00 39.31  ? 410 TRP A CG  1 
ATOM   565  C CD1 . TRP A 1 85  ? -1.788  -5.573  -12.065 1.00 37.29  ? 410 TRP A CD1 1 
ATOM   566  C CD2 . TRP A 1 85  ? -3.961  -5.811  -11.590 1.00 35.49  ? 410 TRP A CD2 1 
ATOM   567  N NE1 . TRP A 1 85  ? -2.252  -4.363  -11.623 1.00 39.24  ? 410 TRP A NE1 1 
ATOM   568  C CE2 . TRP A 1 85  ? -3.584  -4.480  -11.324 1.00 32.76  ? 410 TRP A CE2 1 
ATOM   569  C CE3 . TRP A 1 85  ? -5.290  -6.202  -11.362 1.00 32.07  ? 410 TRP A CE3 1 
ATOM   570  C CZ2 . TRP A 1 85  ? -4.486  -3.525  -10.840 1.00 29.59  ? 410 TRP A CZ2 1 
ATOM   571  C CZ3 . TRP A 1 85  ? -6.186  -5.260  -10.883 1.00 33.68  ? 410 TRP A CZ3 1 
ATOM   572  C CH2 . TRP A 1 85  ? -5.776  -3.929  -10.626 1.00 30.56  ? 410 TRP A CH2 1 
ATOM   573  N N   . ILE A 1 86  ? -1.211  -7.369  -15.298 1.00 48.11  ? 411 ILE A N   1 
ATOM   574  C CA  . ILE A 1 86  ? -0.324  -6.542  -16.105 1.00 50.90  ? 411 ILE A CA  1 
ATOM   575  C C   . ILE A 1 86  ? -0.921  -6.286  -17.485 1.00 52.46  ? 411 ILE A C   1 
ATOM   576  O O   . ILE A 1 86  ? -0.668  -5.247  -18.092 1.00 53.34  ? 411 ILE A O   1 
ATOM   577  C CB  . ILE A 1 86  ? 1.060   -7.198  -16.259 1.00 51.58  ? 411 ILE A CB  1 
ATOM   578  C CG1 . ILE A 1 86  ? 1.733   -7.300  -14.886 1.00 52.81  ? 411 ILE A CG1 1 
ATOM   579  C CG2 . ILE A 1 86  ? 1.920   -6.389  -17.213 1.00 51.95  ? 411 ILE A CG2 1 
ATOM   580  C CD1 . ILE A 1 86  ? 3.086   -7.987  -14.906 1.00 59.38  ? 411 ILE A CD1 1 
ATOM   581  N N   . GLU A 1 87  ? -1.735  -7.222  -17.966 1.00 53.21  ? 412 GLU A N   1 
ATOM   582  C CA  . GLU A 1 87  ? -2.353  -7.086  -19.277 1.00 53.12  ? 412 GLU A CA  1 
ATOM   583  C C   . GLU A 1 87  ? -3.623  -6.257  -19.262 1.00 51.24  ? 412 GLU A C   1 
ATOM   584  O O   . GLU A 1 87  ? -4.201  -6.006  -20.316 1.00 51.40  ? 412 GLU A O   1 
ATOM   585  C CB  . GLU A 1 87  ? -2.644  -8.459  -19.883 1.00 59.71  ? 412 GLU A CB  1 
ATOM   586  C CG  . GLU A 1 87  ? -1.419  -9.136  -20.488 1.00 70.52  ? 412 GLU A CG  1 
ATOM   587  C CD  . GLU A 1 87  ? -1.746  -10.481 -21.105 1.00 78.58  ? 412 GLU A CD  1 
ATOM   588  O OE1 . GLU A 1 87  ? -2.699  -10.553 -21.912 1.00 83.44  ? 412 GLU A OE1 1 
ATOM   589  O OE2 . GLU A 1 87  ? -1.047  -11.466 -20.789 1.00 82.10  ? 412 GLU A OE2 1 
ATOM   590  N N   . GLY A 1 88  ? -4.072  -5.850  -18.077 1.00 48.47  ? 413 GLY A N   1 
ATOM   591  C CA  . GLY A 1 88  ? -5.258  -5.016  -18.001 1.00 44.62  ? 413 GLY A CA  1 
ATOM   592  C C   . GLY A 1 88  ? -6.595  -5.594  -17.574 1.00 44.15  ? 413 GLY A C   1 
ATOM   593  O O   . GLY A 1 88  ? -7.615  -4.930  -17.746 1.00 43.50  ? 413 GLY A O   1 
ATOM   594  N N   . GLU A 1 89  ? -6.630  -6.804  -17.026 1.00 42.78  ? 414 GLU A N   1 
ATOM   595  C CA  . GLU A 1 89  ? -7.912  -7.349  -16.589 1.00 40.78  ? 414 GLU A CA  1 
ATOM   596  C C   . GLU A 1 89  ? -8.520  -6.358  -15.610 1.00 39.97  ? 414 GLU A C   1 
ATOM   597  O O   . GLU A 1 89  ? -7.802  -5.607  -14.939 1.00 37.43  ? 414 GLU A O   1 
ATOM   598  C CB  . GLU A 1 89  ? -7.734  -8.706  -15.887 1.00 41.96  ? 414 GLU A CB  1 
ATOM   599  C CG  . GLU A 1 89  ? -9.025  -9.311  -15.292 1.00 44.09  ? 414 GLU A CG  1 
ATOM   600  C CD  . GLU A 1 89  ? -10.013 -9.826  -16.347 1.00 49.01  ? 414 GLU A CD  1 
ATOM   601  O OE1 . GLU A 1 89  ? -10.949 -9.084  -16.729 1.00 46.84  ? 414 GLU A OE1 1 
ATOM   602  O OE2 . GLU A 1 89  ? -9.846  -10.977 -16.802 1.00 49.89  ? 414 GLU A OE2 1 
ATOM   603  N N   . THR A 1 90  ? -9.846  -6.346  -15.541 1.00 39.56  ? 415 THR A N   1 
ATOM   604  C CA  . THR A 1 90  ? -10.552 -5.467  -14.628 1.00 40.76  ? 415 THR A CA  1 
ATOM   605  C C   . THR A 1 90  ? -11.381 -6.337  -13.692 1.00 40.07  ? 415 THR A C   1 
ATOM   606  O O   . THR A 1 90  ? -12.133 -7.195  -14.147 1.00 42.10  ? 415 THR A O   1 
ATOM   607  C CB  . THR A 1 90  ? -11.451 -4.468  -15.398 1.00 44.69  ? 415 THR A CB  1 
ATOM   608  O OG1 . THR A 1 90  ? -12.561 -4.085  -14.576 1.00 51.98  ? 415 THR A OG1 1 
ATOM   609  C CG2 . THR A 1 90  ? -11.938 -5.069  -16.688 1.00 50.00  ? 415 THR A CG2 1 
ATOM   610  N N   . TYR A 1 91  ? -11.225 -6.132  -12.385 1.00 37.57  ? 416 TYR A N   1 
ATOM   611  C CA  . TYR A 1 91  ? -11.936 -6.928  -11.389 1.00 34.50  ? 416 TYR A CA  1 
ATOM   612  C C   . TYR A 1 91  ? -13.009 -6.121  -10.703 1.00 36.77  ? 416 TYR A C   1 
ATOM   613  O O   . TYR A 1 91  ? -12.869 -4.908  -10.531 1.00 35.94  ? 416 TYR A O   1 
ATOM   614  C CB  . TYR A 1 91  ? -10.968 -7.463  -10.344 1.00 34.15  ? 416 TYR A CB  1 
ATOM   615  C CG  . TYR A 1 91  ? -9.863  -8.306  -10.917 1.00 30.65  ? 416 TYR A CG  1 
ATOM   616  C CD1 . TYR A 1 91  ? -8.808  -7.725  -11.626 1.00 32.53  ? 416 TYR A CD1 1 
ATOM   617  C CD2 . TYR A 1 91  ? -9.883  -9.686  -10.775 1.00 31.72  ? 416 TYR A CD2 1 
ATOM   618  C CE1 . TYR A 1 91  ? -7.800  -8.508  -12.175 1.00 34.27  ? 416 TYR A CE1 1 
ATOM   619  C CE2 . TYR A 1 91  ? -8.884  -10.475 -11.322 1.00 32.11  ? 416 TYR A CE2 1 
ATOM   620  C CZ  . TYR A 1 91  ? -7.847  -9.881  -12.019 1.00 33.86  ? 416 TYR A CZ  1 
ATOM   621  O OH  . TYR A 1 91  ? -6.857  -10.671 -12.558 1.00 41.22  ? 416 TYR A OH  1 
ATOM   622  N N   . GLN A 1 92  ? -14.080 -6.795  -10.295 1.00 37.58  ? 417 GLN A N   1 
ATOM   623  C CA  . GLN A 1 92  ? -15.177 -6.095  -9.656  1.00 39.43  ? 417 GLN A CA  1 
ATOM   624  C C   . GLN A 1 92  ? -15.616 -6.713  -8.340  1.00 39.40  ? 417 GLN A C   1 
ATOM   625  O O   . GLN A 1 92  ? -15.730 -7.931  -8.207  1.00 39.63  ? 417 GLN A O   1 
ATOM   626  C CB  . GLN A 1 92  ? -16.383 -6.018  -10.606 1.00 41.37  ? 417 GLN A CB  1 
ATOM   627  C CG  . GLN A 1 92  ? -17.520 -5.139  -10.088 1.00 51.81  ? 417 GLN A CG  1 
ATOM   628  C CD  . GLN A 1 92  ? -18.751 -5.169  -10.978 1.00 61.69  ? 417 GLN A CD  1 
ATOM   629  O OE1 . GLN A 1 92  ? -19.458 -6.179  -11.050 1.00 67.15  ? 417 GLN A OE1 1 
ATOM   630  N NE2 . GLN A 1 92  ? -19.013 -4.057  -11.666 1.00 63.64  ? 417 GLN A NE2 1 
ATOM   631  N N   . CYS A 1 93  ? -15.865 -5.853  -7.368  1.00 39.29  ? 418 CYS A N   1 
ATOM   632  C CA  . CYS A 1 93  ? -16.334 -6.294  -6.073  1.00 41.80  ? 418 CYS A CA  1 
ATOM   633  C C   . CYS A 1 93  ? -17.780 -5.844  -5.974  1.00 42.50  ? 418 CYS A C   1 
ATOM   634  O O   . CYS A 1 93  ? -18.076 -4.655  -6.087  1.00 43.33  ? 418 CYS A O   1 
ATOM   635  C CB  . CYS A 1 93  ? -15.522 -5.654  -4.934  1.00 41.95  ? 418 CYS A CB  1 
ATOM   636  S SG  . CYS A 1 93  ? -16.072 -6.192  -3.281  1.00 54.15  ? 418 CYS A SG  1 
ATOM   637  N N   . ARG A 1 94  ? -18.680 -6.797  -5.788  1.00 43.98  ? 419 ARG A N   1 
ATOM   638  C CA  . ARG A 1 94  ? -20.095 -6.490  -5.637  1.00 47.51  ? 419 ARG A CA  1 
ATOM   639  C C   . ARG A 1 94  ? -20.414 -6.677  -4.156  1.00 48.11  ? 419 ARG A C   1 
ATOM   640  O O   . ARG A 1 94  ? -20.401 -7.796  -3.647  1.00 47.85  ? 419 ARG A O   1 
ATOM   641  C CB  . ARG A 1 94  ? -20.934 -7.431  -6.512  1.00 49.08  ? 419 ARG A CB  1 
ATOM   642  C CG  . ARG A 1 94  ? -22.406 -7.485  -6.152  1.00 54.11  ? 419 ARG A CG  1 
ATOM   643  C CD  . ARG A 1 94  ? -23.226 -8.187  -7.242  1.00 64.71  ? 419 ARG A CD  1 
ATOM   644  N NE  . ARG A 1 94  ? -24.580 -8.515  -6.801  1.00 64.09  ? 419 ARG A NE  1 
ATOM   645  C CZ  . ARG A 1 94  ? -24.914 -9.663  -6.217  1.00 70.31  ? 419 ARG A CZ  1 
ATOM   646  N NH1 . ARG A 1 94  ? -23.993 -10.597 -6.013  1.00 68.32  ? 419 ARG A NH1 1 
ATOM   647  N NH2 . ARG A 1 94  ? -26.166 -9.874  -5.824  1.00 71.53  ? 419 ARG A NH2 1 
ATOM   648  N N   . VAL A 1 95  ? -20.663 -5.571  -3.460  1.00 51.04  ? 420 VAL A N   1 
ATOM   649  C CA  . VAL A 1 95  ? -20.966 -5.620  -2.035  1.00 56.22  ? 420 VAL A CA  1 
ATOM   650  C C   . VAL A 1 95  ? -22.473 -5.689  -1.796  1.00 61.25  ? 420 VAL A C   1 
ATOM   651  O O   . VAL A 1 95  ? -23.234 -4.868  -2.314  1.00 60.11  ? 420 VAL A O   1 
ATOM   652  C CB  . VAL A 1 95  ? -20.407 -4.389  -1.294  1.00 54.44  ? 420 VAL A CB  1 
ATOM   653  C CG1 . VAL A 1 95  ? -20.714 -4.505  0.194   1.00 52.69  ? 420 VAL A CG1 1 
ATOM   654  C CG2 . VAL A 1 95  ? -18.903 -4.272  -1.524  1.00 55.45  ? 420 VAL A CG2 1 
ATOM   655  N N   . THR A 1 96  ? -22.893 -6.671  -1.005  1.00 66.23  ? 421 THR A N   1 
ATOM   656  C CA  . THR A 1 96  ? -24.309 -6.856  -0.703  1.00 73.18  ? 421 THR A CA  1 
ATOM   657  C C   . THR A 1 96  ? -24.621 -6.776  0.784   1.00 76.87  ? 421 THR A C   1 
ATOM   658  O O   . THR A 1 96  ? -24.434 -7.752  1.510   1.00 77.93  ? 421 THR A O   1 
ATOM   659  C CB  . THR A 1 96  ? -24.809 -8.218  -1.213  1.00 73.75  ? 421 THR A CB  1 
ATOM   660  O OG1 . THR A 1 96  ? -24.652 -8.281  -2.635  1.00 77.71  ? 421 THR A OG1 1 
ATOM   661  C CG2 . THR A 1 96  ? -26.273 -8.412  -0.866  1.00 75.35  ? 421 THR A CG2 1 
ATOM   662  N N   . HIS A 1 97  ? -25.102 -5.619  1.233   1.00 81.02  ? 422 HIS A N   1 
ATOM   663  C CA  . HIS A 1 97  ? -25.450 -5.437  2.640   1.00 86.07  ? 422 HIS A CA  1 
ATOM   664  C C   . HIS A 1 97  ? -26.966 -5.561  2.769   1.00 89.67  ? 422 HIS A C   1 
ATOM   665  O O   . HIS A 1 97  ? -27.710 -5.037  1.942   1.00 90.00  ? 422 HIS A O   1 
ATOM   666  C CB  . HIS A 1 97  ? -24.986 -4.067  3.142   1.00 87.43  ? 422 HIS A CB  1 
ATOM   667  C CG  . HIS A 1 97  ? -24.879 -3.974  4.634   1.00 90.73  ? 422 HIS A CG  1 
ATOM   668  N ND1 . HIS A 1 97  ? -24.057 -4.794  5.373   1.00 93.83  ? 422 HIS A ND1 1 
ATOM   669  C CD2 . HIS A 1 97  ? -25.496 -3.158  5.524   1.00 91.89  ? 422 HIS A CD2 1 
ATOM   670  C CE1 . HIS A 1 97  ? -24.171 -4.491  6.656   1.00 94.70  ? 422 HIS A CE1 1 
ATOM   671  N NE2 . HIS A 1 97  ? -25.038 -3.502  6.773   1.00 93.25  ? 422 HIS A NE2 1 
ATOM   672  N N   . PRO A 1 98  ? -27.440 -6.246  3.823   1.00 92.64  ? 423 PRO A N   1 
ATOM   673  C CA  . PRO A 1 98  ? -28.866 -6.469  4.087   1.00 95.19  ? 423 PRO A CA  1 
ATOM   674  C C   . PRO A 1 98  ? -29.883 -5.343  3.853   1.00 97.06  ? 423 PRO A C   1 
ATOM   675  O O   . PRO A 1 98  ? -30.832 -5.521  3.091   1.00 97.57  ? 423 PRO A O   1 
ATOM   676  C CB  . PRO A 1 98  ? -28.873 -6.961  5.541   1.00 95.56  ? 423 PRO A CB  1 
ATOM   677  C CG  . PRO A 1 98  ? -27.606 -6.396  6.113   1.00 93.94  ? 423 PRO A CG  1 
ATOM   678  C CD  . PRO A 1 98  ? -26.640 -6.636  4.996   1.00 93.12  ? 423 PRO A CD  1 
ATOM   679  N N   . HIS A 1 99  ? -29.684 -4.193  4.486   1.00 98.71  ? 424 HIS A N   1 
ATOM   680  C CA  . HIS A 1 99  ? -30.636 -3.085  4.382   1.00 100.16 ? 424 HIS A CA  1 
ATOM   681  C C   . HIS A 1 99  ? -30.706 -2.198  3.140   1.00 99.67  ? 424 HIS A C   1 
ATOM   682  O O   . HIS A 1 99  ? -31.786 -1.734  2.775   1.00 99.61  ? 424 HIS A O   1 
ATOM   683  C CB  . HIS A 1 99  ? -30.481 -2.184  5.606   1.00 102.42 ? 424 HIS A CB  1 
ATOM   684  C CG  . HIS A 1 99  ? -30.728 -2.888  6.901   1.00 105.47 ? 424 HIS A CG  1 
ATOM   685  N ND1 . HIS A 1 99  ? -29.761 -3.015  7.876   1.00 107.10 ? 424 HIS A ND1 1 
ATOM   686  C CD2 . HIS A 1 99  ? -31.840 -3.476  7.397   1.00 97.46  ? 424 HIS A CD2 1 
ATOM   687  C CE1 . HIS A 1 99  ? -30.270 -3.650  8.916   1.00 106.81 ? 424 HIS A CE1 1 
ATOM   688  N NE2 . HIS A 1 99  ? -31.530 -3.941  8.651   1.00 106.61 ? 424 HIS A NE2 1 
ATOM   689  N N   . LEU A 1 100 ? -29.576 -1.955  2.491   1.00 99.19  ? 425 LEU A N   1 
ATOM   690  C CA  . LEU A 1 100 ? -29.551 -1.077  1.325   1.00 99.01  ? 425 LEU A CA  1 
ATOM   691  C C   . LEU A 1 100 ? -30.260 -1.584  0.068   1.00 98.36  ? 425 LEU A C   1 
ATOM   692  O O   . LEU A 1 100 ? -30.248 -2.779  -0.234  1.00 98.39  ? 425 LEU A O   1 
ATOM   693  C CB  . LEU A 1 100 ? -28.103 -0.725  1.014   1.00 100.66 ? 425 LEU A CB  1 
ATOM   694  C CG  . LEU A 1 100 ? -27.386 -0.332  2.309   1.00 101.95 ? 425 LEU A CG  1 
ATOM   695  C CD1 . LEU A 1 100 ? -25.934 -0.016  2.026   1.00 102.59 ? 425 LEU A CD1 1 
ATOM   696  C CD2 . LEU A 1 100 ? -28.092 0.861   2.940   1.00 103.85 ? 425 LEU A CD2 1 
ATOM   697  N N   . PRO A 1 101 ? -30.887 -0.662  -0.687  1.00 97.57  ? 426 PRO A N   1 
ATOM   698  C CA  . PRO A 1 101 ? -31.613 -0.988  -1.919  1.00 96.82  ? 426 PRO A CA  1 
ATOM   699  C C   . PRO A 1 101 ? -30.735 -1.639  -2.978  1.00 95.53  ? 426 PRO A C   1 
ATOM   700  O O   . PRO A 1 101 ? -30.869 -2.830  -3.255  1.00 95.77  ? 426 PRO A O   1 
ATOM   701  C CB  . PRO A 1 101 ? -32.160 0.368   -2.365  1.00 97.13  ? 426 PRO A CB  1 
ATOM   702  C CG  . PRO A 1 101 ? -31.117 1.330   -1.868  1.00 97.88  ? 426 PRO A CG  1 
ATOM   703  C CD  . PRO A 1 101 ? -30.850 0.797   -0.477  1.00 97.70  ? 426 PRO A CD  1 
ATOM   704  N N   . ARG A 1 102 ? -29.841 -0.855  -3.572  1.00 94.16  ? 427 ARG A N   1 
ATOM   705  C CA  . ARG A 1 102 ? -28.948 -1.381  -4.594  1.00 92.52  ? 427 ARG A CA  1 
ATOM   706  C C   . ARG A 1 102 ? -27.656 -1.895  -3.965  1.00 89.85  ? 427 ARG A C   1 
ATOM   707  O O   . ARG A 1 102 ? -27.252 -1.456  -2.886  1.00 89.26  ? 427 ARG A O   1 
ATOM   708  C CB  . ARG A 1 102 ? -28.622 -0.305  -5.640  1.00 97.34  ? 427 ARG A CB  1 
ATOM   709  C CG  . ARG A 1 102 ? -27.852 -0.855  -6.840  1.00 99.32  ? 427 ARG A CG  1 
ATOM   710  C CD  . ARG A 1 102 ? -27.468 0.207   -7.868  1.00 105.99 ? 427 ARG A CD  1 
ATOM   711  N NE  . ARG A 1 102 ? -26.864 -0.410  -9.051  1.00 111.10 ? 427 ARG A NE  1 
ATOM   712  C CZ  . ARG A 1 102 ? -26.346 0.257   -10.079 1.00 111.66 ? 427 ARG A CZ  1 
ATOM   713  N NH1 . ARG A 1 102 ? -26.345 1.584   -10.086 1.00 111.70 ? 427 ARG A NH1 1 
ATOM   714  N NH2 . ARG A 1 102 ? -25.834 -0.407  -11.108 1.00 110.09 ? 427 ARG A NH2 1 
ATOM   715  N N   . ALA A 1 103 ? -27.017 -2.840  -4.644  1.00 86.56  ? 428 ALA A N   1 
ATOM   716  C CA  . ALA A 1 103 ? -25.768 -3.409  -4.169  1.00 82.70  ? 428 ALA A CA  1 
ATOM   717  C C   . ALA A 1 103 ? -24.620 -2.488  -4.564  1.00 80.03  ? 428 ALA A C   1 
ATOM   718  O O   . ALA A 1 103 ? -24.639 -1.888  -5.637  1.00 80.29  ? 428 ALA A O   1 
ATOM   719  C CB  . ALA A 1 103 ? -25.563 -4.789  -4.778  1.00 83.85  ? 428 ALA A CB  1 
ATOM   720  N N   . LEU A 1 104 ? -23.627 -2.369  -3.689  1.00 76.76  ? 429 LEU A N   1 
ATOM   721  C CA  . LEU A 1 104 ? -22.466 -1.535  -3.968  1.00 72.72  ? 429 LEU A CA  1 
ATOM   722  C C   . LEU A 1 104 ? -21.567 -2.270  -4.947  1.00 69.67  ? 429 LEU A C   1 
ATOM   723  O O   . LEU A 1 104 ? -21.388 -3.483  -4.845  1.00 68.64  ? 429 LEU A O   1 
ATOM   724  C CB  . LEU A 1 104 ? -21.690 -1.240  -2.680  1.00 73.60  ? 429 LEU A CB  1 
ATOM   725  C CG  . LEU A 1 104 ? -22.054 0.037   -1.922  1.00 73.35  ? 429 LEU A CG  1 
ATOM   726  C CD1 . LEU A 1 104 ? -21.340 0.077   -0.579  1.00 72.09  ? 429 LEU A CD1 1 
ATOM   727  C CD2 . LEU A 1 104 ? -21.669 1.241   -2.771  1.00 76.40  ? 429 LEU A CD2 1 
ATOM   728  N N   . MET A 1 105 ? -21.007 -1.538  -5.901  1.00 66.83  ? 430 MET A N   1 
ATOM   729  C CA  . MET A 1 105 ? -20.126 -2.148  -6.882  1.00 64.81  ? 430 MET A CA  1 
ATOM   730  C C   . MET A 1 105 ? -18.876 -1.309  -7.096  1.00 61.41  ? 430 MET A C   1 
ATOM   731  O O   . MET A 1 105 ? -18.953 -0.108  -7.367  1.00 60.84  ? 430 MET A O   1 
ATOM   732  C CB  . MET A 1 105 ? -20.867 -2.342  -8.204  1.00 68.22  ? 430 MET A CB  1 
ATOM   733  C CG  . MET A 1 105 ? -22.156 -3.132  -8.051  1.00 74.39  ? 430 MET A CG  1 
ATOM   734  S SD  . MET A 1 105 ? -23.010 -3.388  -9.606  1.00 83.18  ? 430 MET A SD  1 
ATOM   735  C CE  . MET A 1 105 ? -23.344 -1.678  -10.091 1.00 84.12  ? 430 MET A CE  1 
ATOM   736  N N   . ARG A 1 106 ? -17.722 -1.953  -6.960  1.00 57.17  ? 431 ARG A N   1 
ATOM   737  C CA  . ARG A 1 106 ? -16.443 -1.277  -7.139  1.00 54.04  ? 431 ARG A CA  1 
ATOM   738  C C   . ARG A 1 106 ? -15.609 -2.087  -8.113  1.00 50.58  ? 431 ARG A C   1 
ATOM   739  O O   . ARG A 1 106 ? -15.665 -3.315  -8.111  1.00 50.46  ? 431 ARG A O   1 
ATOM   740  C CB  . ARG A 1 106 ? -15.714 -1.152  -5.795  1.00 55.16  ? 431 ARG A CB  1 
ATOM   741  C CG  . ARG A 1 106 ? -16.430 -0.274  -4.776  1.00 59.24  ? 431 ARG A CG  1 
ATOM   742  C CD  . ARG A 1 106 ? -16.533 1.159   -5.272  1.00 63.93  ? 431 ARG A CD  1 
ATOM   743  N NE  . ARG A 1 106 ? -17.309 2.006   -4.371  1.00 70.30  ? 431 ARG A NE  1 
ATOM   744  C CZ  . ARG A 1 106 ? -17.633 3.269   -4.629  1.00 76.24  ? 431 ARG A CZ  1 
ATOM   745  N NH1 . ARG A 1 106 ? -17.248 3.838   -5.768  1.00 77.83  ? 431 ARG A NH1 1 
ATOM   746  N NH2 . ARG A 1 106 ? -18.344 3.964   -3.751  1.00 77.12  ? 431 ARG A NH2 1 
ATOM   747  N N   . SER A 1 107 ? -14.846 -1.401  -8.954  1.00 46.92  ? 432 SER A N   1 
ATOM   748  C CA  . SER A 1 107 ? -14.003 -2.077  -9.926  1.00 45.15  ? 432 SER A CA  1 
ATOM   749  C C   . SER A 1 107 ? -12.608 -1.484  -9.918  1.00 42.49  ? 432 SER A C   1 
ATOM   750  O O   . SER A 1 107 ? -12.416 -0.332  -9.524  1.00 42.76  ? 432 SER A O   1 
ATOM   751  C CB  . SER A 1 107 ? -14.616 -1.967  -11.325 1.00 44.31  ? 432 SER A CB  1 
ATOM   752  O OG  . SER A 1 107 ? -14.801 -0.614  -11.676 1.00 49.96  ? 432 SER A OG  1 
ATOM   753  N N   . THR A 1 108 ? -11.635 -2.267  -10.364 1.00 40.28  ? 433 THR A N   1 
ATOM   754  C CA  . THR A 1 108 ? -10.253 -1.808  -10.379 1.00 39.71  ? 433 THR A CA  1 
ATOM   755  C C   . THR A 1 108 ? -9.474  -2.452  -11.516 1.00 39.49  ? 433 THR A C   1 
ATOM   756  O O   . THR A 1 108 ? -9.781  -3.569  -11.928 1.00 40.22  ? 433 THR A O   1 
ATOM   757  C CB  . THR A 1 108 ? -9.551  -2.139  -9.041  1.00 38.07  ? 433 THR A CB  1 
ATOM   758  O OG1 . THR A 1 108 ? -8.223  -1.607  -9.057  1.00 39.56  ? 433 THR A OG1 1 
ATOM   759  C CG2 . THR A 1 108 ? -9.471  -3.646  -8.833  1.00 36.99  ? 433 THR A CG2 1 
ATOM   760  N N   . THR A 1 109 ? -8.471  -1.735  -12.018 1.00 39.18  ? 434 THR A N   1 
ATOM   761  C CA  . THR A 1 109 ? -7.617  -2.203  -13.106 1.00 40.70  ? 434 THR A CA  1 
ATOM   762  C C   . THR A 1 109 ? -6.275  -1.485  -13.002 1.00 40.23  ? 434 THR A C   1 
ATOM   763  O O   . THR A 1 109 ? -6.146  -0.529  -12.245 1.00 41.18  ? 434 THR A O   1 
ATOM   764  C CB  . THR A 1 109 ? -8.226  -1.860  -14.484 1.00 43.01  ? 434 THR A CB  1 
ATOM   765  O OG1 . THR A 1 109 ? -8.220  -0.438  -14.680 1.00 47.85  ? 434 THR A OG1 1 
ATOM   766  C CG2 . THR A 1 109 ? -9.649  -2.301  -14.545 1.00 48.67  ? 434 THR A CG2 1 
ATOM   767  N N   . LYS A 1 110 ? -5.283  -1.930  -13.761 1.00 40.97  ? 435 LYS A N   1 
ATOM   768  C CA  . LYS A 1 110 ? -3.994  -1.267  -13.717 1.00 45.73  ? 435 LYS A CA  1 
ATOM   769  C C   . LYS A 1 110 ? -4.222  0.141   -14.253 1.00 48.93  ? 435 LYS A C   1 
ATOM   770  O O   . LYS A 1 110 ? -5.083  0.351   -15.097 1.00 48.49  ? 435 LYS A O   1 
ATOM   771  C CB  . LYS A 1 110 ? -2.988  -2.002  -14.584 1.00 45.94  ? 435 LYS A CB  1 
ATOM   772  N N   . THR A 1 111 ? -3.473  1.113   -13.749 1.00 52.01  ? 436 THR A N   1 
ATOM   773  C CA  . THR A 1 111 ? -3.620  2.481   -14.233 1.00 54.88  ? 436 THR A CA  1 
ATOM   774  C C   . THR A 1 111 ? -2.809  2.596   -15.517 1.00 55.70  ? 436 THR A C   1 
ATOM   775  O O   . THR A 1 111 ? -1.711  2.054   -15.610 1.00 55.21  ? 436 THR A O   1 
ATOM   776  C CB  . THR A 1 111 ? -3.086  3.513   -13.208 1.00 56.24  ? 436 THR A CB  1 
ATOM   777  O OG1 . THR A 1 111 ? -3.894  3.474   -12.023 1.00 60.56  ? 436 THR A OG1 1 
ATOM   778  C CG2 . THR A 1 111 ? -3.117  4.922   -13.794 1.00 57.04  ? 436 THR A CG2 1 
ATOM   779  N N   . SER A 1 112 ? -3.362  3.277   -16.513 1.00 57.93  ? 437 SER A N   1 
ATOM   780  C CA  . SER A 1 112 ? -2.662  3.464   -17.777 1.00 60.42  ? 437 SER A CA  1 
ATOM   781  C C   . SER A 1 112 ? -1.984  4.827   -17.713 1.00 60.49  ? 437 SER A C   1 
ATOM   782  O O   . SER A 1 112 ? -1.963  5.465   -16.657 1.00 60.21  ? 437 SER A O   1 
ATOM   783  C CB  . SER A 1 112 ? -3.647  3.412   -18.955 1.00 61.57  ? 437 SER A CB  1 
ATOM   784  O OG  . SER A 1 112 ? -4.630  4.431   -18.847 1.00 65.51  ? 437 SER A OG  1 
ATOM   785  N N   . GLY A 1 113 ? -1.427  5.269   -18.837 1.00 60.09  ? 438 GLY A N   1 
ATOM   786  C CA  . GLY A 1 113 ? -0.760  6.557   -18.855 1.00 58.42  ? 438 GLY A CA  1 
ATOM   787  C C   . GLY A 1 113 ? 0.744   6.416   -18.763 1.00 57.80  ? 438 GLY A C   1 
ATOM   788  O O   . GLY A 1 113 ? 1.252   5.308   -18.602 1.00 56.51  ? 438 GLY A O   1 
ATOM   789  N N   . PRO A 1 114 ? 1.487   7.529   -18.871 1.00 57.81  ? 439 PRO A N   1 
ATOM   790  C CA  . PRO A 1 114 ? 2.949   7.527   -18.802 1.00 56.19  ? 439 PRO A CA  1 
ATOM   791  C C   . PRO A 1 114 ? 3.476   6.969   -17.485 1.00 53.91  ? 439 PRO A C   1 
ATOM   792  O O   . PRO A 1 114 ? 2.768   6.948   -16.475 1.00 53.91  ? 439 PRO A O   1 
ATOM   793  C CB  . PRO A 1 114 ? 3.303   9.004   -18.983 1.00 57.79  ? 439 PRO A CB  1 
ATOM   794  C CG  . PRO A 1 114 ? 2.199   9.506   -19.846 1.00 58.60  ? 439 PRO A CG  1 
ATOM   795  C CD  . PRO A 1 114 ? 0.990   8.878   -19.196 1.00 60.65  ? 439 PRO A CD  1 
ATOM   796  N N   . ARG A 1 115 ? 4.726   6.520   -17.510 1.00 51.09  ? 440 ARG A N   1 
ATOM   797  C CA  . ARG A 1 115 ? 5.378   5.967   -16.328 1.00 48.90  ? 440 ARG A CA  1 
ATOM   798  C C   . ARG A 1 115 ? 6.617   6.813   -16.070 1.00 45.83  ? 440 ARG A C   1 
ATOM   799  O O   . ARG A 1 115 ? 7.183   7.382   -17.003 1.00 45.88  ? 440 ARG A O   1 
ATOM   800  C CB  . ARG A 1 115 ? 5.802   4.516   -16.570 1.00 49.95  ? 440 ARG A CB  1 
ATOM   801  C CG  . ARG A 1 115 ? 4.728   3.633   -17.176 1.00 59.03  ? 440 ARG A CG  1 
ATOM   802  C CD  . ARG A 1 115 ? 3.593   3.304   -16.212 1.00 65.31  ? 440 ARG A CD  1 
ATOM   803  N NE  . ARG A 1 115 ? 2.429   2.805   -16.942 1.00 72.31  ? 440 ARG A NE  1 
ATOM   804  C CZ  . ARG A 1 115 ? 1.360   2.248   -16.384 1.00 74.99  ? 440 ARG A CZ  1 
ATOM   805  N NH1 . ARG A 1 115 ? 1.285   2.101   -15.072 1.00 77.22  ? 440 ARG A NH1 1 
ATOM   806  N NH2 . ARG A 1 115 ? 0.356   1.839   -17.147 1.00 78.59  ? 440 ARG A NH2 1 
ATOM   807  N N   . ALA A 1 116 ? 7.029   6.896   -14.808 1.00 42.09  ? 441 ALA A N   1 
ATOM   808  C CA  . ALA A 1 116 ? 8.215   7.658   -14.425 1.00 39.26  ? 441 ALA A CA  1 
ATOM   809  C C   . ALA A 1 116 ? 8.771   7.040   -13.155 1.00 38.22  ? 441 ALA A C   1 
ATOM   810  O O   . ALA A 1 116 ? 8.027   6.765   -12.217 1.00 38.95  ? 441 ALA A O   1 
ATOM   811  C CB  . ALA A 1 116 ? 7.861   9.118   -14.188 1.00 36.56  ? 441 ALA A CB  1 
ATOM   812  N N   . ALA A 1 117 ? 10.079  6.826   -13.130 1.00 37.22  ? 442 ALA A N   1 
ATOM   813  C CA  . ALA A 1 117 ? 10.729  6.217   -11.988 1.00 37.60  ? 442 ALA A CA  1 
ATOM   814  C C   . ALA A 1 117 ? 10.725  7.106   -10.753 1.00 38.65  ? 442 ALA A C   1 
ATOM   815  O O   . ALA A 1 117 ? 10.643  8.327   -10.855 1.00 40.22  ? 442 ALA A O   1 
ATOM   816  C CB  . ALA A 1 117 ? 12.156  5.849   -12.352 1.00 37.17  ? 442 ALA A CB  1 
ATOM   817  N N   . PRO A 1 118 ? 10.803  6.490   -9.561  1.00 38.04  ? 443 PRO A N   1 
ATOM   818  C CA  . PRO A 1 118 ? 10.818  7.190   -8.274  1.00 36.79  ? 443 PRO A CA  1 
ATOM   819  C C   . PRO A 1 118 ? 12.232  7.676   -7.953  1.00 38.14  ? 443 PRO A C   1 
ATOM   820  O O   . PRO A 1 118 ? 13.211  7.022   -8.322  1.00 37.39  ? 443 PRO A O   1 
ATOM   821  C CB  . PRO A 1 118 ? 10.400  6.107   -7.273  1.00 36.30  ? 443 PRO A CB  1 
ATOM   822  C CG  . PRO A 1 118 ? 9.812   5.007   -8.111  1.00 36.35  ? 443 PRO A CG  1 
ATOM   823  C CD  . PRO A 1 118 ? 10.634  5.043   -9.356  1.00 37.85  ? 443 PRO A CD  1 
ATOM   824  N N   . GLU A 1 119 ? 12.328  8.820   -7.283  1.00 36.28  ? 444 GLU A N   1 
ATOM   825  C CA  . GLU A 1 119 ? 13.611  9.368   -6.853  1.00 35.57  ? 444 GLU A CA  1 
ATOM   826  C C   . GLU A 1 119 ? 13.535  9.200   -5.337  1.00 33.87  ? 444 GLU A C   1 
ATOM   827  O O   . GLU A 1 119 ? 12.532  9.575   -4.716  1.00 33.43  ? 444 GLU A O   1 
ATOM   828  C CB  . GLU A 1 119 ? 13.724  10.847  -7.229  1.00 38.68  ? 444 GLU A CB  1 
ATOM   829  N N   . VAL A 1 120 ? 14.588  8.643   -4.747  1.00 30.18  ? 445 VAL A N   1 
ATOM   830  C CA  . VAL A 1 120 ? 14.606  8.369   -3.318  1.00 28.24  ? 445 VAL A CA  1 
ATOM   831  C C   . VAL A 1 120 ? 15.672  9.129   -2.533  1.00 28.44  ? 445 VAL A C   1 
ATOM   832  O O   . VAL A 1 120 ? 16.834  9.164   -2.922  1.00 26.78  ? 445 VAL A O   1 
ATOM   833  C CB  . VAL A 1 120 ? 14.814  6.850   -3.082  1.00 28.10  ? 445 VAL A CB  1 
ATOM   834  C CG1 . VAL A 1 120 ? 14.825  6.537   -1.599  1.00 25.56  ? 445 VAL A CG1 1 
ATOM   835  C CG2 . VAL A 1 120 ? 13.734  6.070   -3.795  1.00 26.30  ? 445 VAL A CG2 1 
ATOM   836  N N   . TYR A 1 121 ? 15.265  9.719   -1.416  1.00 27.87  ? 446 TYR A N   1 
ATOM   837  C CA  . TYR A 1 121 ? 16.193  10.452  -0.575  1.00 27.91  ? 446 TYR A CA  1 
ATOM   838  C C   . TYR A 1 121 ? 15.900  10.186  0.892   1.00 27.06  ? 446 TYR A C   1 
ATOM   839  O O   . TYR A 1 121 ? 14.860  10.587  1.415   1.00 27.96  ? 446 TYR A O   1 
ATOM   840  C CB  . TYR A 1 121 ? 16.125  11.964  -0.857  1.00 26.45  ? 446 TYR A CB  1 
ATOM   841  C CG  . TYR A 1 121 ? 17.076  12.736  0.021   1.00 26.59  ? 446 TYR A CG  1 
ATOM   842  C CD1 . TYR A 1 121 ? 18.441  12.429  0.028   1.00 28.48  ? 446 TYR A CD1 1 
ATOM   843  C CD2 . TYR A 1 121 ? 16.619  13.742  0.876   1.00 29.02  ? 446 TYR A CD2 1 
ATOM   844  C CE1 . TYR A 1 121 ? 19.329  13.104  0.870   1.00 33.24  ? 446 TYR A CE1 1 
ATOM   845  C CE2 . TYR A 1 121 ? 17.498  14.429  1.722   1.00 31.33  ? 446 TYR A CE2 1 
ATOM   846  C CZ  . TYR A 1 121 ? 18.850  14.100  1.711   1.00 36.01  ? 446 TYR A CZ  1 
ATOM   847  O OH  . TYR A 1 121 ? 19.724  14.749  2.545   1.00 36.54  ? 446 TYR A OH  1 
ATOM   848  N N   . ALA A 1 122 ? 16.826  9.508   1.555   1.00 28.07  ? 447 ALA A N   1 
ATOM   849  C CA  . ALA A 1 122 ? 16.665  9.156   2.964   1.00 27.67  ? 447 ALA A CA  1 
ATOM   850  C C   . ALA A 1 122 ? 17.569  10.036  3.808   1.00 29.19  ? 447 ALA A C   1 
ATOM   851  O O   . ALA A 1 122 ? 18.657  10.391  3.364   1.00 31.10  ? 447 ALA A O   1 
ATOM   852  C CB  . ALA A 1 122 ? 17.018  7.695   3.165   1.00 23.97  ? 447 ALA A CB  1 
ATOM   853  N N   . PHE A 1 123 ? 17.140  10.388  5.018   1.00 29.56  ? 448 PHE A N   1 
ATOM   854  C CA  . PHE A 1 123 ? 17.961  11.256  5.848   1.00 32.50  ? 448 PHE A CA  1 
ATOM   855  C C   . PHE A 1 123 ? 17.604  11.182  7.318   1.00 33.67  ? 448 PHE A C   1 
ATOM   856  O O   . PHE A 1 123 ? 16.550  10.678  7.686   1.00 35.26  ? 448 PHE A O   1 
ATOM   857  C CB  . PHE A 1 123 ? 17.814  12.703  5.368   1.00 35.29  ? 448 PHE A CB  1 
ATOM   858  C CG  . PHE A 1 123 ? 16.430  13.262  5.574   1.00 37.04  ? 448 PHE A CG  1 
ATOM   859  C CD1 . PHE A 1 123 ? 16.075  13.849  6.790   1.00 36.66  ? 448 PHE A CD1 1 
ATOM   860  C CD2 . PHE A 1 123 ? 15.463  13.150  4.573   1.00 34.95  ? 448 PHE A CD2 1 
ATOM   861  C CE1 . PHE A 1 123 ? 14.768  14.309  7.005   1.00 40.91  ? 448 PHE A CE1 1 
ATOM   862  C CE2 . PHE A 1 123 ? 14.155  13.604  4.779   1.00 35.99  ? 448 PHE A CE2 1 
ATOM   863  C CZ  . PHE A 1 123 ? 13.808  14.185  5.996   1.00 35.15  ? 448 PHE A CZ  1 
ATOM   864  N N   . ALA A 1 124 ? 18.489  11.701  8.160   1.00 35.81  ? 449 ALA A N   1 
ATOM   865  C CA  . ALA A 1 124 ? 18.248  11.711  9.595   1.00 37.63  ? 449 ALA A CA  1 
ATOM   866  C C   . ALA A 1 124 ? 17.942  13.127  10.071  1.00 40.96  ? 449 ALA A C   1 
ATOM   867  O O   . ALA A 1 124 ? 18.441  14.101  9.518   1.00 40.14  ? 449 ALA A O   1 
ATOM   868  C CB  . ALA A 1 124 ? 19.458  11.170  10.335  1.00 33.60  ? 449 ALA A CB  1 
ATOM   869  N N   . THR A 1 125 ? 17.110  13.218  11.099  1.00 45.40  ? 450 THR A N   1 
ATOM   870  C CA  . THR A 1 125 ? 16.730  14.482  11.701  1.00 50.82  ? 450 THR A CA  1 
ATOM   871  C C   . THR A 1 125 ? 17.768  14.825  12.773  1.00 53.78  ? 450 THR A C   1 
ATOM   872  O O   . THR A 1 125 ? 18.200  13.954  13.532  1.00 54.14  ? 450 THR A O   1 
ATOM   873  C CB  . THR A 1 125 ? 15.349  14.368  12.370  1.00 51.45  ? 450 THR A CB  1 
ATOM   874  O OG1 . THR A 1 125 ? 14.409  13.830  11.431  1.00 54.12  ? 450 THR A OG1 1 
ATOM   875  C CG2 . THR A 1 125 ? 14.866  15.731  12.837  1.00 55.58  ? 450 THR A CG2 1 
ATOM   876  N N   . PRO A 1 126 ? 18.180  16.099  12.851  1.00 56.74  ? 451 PRO A N   1 
ATOM   877  C CA  . PRO A 1 126 ? 19.171  16.513  13.849  1.00 59.05  ? 451 PRO A CA  1 
ATOM   878  C C   . PRO A 1 126 ? 18.711  16.188  15.269  1.00 61.00  ? 451 PRO A C   1 
ATOM   879  O O   . PRO A 1 126 ? 17.594  16.529  15.665  1.00 59.71  ? 451 PRO A O   1 
ATOM   880  C CB  . PRO A 1 126 ? 19.284  18.021  13.621  1.00 60.52  ? 451 PRO A CB  1 
ATOM   881  C CG  . PRO A 1 126 ? 18.934  18.187  12.176  1.00 61.14  ? 451 PRO A CG  1 
ATOM   882  C CD  . PRO A 1 126 ? 17.761  17.242  12.024  1.00 59.39  ? 451 PRO A CD  1 
ATOM   883  N N   . GLU A 1 127 ? 19.561  15.515  16.034  1.00 64.30  ? 452 GLU A N   1 
ATOM   884  C CA  . GLU A 1 127 ? 19.212  15.190  17.409  1.00 69.17  ? 452 GLU A CA  1 
ATOM   885  C C   . GLU A 1 127 ? 20.223  15.886  18.315  1.00 72.61  ? 452 GLU A C   1 
ATOM   886  O O   . GLU A 1 127 ? 21.273  15.343  18.650  1.00 73.59  ? 452 GLU A O   1 
ATOM   887  C CB  . GLU A 1 127 ? 19.220  13.674  17.637  1.00 65.66  ? 452 GLU A CB  1 
ATOM   888  C CG  . GLU A 1 127 ? 18.109  13.185  18.581  1.00 61.46  ? 452 GLU A CG  1 
ATOM   889  C CD  . GLU A 1 127 ? 16.696  13.365  18.004  1.00 60.52  ? 452 GLU A CD  1 
ATOM   890  O OE1 . GLU A 1 127 ? 16.523  13.172  16.781  1.00 63.47  ? 452 GLU A OE1 1 
ATOM   891  O OE2 . GLU A 1 127 ? 15.750  13.676  18.769  1.00 53.34  ? 452 GLU A OE2 1 
ATOM   892  N N   . TRP A 1 128 ? 19.878  17.112  18.686  1.00 76.75  ? 453 TRP A N   1 
ATOM   893  C CA  . TRP A 1 128 ? 20.700  17.968  19.532  1.00 81.00  ? 453 TRP A CA  1 
ATOM   894  C C   . TRP A 1 128 ? 20.384  17.656  21.004  1.00 82.30  ? 453 TRP A C   1 
ATOM   895  O O   . TRP A 1 128 ? 19.256  17.863  21.454  1.00 82.08  ? 453 TRP A O   1 
ATOM   896  C CB  . TRP A 1 128 ? 20.358  19.419  19.185  1.00 85.65  ? 453 TRP A CB  1 
ATOM   897  C CG  . TRP A 1 128 ? 21.382  20.446  19.520  1.00 89.76  ? 453 TRP A CG  1 
ATOM   898  C CD1 . TRP A 1 128 ? 22.699  20.456  19.148  1.00 92.34  ? 453 TRP A CD1 1 
ATOM   899  C CD2 . TRP A 1 128 ? 21.152  21.671  20.219  1.00 94.15  ? 453 TRP A CD2 1 
ATOM   900  N NE1 . TRP A 1 128 ? 23.298  21.621  19.569  1.00 94.99  ? 453 TRP A NE1 1 
ATOM   901  C CE2 . TRP A 1 128 ? 22.370  22.384  20.230  1.00 95.56  ? 453 TRP A CE2 1 
ATOM   902  C CE3 . TRP A 1 128 ? 20.028  22.241  20.837  1.00 95.36  ? 453 TRP A CE3 1 
ATOM   903  C CZ2 . TRP A 1 128 ? 22.499  23.639  20.837  1.00 97.14  ? 453 TRP A CZ2 1 
ATOM   904  C CZ3 . TRP A 1 128 ? 20.156  23.487  21.439  1.00 95.61  ? 453 TRP A CZ3 1 
ATOM   905  C CH2 . TRP A 1 128 ? 21.383  24.172  21.433  1.00 97.12  ? 453 TRP A CH2 1 
ATOM   906  N N   . PRO A 1 129 ? 21.381  17.151  21.765  1.00 84.10  ? 454 PRO A N   1 
ATOM   907  C CA  . PRO A 1 129 ? 21.294  16.777  23.187  1.00 87.24  ? 454 PRO A CA  1 
ATOM   908  C C   . PRO A 1 129 ? 20.422  17.605  24.138  1.00 90.52  ? 454 PRO A C   1 
ATOM   909  O O   . PRO A 1 129 ? 19.850  18.631  23.760  1.00 89.75  ? 454 PRO A O   1 
ATOM   910  C CB  . PRO A 1 129 ? 22.764  16.705  23.631  1.00 84.91  ? 454 PRO A CB  1 
ATOM   911  C CG  . PRO A 1 129 ? 23.534  17.379  22.523  1.00 83.62  ? 454 PRO A CG  1 
ATOM   912  C CD  . PRO A 1 129 ? 22.766  17.005  21.295  1.00 84.60  ? 454 PRO A CD  1 
ATOM   913  N N   . GLY A 1 130 ? 20.355  17.153  25.388  1.00 91.72  ? 455 GLY A N   1 
ATOM   914  C CA  . GLY A 1 130 ? 19.493  17.789  26.369  1.00 94.13  ? 455 GLY A CA  1 
ATOM   915  C C   . GLY A 1 130 ? 18.250  17.033  25.971  1.00 96.28  ? 455 GLY A C   1 
ATOM   916  O O   . GLY A 1 130 ? 17.584  17.415  25.007  1.00 97.74  ? 455 GLY A O   1 
ATOM   917  N N   . SER A 1 131 ? 17.918  15.964  26.689  1.00 99.11  ? 456 SER A N   1 
ATOM   918  C CA  . SER A 1 131 ? 16.802  15.168  26.209  1.00 96.15  ? 456 SER A CA  1 
ATOM   919  C C   . SER A 1 131 ? 15.523  14.729  26.922  1.00 91.50  ? 456 SER A C   1 
ATOM   920  O O   . SER A 1 131 ? 15.422  14.640  28.169  1.00 88.52  ? 456 SER A O   1 
ATOM   921  C CB  . SER A 1 131 ? 17.374  13.925  25.533  1.00 95.05  ? 456 SER A CB  1 
ATOM   922  O OG  . SER A 1 131 ? 18.314  13.256  26.361  1.00 110.76 ? 456 SER A OG  1 
ATOM   923  N N   . ARG A 1 132 ? 14.578  14.422  26.025  1.00 87.73  ? 457 ARG A N   1 
ATOM   924  C CA  . ARG A 1 132 ? 13.215  13.954  26.162  1.00 87.81  ? 457 ARG A CA  1 
ATOM   925  C C   . ARG A 1 132 ? 13.226  13.741  24.658  1.00 86.30  ? 457 ARG A C   1 
ATOM   926  O O   . ARG A 1 132 ? 13.466  14.713  23.926  1.00 90.57  ? 457 ARG A O   1 
ATOM   927  C CB  . ARG A 1 132 ? 12.274  15.070  26.543  1.00 94.67  ? 457 ARG A CB  1 
ATOM   928  N N   . ASP A 1 133 ? 13.010  12.521  24.162  1.00 87.32  ? 458 ASP A N   1 
ATOM   929  C CA  . ASP A 1 133 ? 13.191  12.382  22.725  1.00 80.43  ? 458 ASP A CA  1 
ATOM   930  C C   . ASP A 1 133 ? 12.507  11.333  21.905  1.00 72.83  ? 458 ASP A C   1 
ATOM   931  O O   . ASP A 1 133 ? 11.515  10.728  22.271  1.00 73.96  ? 458 ASP A O   1 
ATOM   932  C CB  . ASP A 1 133 ? 14.680  12.196  22.483  1.00 83.19  ? 458 ASP A CB  1 
ATOM   933  C CG  . ASP A 1 133 ? 15.184  10.853  23.013  1.00 85.09  ? 458 ASP A CG  1 
ATOM   934  O OD1 . ASP A 1 133 ? 14.922  10.542  24.192  1.00 91.25  ? 458 ASP A OD1 1 
ATOM   935  O OD2 . ASP A 1 133 ? 15.836  10.098  22.254  1.00 90.84  ? 458 ASP A OD2 1 
ATOM   936  N N   . LYS A 1 134 ? 13.121  11.175  20.738  1.00 66.05  ? 459 LYS A N   1 
ATOM   937  C CA  . LYS A 1 134 ? 12.779  10.205  19.708  1.00 61.75  ? 459 LYS A CA  1 
ATOM   938  C C   . LYS A 1 134 ? 13.631  10.561  18.525  1.00 56.14  ? 459 LYS A C   1 
ATOM   939  O O   . LYS A 1 134 ? 13.382  11.575  17.879  1.00 56.54  ? 459 LYS A O   1 
ATOM   940  C CB  . LYS A 1 134 ? 11.308  10.306  19.307  1.00 68.18  ? 459 LYS A CB  1 
ATOM   941  C CG  . LYS A 1 134 ? 10.450  9.367   20.099  1.00 71.85  ? 459 LYS A CG  1 
ATOM   942  C CD  . LYS A 1 134 ? 11.054  7.973   20.211  1.00 73.79  ? 459 LYS A CD  1 
ATOM   943  C CE  . LYS A 1 134 ? 10.247  7.138   21.198  1.00 76.14  ? 459 LYS A CE  1 
ATOM   944  N NZ  . LYS A 1 134 ? 10.647  5.693   21.198  1.00 79.35  ? 459 LYS A NZ  1 
ATOM   945  N N   . ARG A 1 135 ? 14.654  9.767   18.250  1.00 52.32  ? 460 ARG A N   1 
ATOM   946  C CA  . ARG A 1 135 ? 15.477  10.049  17.100  1.00 47.59  ? 460 ARG A CA  1 
ATOM   947  C C   . ARG A 1 135 ? 14.682  9.531   15.903  1.00 43.34  ? 460 ARG A C   1 
ATOM   948  O O   . ARG A 1 135 ? 13.941  8.549   15.996  1.00 40.40  ? 460 ARG A O   1 
ATOM   949  C CB  . ARG A 1 135 ? 16.835  9.382   17.264  1.00 49.27  ? 460 ARG A CB  1 
ATOM   950  C CG  . ARG A 1 135 ? 17.595  10.016  18.411  1.00 56.23  ? 460 ARG A CG  1 
ATOM   951  C CD  . ARG A 1 135 ? 18.763  9.146   18.839  1.00 63.20  ? 460 ARG A CD  1 
ATOM   952  N NE  . ARG A 1 135 ? 19.379  9.616   20.077  1.00 68.02  ? 460 ARG A NE  1 
ATOM   953  C CZ  . ARG A 1 135 ? 18.911  9.376   21.300  1.00 70.46  ? 460 ARG A CZ  1 
ATOM   954  N NH1 . ARG A 1 135 ? 17.804  8.660   21.471  1.00 72.23  ? 460 ARG A NH1 1 
ATOM   955  N NH2 . ARG A 1 135 ? 19.563  9.852   22.353  1.00 73.53  ? 460 ARG A NH2 1 
ATOM   956  N N   . THR A 1 136 ? 14.796  10.246  14.801  1.00 39.19  ? 461 THR A N   1 
ATOM   957  C CA  . THR A 1 136 ? 14.026  9.910   13.620  1.00 36.81  ? 461 THR A CA  1 
ATOM   958  C C   . THR A 1 136 ? 14.800  9.884   12.321  1.00 34.03  ? 461 THR A C   1 
ATOM   959  O O   . THR A 1 136 ? 15.668  10.731  12.073  1.00 33.96  ? 461 THR A O   1 
ATOM   960  C CB  . THR A 1 136 ? 12.888  10.930  13.392  1.00 39.13  ? 461 THR A CB  1 
ATOM   961  O OG1 . THR A 1 136 ? 12.141  11.116  14.600  1.00 46.04  ? 461 THR A OG1 1 
ATOM   962  C CG2 . THR A 1 136 ? 11.942  10.411  12.330  1.00 45.48  ? 461 THR A CG2 1 
ATOM   963  N N   . LEU A 1 137 ? 14.459  8.910   11.485  1.00 29.84  ? 462 LEU A N   1 
ATOM   964  C CA  . LEU A 1 137 ? 15.040  8.790   10.158  1.00 28.03  ? 462 LEU A CA  1 
ATOM   965  C C   . LEU A 1 137 ? 13.824  9.004   9.273   1.00 27.33  ? 462 LEU A C   1 
ATOM   966  O O   . LEU A 1 137 ? 12.703  8.671   9.661   1.00 24.47  ? 462 LEU A O   1 
ATOM   967  C CB  . LEU A 1 137 ? 15.650  7.403   9.916   1.00 25.97  ? 462 LEU A CB  1 
ATOM   968  C CG  . LEU A 1 137 ? 16.847  7.034   10.806  1.00 33.39  ? 462 LEU A CG  1 
ATOM   969  C CD1 . LEU A 1 137 ? 17.408  5.667   10.374  1.00 32.36  ? 462 LEU A CD1 1 
ATOM   970  C CD2 . LEU A 1 137 ? 17.920  8.098   10.706  1.00 30.72  ? 462 LEU A CD2 1 
ATOM   971  N N   . ALA A 1 138 ? 14.030  9.572   8.094   1.00 25.83  ? 463 ALA A N   1 
ATOM   972  C CA  . ALA A 1 138 ? 12.912  9.847   7.229   1.00 25.65  ? 463 ALA A CA  1 
ATOM   973  C C   . ALA A 1 138 ? 13.320  9.717   5.787   1.00 26.32  ? 463 ALA A C   1 
ATOM   974  O O   . ALA A 1 138 ? 14.507  9.750   5.459   1.00 27.53  ? 463 ALA A O   1 
ATOM   975  C CB  . ALA A 1 138 ? 12.373  11.247  7.511   1.00 28.15  ? 463 ALA A CB  1 
ATOM   976  N N   . CYS A 1 139 ? 12.331  9.578   4.920   1.00 21.23  ? 464 CYS A N   1 
ATOM   977  C CA  . CYS A 1 139 ? 12.616  9.392   3.514   1.00 24.77  ? 464 CYS A CA  1 
ATOM   978  C C   . CYS A 1 139 ? 11.596  10.079  2.637   1.00 22.14  ? 464 CYS A C   1 
ATOM   979  O O   . CYS A 1 139 ? 10.391  10.003  2.896   1.00 24.66  ? 464 CYS A O   1 
ATOM   980  C CB  . CYS A 1 139 ? 12.597  7.895   3.206   1.00 22.04  ? 464 CYS A CB  1 
ATOM   981  S SG  . CYS A 1 139 ? 12.994  7.377   1.516   1.00 34.06  ? 464 CYS A SG  1 
ATOM   982  N N   . LEU A 1 140 ? 12.086  10.723  1.586   1.00 22.44  ? 465 LEU A N   1 
ATOM   983  C CA  . LEU A 1 140 ? 11.214  11.396  0.634   1.00 23.11  ? 465 LEU A CA  1 
ATOM   984  C C   . LEU A 1 140 ? 11.346  10.651  -0.673  1.00 22.43  ? 465 LEU A C   1 
ATOM   985  O O   . LEU A 1 140 ? 12.458  10.448  -1.157  1.00 23.73  ? 465 LEU A O   1 
ATOM   986  C CB  . LEU A 1 140 ? 11.634  12.861  0.431   1.00 22.99  ? 465 LEU A CB  1 
ATOM   987  C CG  . LEU A 1 140 ? 11.045  13.589  -0.798  1.00 19.04  ? 465 LEU A CG  1 
ATOM   988  C CD1 . LEU A 1 140 ? 9.527   13.669  -0.691  1.00 21.72  ? 465 LEU A CD1 1 
ATOM   989  C CD2 . LEU A 1 140 ? 11.607  15.015  -0.868  1.00 28.23  ? 465 LEU A CD2 1 
ATOM   990  N N   . ILE A 1 141 ? 10.221  10.244  -1.246  1.00 22.56  ? 466 ILE A N   1 
ATOM   991  C CA  . ILE A 1 141 ? 10.247  9.525   -2.514  1.00 22.11  ? 466 ILE A CA  1 
ATOM   992  C C   . ILE A 1 141 ? 9.393   10.317  -3.484  1.00 24.25  ? 466 ILE A C   1 
ATOM   993  O O   . ILE A 1 141 ? 8.228   10.590  -3.199  1.00 24.93  ? 466 ILE A O   1 
ATOM   994  C CB  . ILE A 1 141 ? 9.718   8.100   -2.344  1.00 22.15  ? 466 ILE A CB  1 
ATOM   995  C CG1 . ILE A 1 141 ? 10.544  7.384   -1.264  1.00 23.07  ? 466 ILE A CG1 1 
ATOM   996  C CG2 . ILE A 1 141 ? 9.824   7.344   -3.689  1.00 25.24  ? 466 ILE A CG2 1 
ATOM   997  C CD1 . ILE A 1 141 ? 10.006  6.028   -0.864  1.00 33.12  ? 466 ILE A CD1 1 
ATOM   998  N N   . GLN A 1 142 ? 9.948   10.672  -4.640  1.00 24.63  ? 467 GLN A N   1 
ATOM   999  C CA  . GLN A 1 142 ? 9.191   11.526  -5.554  1.00 28.64  ? 467 GLN A CA  1 
ATOM   1000 C C   . GLN A 1 142 ? 9.407   11.347  -7.052  1.00 31.08  ? 467 GLN A C   1 
ATOM   1001 O O   . GLN A 1 142 ? 10.221  10.525  -7.493  1.00 31.00  ? 467 GLN A O   1 
ATOM   1002 C CB  . GLN A 1 142 ? 9.456   12.996  -5.178  1.00 25.58  ? 467 GLN A CB  1 
ATOM   1003 C CG  . GLN A 1 142 ? 10.918  13.413  -5.362  1.00 25.53  ? 467 GLN A CG  1 
ATOM   1004 C CD  . GLN A 1 142 ? 11.228  14.835  -4.858  1.00 30.72  ? 467 GLN A CD  1 
ATOM   1005 O OE1 . GLN A 1 142 ? 10.340  15.683  -4.757  1.00 29.76  ? 467 GLN A OE1 1 
ATOM   1006 N NE2 . GLN A 1 142 ? 12.500  15.094  -4.557  1.00 32.18  ? 467 GLN A NE2 1 
ATOM   1007 N N   . ASN A 1 143 ? 8.631   12.121  -7.813  1.00 33.71  ? 468 ASN A N   1 
ATOM   1008 C CA  . ASN A 1 143 ? 8.658   12.139  -9.274  1.00 36.96  ? 468 ASN A CA  1 
ATOM   1009 C C   . ASN A 1 143 ? 8.247   10.829  -9.929  1.00 38.20  ? 468 ASN A C   1 
ATOM   1010 O O   . ASN A 1 143 ? 8.701   10.519  -11.030 1.00 38.39  ? 468 ASN A O   1 
ATOM   1011 C CB  . ASN A 1 143 ? 10.053  12.513  -9.774  1.00 41.06  ? 468 ASN A CB  1 
ATOM   1012 C CG  . ASN A 1 143 ? 10.554  13.801  -9.174  1.00 46.41  ? 468 ASN A CG  1 
ATOM   1013 O OD1 . ASN A 1 143 ? 9.816   14.783  -9.087  1.00 50.82  ? 468 ASN A OD1 1 
ATOM   1014 N ND2 . ASN A 1 143 ? 11.820  13.811  -8.763  1.00 53.31  ? 468 ASN A ND2 1 
ATOM   1015 N N   . PHE A 1 144 ? 7.399   10.052  -9.264  1.00 35.74  ? 469 PHE A N   1 
ATOM   1016 C CA  . PHE A 1 144 ? 6.979   8.788   -9.839  1.00 33.87  ? 469 PHE A CA  1 
ATOM   1017 C C   . PHE A 1 144 ? 5.530   8.802   -10.303 1.00 33.63  ? 469 PHE A C   1 
ATOM   1018 O O   . PHE A 1 144 ? 4.720   9.596   -9.838  1.00 34.78  ? 469 PHE A O   1 
ATOM   1019 C CB  . PHE A 1 144 ? 7.186   7.646   -8.828  1.00 29.12  ? 469 PHE A CB  1 
ATOM   1020 C CG  . PHE A 1 144 ? 6.384   7.800   -7.564  1.00 26.27  ? 469 PHE A CG  1 
ATOM   1021 C CD1 . PHE A 1 144 ? 5.074   7.357   -7.503  1.00 22.45  ? 469 PHE A CD1 1 
ATOM   1022 C CD2 . PHE A 1 144 ? 6.947   8.382   -6.430  1.00 22.06  ? 469 PHE A CD2 1 
ATOM   1023 C CE1 . PHE A 1 144 ? 4.330   7.479   -6.334  1.00 23.84  ? 469 PHE A CE1 1 
ATOM   1024 C CE2 . PHE A 1 144 ? 6.207   8.511   -5.255  1.00 28.02  ? 469 PHE A CE2 1 
ATOM   1025 C CZ  . PHE A 1 144 ? 4.891   8.056   -5.207  1.00 23.33  ? 469 PHE A CZ  1 
ATOM   1026 N N   . MET A 1 145 ? 5.219   7.912   -11.234 1.00 35.64  ? 470 MET A N   1 
ATOM   1027 C CA  . MET A 1 145 ? 3.868   7.768   -11.754 1.00 37.62  ? 470 MET A CA  1 
ATOM   1028 C C   . MET A 1 145 ? 3.798   6.444   -12.494 1.00 36.36  ? 470 MET A C   1 
ATOM   1029 O O   . MET A 1 145 ? 4.763   6.041   -13.138 1.00 36.33  ? 470 MET A O   1 
ATOM   1030 C CB  . MET A 1 145 ? 3.501   8.933   -12.681 1.00 42.61  ? 470 MET A CB  1 
ATOM   1031 C CG  . MET A 1 145 ? 4.358   9.096   -13.913 1.00 50.60  ? 470 MET A CG  1 
ATOM   1032 S SD  . MET A 1 145 ? 3.929   10.660  -14.759 1.00 66.08  ? 470 MET A SD  1 
ATOM   1033 C CE  . MET A 1 145 ? 2.387   10.201  -15.577 1.00 66.35  ? 470 MET A CE  1 
ATOM   1034 N N   . PRO A 1 146 ? 2.673   5.720   -12.374 1.00 34.63  ? 471 PRO A N   1 
ATOM   1035 C CA  . PRO A 1 146 ? 1.456   6.022   -11.606 1.00 32.61  ? 471 PRO A CA  1 
ATOM   1036 C C   . PRO A 1 146 ? 1.714   6.130   -10.105 1.00 31.92  ? 471 PRO A C   1 
ATOM   1037 O O   . PRO A 1 146 ? 2.846   5.969   -9.661  1.00 29.59  ? 471 PRO A O   1 
ATOM   1038 C CB  . PRO A 1 146 ? 0.530   4.851   -11.939 1.00 33.95  ? 471 PRO A CB  1 
ATOM   1039 C CG  . PRO A 1 146 ? 1.028   4.385   -13.265 1.00 37.90  ? 471 PRO A CG  1 
ATOM   1040 C CD  . PRO A 1 146 ? 2.518   4.456   -13.108 1.00 34.78  ? 471 PRO A CD  1 
ATOM   1041 N N   . GLU A 1 147 ? 0.648   6.360   -9.338  1.00 32.28  ? 472 GLU A N   1 
ATOM   1042 C CA  . GLU A 1 147 ? 0.739   6.554   -7.888  1.00 36.49  ? 472 GLU A CA  1 
ATOM   1043 C C   . GLU A 1 147 ? 0.994   5.344   -6.994  1.00 35.52  ? 472 GLU A C   1 
ATOM   1044 O O   . GLU A 1 147 ? 1.345   5.526   -5.829  1.00 34.87  ? 472 GLU A O   1 
ATOM   1045 C CB  . GLU A 1 147 ? -0.518  7.253   -7.364  1.00 41.97  ? 472 GLU A CB  1 
ATOM   1046 C CG  . GLU A 1 147 ? -1.772  6.385   -7.421  1.00 54.78  ? 472 GLU A CG  1 
ATOM   1047 C CD  . GLU A 1 147 ? -3.010  7.076   -6.855  1.00 62.41  ? 472 GLU A CD  1 
ATOM   1048 O OE1 . GLU A 1 147 ? -3.009  8.324   -6.749  1.00 67.26  ? 472 GLU A OE1 1 
ATOM   1049 O OE2 . GLU A 1 147 ? -3.993  6.370   -6.529  1.00 64.96  ? 472 GLU A OE2 1 
ATOM   1050 N N   . ASP A 1 148 ? 0.833   4.125   -7.507  1.00 34.38  ? 473 ASP A N   1 
ATOM   1051 C CA  . ASP A 1 148 ? 1.042   2.948   -6.663  1.00 31.83  ? 473 ASP A CA  1 
ATOM   1052 C C   . ASP A 1 148 ? 2.519   2.702   -6.379  1.00 31.24  ? 473 ASP A C   1 
ATOM   1053 O O   . ASP A 1 148 ? 3.348   2.663   -7.290  1.00 31.80  ? 473 ASP A O   1 
ATOM   1054 C CB  . ASP A 1 148 ? 0.398   1.706   -7.284  1.00 34.73  ? 473 ASP A CB  1 
ATOM   1055 C CG  . ASP A 1 148 ? -1.130  1.808   -7.343  1.00 40.83  ? 473 ASP A CG  1 
ATOM   1056 O OD1 . ASP A 1 148 ? -1.741  2.325   -6.377  1.00 44.18  ? 473 ASP A OD1 1 
ATOM   1057 O OD2 . ASP A 1 148 ? -1.723  1.364   -8.353  1.00 40.17  ? 473 ASP A OD2 1 
ATOM   1058 N N   . ILE A 1 149 ? 2.843   2.549   -5.101  1.00 26.96  ? 474 ILE A N   1 
ATOM   1059 C CA  . ILE A 1 149 ? 4.218   2.332   -4.707  1.00 25.39  ? 474 ILE A CA  1 
ATOM   1060 C C   . ILE A 1 149 ? 4.295   1.662   -3.328  1.00 24.74  ? 474 ILE A C   1 
ATOM   1061 O O   . ILE A 1 149 ? 3.416   1.834   -2.494  1.00 25.20  ? 474 ILE A O   1 
ATOM   1062 C CB  . ILE A 1 149 ? 4.978   3.687   -4.678  1.00 23.81  ? 474 ILE A CB  1 
ATOM   1063 C CG1 . ILE A 1 149 ? 6.486   3.463   -4.595  1.00 22.23  ? 474 ILE A CG1 1 
ATOM   1064 C CG2 . ILE A 1 149 ? 4.500   4.535   -3.503  1.00 27.10  ? 474 ILE A CG2 1 
ATOM   1065 C CD1 . ILE A 1 149 ? 7.285   4.782   -4.725  1.00 25.30  ? 474 ILE A CD1 1 
ATOM   1066 N N   . SER A 1 150 ? 5.331   0.862   -3.115  1.00 23.27  ? 475 SER A N   1 
ATOM   1067 C CA  . SER A 1 150 ? 5.533   0.219   -1.822  1.00 22.17  ? 475 SER A CA  1 
ATOM   1068 C C   . SER A 1 150 ? 6.837   0.793   -1.291  1.00 21.71  ? 475 SER A C   1 
ATOM   1069 O O   . SER A 1 150 ? 7.819   0.891   -2.013  1.00 20.84  ? 475 SER A O   1 
ATOM   1070 C CB  . SER A 1 150 ? 5.669   -1.295  -1.960  1.00 20.43  ? 475 SER A CB  1 
ATOM   1071 O OG  . SER A 1 150 ? 4.495   -1.863  -2.498  1.00 30.00  ? 475 SER A OG  1 
ATOM   1072 N N   . VAL A 1 151 ? 6.830   1.154   -0.019  1.00 21.76  ? 476 VAL A N   1 
ATOM   1073 C CA  . VAL A 1 151 ? 7.983   1.739   0.615   1.00 21.72  ? 476 VAL A CA  1 
ATOM   1074 C C   . VAL A 1 151 ? 8.360   0.850   1.767   1.00 23.56  ? 476 VAL A C   1 
ATOM   1075 O O   . VAL A 1 151 ? 7.493   0.362   2.481   1.00 25.95  ? 476 VAL A O   1 
ATOM   1076 C CB  . VAL A 1 151 ? 7.652   3.153   1.177   1.00 21.56  ? 476 VAL A CB  1 
ATOM   1077 C CG1 . VAL A 1 151 ? 8.875   3.725   1.913   1.00 18.70  ? 476 VAL A CG1 1 
ATOM   1078 C CG2 . VAL A 1 151 ? 7.226   4.082   0.039   1.00 20.99  ? 476 VAL A CG2 1 
ATOM   1079 N N   . GLN A 1 152 ? 9.652   0.632   1.956   1.00 25.16  ? 477 GLN A N   1 
ATOM   1080 C CA  . GLN A 1 152 ? 10.071  -0.208  3.057   1.00 26.65  ? 477 GLN A CA  1 
ATOM   1081 C C   . GLN A 1 152 ? 11.436  0.192   3.571   1.00 26.62  ? 477 GLN A C   1 
ATOM   1082 O O   . GLN A 1 152 ? 12.259  0.712   2.832   1.00 26.40  ? 477 GLN A O   1 
ATOM   1083 C CB  . GLN A 1 152 ? 10.045  -1.683  2.635   1.00 31.51  ? 477 GLN A CB  1 
ATOM   1084 C CG  . GLN A 1 152 ? 10.893  -2.041  1.457   1.00 44.27  ? 477 GLN A CG  1 
ATOM   1085 C CD  . GLN A 1 152 ? 10.431  -3.336  0.773   1.00 47.76  ? 477 GLN A CD  1 
ATOM   1086 O OE1 . GLN A 1 152 ? 11.150  -3.897  -0.048  1.00 50.57  ? 477 GLN A OE1 1 
ATOM   1087 N NE2 . GLN A 1 152 ? 9.223   -3.798  1.101   1.00 47.32  ? 477 GLN A NE2 1 
ATOM   1088 N N   . TRP A 1 153 ? 11.645  -0.008  4.863   1.00 27.41  ? 478 TRP A N   1 
ATOM   1089 C CA  . TRP A 1 153 ? 12.919  0.300   5.481   1.00 28.36  ? 478 TRP A CA  1 
ATOM   1090 C C   . TRP A 1 153 ? 13.692  -0.997  5.735   1.00 30.10  ? 478 TRP A C   1 
ATOM   1091 O O   . TRP A 1 153 ? 13.100  -2.049  6.012   1.00 25.31  ? 478 TRP A O   1 
ATOM   1092 C CB  . TRP A 1 153 ? 12.693  1.040   6.794   1.00 28.76  ? 478 TRP A CB  1 
ATOM   1093 C CG  . TRP A 1 153 ? 12.214  2.448   6.595   1.00 34.11  ? 478 TRP A CG  1 
ATOM   1094 C CD1 . TRP A 1 153 ? 10.922  2.866   6.423   1.00 31.25  ? 478 TRP A CD1 1 
ATOM   1095 C CD2 . TRP A 1 153 ? 13.029  3.619   6.508   1.00 31.01  ? 478 TRP A CD2 1 
ATOM   1096 N NE1 . TRP A 1 153 ? 10.886  4.220   6.235   1.00 27.71  ? 478 TRP A NE1 1 
ATOM   1097 C CE2 . TRP A 1 153 ? 12.166  4.711   6.281   1.00 31.95  ? 478 TRP A CE2 1 
ATOM   1098 C CE3 . TRP A 1 153 ? 14.407  3.852   6.600   1.00 34.16  ? 478 TRP A CE3 1 
ATOM   1099 C CZ2 . TRP A 1 153 ? 12.639  6.025   6.144   1.00 25.26  ? 478 TRP A CZ2 1 
ATOM   1100 C CZ3 . TRP A 1 153 ? 14.878  5.155   6.466   1.00 31.64  ? 478 TRP A CZ3 1 
ATOM   1101 C CH2 . TRP A 1 153 ? 13.993  6.224   6.240   1.00 28.89  ? 478 TRP A CH2 1 
ATOM   1102 N N   . LEU A 1 154 ? 15.011  -0.914  5.636   1.00 32.48  ? 479 LEU A N   1 
ATOM   1103 C CA  . LEU A 1 154 ? 15.875  -2.068  5.856   1.00 37.36  ? 479 LEU A CA  1 
ATOM   1104 C C   . LEU A 1 154 ? 17.110  -1.696  6.665   1.00 40.42  ? 479 LEU A C   1 
ATOM   1105 O O   . LEU A 1 154 ? 17.648  -0.602  6.522   1.00 40.14  ? 479 LEU A O   1 
ATOM   1106 C CB  . LEU A 1 154 ? 16.357  -2.638  4.528   1.00 39.83  ? 479 LEU A CB  1 
ATOM   1107 C CG  . LEU A 1 154 ? 15.427  -2.665  3.318   1.00 44.57  ? 479 LEU A CG  1 
ATOM   1108 C CD1 . LEU A 1 154 ? 16.182  -3.259  2.157   1.00 52.98  ? 479 LEU A CD1 1 
ATOM   1109 C CD2 . LEU A 1 154 ? 14.202  -3.480  3.611   1.00 50.71  ? 479 LEU A CD2 1 
ATOM   1110 N N   . HIS A 1 155 ? 17.555  -2.607  7.517   1.00 43.05  ? 480 HIS A N   1 
ATOM   1111 C CA  . HIS A 1 155 ? 18.770  -2.383  8.278   1.00 49.20  ? 480 HIS A CA  1 
ATOM   1112 C C   . HIS A 1 155 ? 19.771  -3.246  7.520   1.00 52.73  ? 480 HIS A C   1 
ATOM   1113 O O   . HIS A 1 155 ? 19.986  -4.413  7.852   1.00 52.90  ? 480 HIS A O   1 
ATOM   1114 C CB  . HIS A 1 155 ? 18.633  -2.877  9.714   1.00 52.25  ? 480 HIS A CB  1 
ATOM   1115 C CG  . HIS A 1 155 ? 19.882  -2.709  10.519  1.00 57.22  ? 480 HIS A CG  1 
ATOM   1116 N ND1 . HIS A 1 155 ? 20.193  -1.537  11.172  1.00 61.37  ? 480 HIS A ND1 1 
ATOM   1117 C CD2 . HIS A 1 155 ? 20.931  -3.542  10.722  1.00 59.16  ? 480 HIS A CD2 1 
ATOM   1118 C CE1 . HIS A 1 155 ? 21.378  -1.652  11.742  1.00 59.88  ? 480 HIS A CE1 1 
ATOM   1119 N NE2 . HIS A 1 155 ? 21.848  -2.859  11.484  1.00 66.11  ? 480 HIS A NE2 1 
ATOM   1120 N N   . ASN A 1 156 ? 20.357  -2.660  6.479   1.00 56.65  ? 481 ASN A N   1 
ATOM   1121 C CA  . ASN A 1 156 ? 21.307  -3.349  5.613   1.00 59.93  ? 481 ASN A CA  1 
ATOM   1122 C C   . ASN A 1 156 ? 20.518  -4.195  4.623   1.00 59.65  ? 481 ASN A C   1 
ATOM   1123 O O   . ASN A 1 156 ? 19.785  -3.666  3.792   1.00 61.04  ? 481 ASN A O   1 
ATOM   1124 C CB  . ASN A 1 156 ? 22.257  -4.249  6.414   1.00 64.65  ? 481 ASN A CB  1 
ATOM   1125 C CG  . ASN A 1 156 ? 23.287  -3.464  7.196   1.00 72.38  ? 481 ASN A CG  1 
ATOM   1126 O OD1 . ASN A 1 156 ? 24.050  -2.676  6.631   1.00 74.96  ? 481 ASN A OD1 1 
ATOM   1127 N ND2 . ASN A 1 156 ? 23.322  -3.679  8.507   1.00 75.60  ? 481 ASN A ND2 1 
ATOM   1128 N N   . GLU A 1 157 ? 20.649  -5.510  4.737   1.00 58.97  ? 482 GLU A N   1 
ATOM   1129 C CA  . GLU A 1 157 ? 19.971  -6.439  3.840   1.00 58.55  ? 482 GLU A CA  1 
ATOM   1130 C C   . GLU A 1 157 ? 18.637  -6.972  4.365   1.00 55.30  ? 482 GLU A C   1 
ATOM   1131 O O   . GLU A 1 157 ? 17.867  -7.565  3.611   1.00 57.27  ? 482 GLU A O   1 
ATOM   1132 C CB  . GLU A 1 157 ? 20.909  -7.614  3.549   1.00 65.42  ? 482 GLU A CB  1 
ATOM   1133 C CG  . GLU A 1 157 ? 22.047  -7.732  4.567   1.00 73.94  ? 482 GLU A CG  1 
ATOM   1134 C CD  . GLU A 1 157 ? 22.810  -9.032  4.458   1.00 80.29  ? 482 GLU A CD  1 
ATOM   1135 O OE1 . GLU A 1 157 ? 22.229  -10.092 4.778   1.00 86.31  ? 482 GLU A OE1 1 
ATOM   1136 O OE2 . GLU A 1 157 ? 23.990  -8.995  4.052   1.00 82.73  ? 482 GLU A OE2 1 
ATOM   1137 N N   . VAL A 1 158 ? 18.358  -6.762  5.645   1.00 50.25  ? 483 VAL A N   1 
ATOM   1138 C CA  . VAL A 1 158 ? 17.126  -7.274  6.229   1.00 45.78  ? 483 VAL A CA  1 
ATOM   1139 C C   . VAL A 1 158 ? 16.030  -6.228  6.419   1.00 43.04  ? 483 VAL A C   1 
ATOM   1140 O O   . VAL A 1 158 ? 16.262  -5.164  6.974   1.00 41.34  ? 483 VAL A O   1 
ATOM   1141 C CB  . VAL A 1 158 ? 17.416  -7.975  7.576   1.00 43.76  ? 483 VAL A CB  1 
ATOM   1142 C CG1 . VAL A 1 158 ? 18.143  -7.033  8.504   1.00 46.25  ? 483 VAL A CG1 1 
ATOM   1143 C CG2 . VAL A 1 158 ? 16.120  -8.450  8.208   1.00 41.37  ? 483 VAL A CG2 1 
ATOM   1144 N N   . GLN A 1 159 ? 14.829  -6.559  5.958   1.00 42.30  ? 484 GLN A N   1 
ATOM   1145 C CA  . GLN A 1 159 ? 13.684  -5.663  6.053   1.00 43.21  ? 484 GLN A CA  1 
ATOM   1146 C C   . GLN A 1 159 ? 13.057  -5.601  7.448   1.00 42.48  ? 484 GLN A C   1 
ATOM   1147 O O   . GLN A 1 159 ? 12.916  -6.620  8.134   1.00 41.64  ? 484 GLN A O   1 
ATOM   1148 C CB  . GLN A 1 159 ? 12.618  -6.066  5.028   1.00 45.96  ? 484 GLN A CB  1 
ATOM   1149 C CG  . GLN A 1 159 ? 11.324  -5.270  5.140   1.00 54.43  ? 484 GLN A CG  1 
ATOM   1150 C CD  . GLN A 1 159 ? 10.295  -5.648  4.086   1.00 59.02  ? 484 GLN A CD  1 
ATOM   1151 O OE1 . GLN A 1 159 ? 9.118   -5.303  4.202   1.00 59.71  ? 484 GLN A OE1 1 
ATOM   1152 N NE2 . GLN A 1 159 ? 10.738  -6.350  3.045   1.00 61.46  ? 484 GLN A NE2 1 
ATOM   1153 N N   . LEU A 1 160 ? 12.693  -4.390  7.860   1.00 38.99  ? 485 LEU A N   1 
ATOM   1154 C CA  . LEU A 1 160 ? 12.066  -4.153  9.158   1.00 39.17  ? 485 LEU A CA  1 
ATOM   1155 C C   . LEU A 1 160 ? 10.555  -4.359  9.047   1.00 40.35  ? 485 LEU A C   1 
ATOM   1156 O O   . LEU A 1 160 ? 9.988   -4.277  7.958   1.00 37.39  ? 485 LEU A O   1 
ATOM   1157 C CB  . LEU A 1 160 ? 12.328  -2.714  9.622   1.00 37.16  ? 485 LEU A CB  1 
ATOM   1158 C CG  . LEU A 1 160 ? 13.794  -2.281  9.743   1.00 39.66  ? 485 LEU A CG  1 
ATOM   1159 C CD1 . LEU A 1 160 ? 13.860  -0.813  10.130  1.00 39.30  ? 485 LEU A CD1 1 
ATOM   1160 C CD2 . LEU A 1 160 ? 14.501  -3.156  10.766  1.00 40.56  ? 485 LEU A CD2 1 
ATOM   1161 N N   . PRO A 1 161 ? 9.884   -4.630  10.177  1.00 42.55  ? 486 PRO A N   1 
ATOM   1162 C CA  . PRO A 1 161 ? 8.435   -4.827  10.132  1.00 46.30  ? 486 PRO A CA  1 
ATOM   1163 C C   . PRO A 1 161 ? 7.801   -3.527  9.636   1.00 49.32  ? 486 PRO A C   1 
ATOM   1164 O O   . PRO A 1 161 ? 8.308   -2.445  9.922   1.00 48.81  ? 486 PRO A O   1 
ATOM   1165 C CB  . PRO A 1 161 ? 8.075   -5.097  11.591  1.00 45.64  ? 486 PRO A CB  1 
ATOM   1166 C CG  . PRO A 1 161 ? 9.339   -5.611  12.186  1.00 45.29  ? 486 PRO A CG  1 
ATOM   1167 C CD  . PRO A 1 161 ? 10.392  -4.767  11.552  1.00 40.65  ? 486 PRO A CD  1 
ATOM   1168 N N   . ASP A 1 162 ? 6.696   -3.634  8.911   1.00 53.39  ? 487 ASP A N   1 
ATOM   1169 C CA  . ASP A 1 162 ? 6.007   -2.456  8.395   1.00 57.75  ? 487 ASP A CA  1 
ATOM   1170 C C   . ASP A 1 162 ? 5.546   -1.537  9.535   1.00 57.25  ? 487 ASP A C   1 
ATOM   1171 O O   . ASP A 1 162 ? 5.760   -0.318  9.498   1.00 57.75  ? 487 ASP A O   1 
ATOM   1172 C CB  . ASP A 1 162 ? 4.794   -2.891  7.572   1.00 67.82  ? 487 ASP A CB  1 
ATOM   1173 C CG  . ASP A 1 162 ? 4.205   -1.756  6.761   1.00 76.17  ? 487 ASP A CG  1 
ATOM   1174 O OD1 . ASP A 1 162 ? 4.066   -0.644  7.311   1.00 84.77  ? 487 ASP A OD1 1 
ATOM   1175 O OD2 . ASP A 1 162 ? 3.872   -1.978  5.575   1.00 86.94  ? 487 ASP A OD2 1 
ATOM   1176 N N   . ALA A 1 163 ? 4.929   -2.134  10.549  1.00 54.64  ? 488 ALA A N   1 
ATOM   1177 C CA  . ALA A 1 163 ? 4.413   -1.399  11.700  1.00 53.45  ? 488 ALA A CA  1 
ATOM   1178 C C   . ALA A 1 163 ? 5.383   -0.392  12.302  1.00 52.74  ? 488 ALA A C   1 
ATOM   1179 O O   . ALA A 1 163 ? 4.986   0.452   13.104  1.00 53.06  ? 488 ALA A O   1 
ATOM   1180 C CB  . ALA A 1 163 ? 3.972   -2.376  12.766  1.00 53.75  ? 488 ALA A CB  1 
ATOM   1181 N N   . ARG A 1 164 ? 6.650   -0.472  11.911  1.00 50.96  ? 489 ARG A N   1 
ATOM   1182 C CA  . ARG A 1 164 ? 7.661   0.433   12.445  1.00 47.84  ? 489 ARG A CA  1 
ATOM   1183 C C   . ARG A 1 164 ? 7.720   1.811   11.791  1.00 45.10  ? 489 ARG A C   1 
ATOM   1184 O O   . ARG A 1 164 ? 8.232   2.749   12.391  1.00 43.37  ? 489 ARG A O   1 
ATOM   1185 C CB  . ARG A 1 164 ? 9.040   -0.226  12.367  1.00 48.99  ? 489 ARG A CB  1 
ATOM   1186 C CG  . ARG A 1 164 ? 9.369   -1.111  13.552  1.00 50.01  ? 489 ARG A CG  1 
ATOM   1187 C CD  . ARG A 1 164 ? 10.333  -0.406  14.470  1.00 50.36  ? 489 ARG A CD  1 
ATOM   1188 N NE  . ARG A 1 164 ? 11.691  -0.899  14.289  1.00 56.65  ? 489 ARG A NE  1 
ATOM   1189 C CZ  . ARG A 1 164 ? 12.783  -0.244  14.661  1.00 58.23  ? 489 ARG A CZ  1 
ATOM   1190 N NH1 . ARG A 1 164 ? 12.686  0.950   15.231  1.00 61.07  ? 489 ARG A NH1 1 
ATOM   1191 N NH2 . ARG A 1 164 ? 13.975  -0.794  14.480  1.00 59.63  ? 489 ARG A NH2 1 
ATOM   1192 N N   . HIS A 1 165 ? 7.216   1.939   10.569  1.00 42.41  ? 490 HIS A N   1 
ATOM   1193 C CA  . HIS A 1 165 ? 7.250   3.237   9.902   1.00 41.63  ? 490 HIS A CA  1 
ATOM   1194 C C   . HIS A 1 165 ? 5.865   3.757   9.528   1.00 39.71  ? 490 HIS A C   1 
ATOM   1195 O O   . HIS A 1 165 ? 4.890   3.019   9.531   1.00 41.30  ? 490 HIS A O   1 
ATOM   1196 C CB  . HIS A 1 165 ? 8.128   3.181   8.645   1.00 42.40  ? 490 HIS A CB  1 
ATOM   1197 C CG  . HIS A 1 165 ? 7.593   2.294   7.567   1.00 43.27  ? 490 HIS A CG  1 
ATOM   1198 N ND1 . HIS A 1 165 ? 7.957   0.971   7.437   1.00 42.27  ? 490 HIS A ND1 1 
ATOM   1199 C CD2 . HIS A 1 165 ? 6.709   2.538   6.571   1.00 44.41  ? 490 HIS A CD2 1 
ATOM   1200 C CE1 . HIS A 1 165 ? 7.322   0.439   6.409   1.00 39.88  ? 490 HIS A CE1 1 
ATOM   1201 N NE2 . HIS A 1 165 ? 6.558   1.371   5.865   1.00 45.37  ? 490 HIS A NE2 1 
ATOM   1202 N N   . SER A 1 166 ? 5.796   5.042   9.211   1.00 37.20  ? 491 SER A N   1 
ATOM   1203 C CA  . SER A 1 166 ? 4.549   5.682   8.823   1.00 36.36  ? 491 SER A CA  1 
ATOM   1204 C C   . SER A 1 166 ? 4.751   6.368   7.464   1.00 33.06  ? 491 SER A C   1 
ATOM   1205 O O   . SER A 1 166 ? 5.611   7.240   7.319   1.00 33.77  ? 491 SER A O   1 
ATOM   1206 C CB  . SER A 1 166 ? 4.154   6.698   9.895   1.00 35.42  ? 491 SER A CB  1 
ATOM   1207 O OG  . SER A 1 166 ? 3.028   7.441   9.490   1.00 43.65  ? 491 SER A OG  1 
ATOM   1208 N N   . THR A 1 167 ? 3.954   5.974   6.478   1.00 29.90  ? 492 THR A N   1 
ATOM   1209 C CA  . THR A 1 167 ? 4.054   6.520   5.124   1.00 29.91  ? 492 THR A CA  1 
ATOM   1210 C C   . THR A 1 167 ? 2.810   7.338   4.731   1.00 29.20  ? 492 THR A C   1 
ATOM   1211 O O   . THR A 1 167 ? 1.688   6.897   4.940   1.00 30.85  ? 492 THR A O   1 
ATOM   1212 C CB  . THR A 1 167 ? 4.259   5.365   4.094   1.00 29.85  ? 492 THR A CB  1 
ATOM   1213 O OG1 . THR A 1 167 ? 5.447   4.641   4.428   1.00 35.86  ? 492 THR A OG1 1 
ATOM   1214 C CG2 . THR A 1 167 ? 4.411   5.900   2.672   1.00 28.05  ? 492 THR A CG2 1 
ATOM   1215 N N   . THR A 1 168 ? 3.016   8.517   4.148   1.00 29.49  ? 493 THR A N   1 
ATOM   1216 C CA  . THR A 1 168 ? 1.897   9.368   3.740   1.00 30.19  ? 493 THR A CA  1 
ATOM   1217 C C   . THR A 1 168 ? 1.290   8.850   2.445   1.00 32.39  ? 493 THR A C   1 
ATOM   1218 O O   . THR A 1 168 ? 1.892   8.041   1.749   1.00 30.70  ? 493 THR A O   1 
ATOM   1219 C CB  . THR A 1 168 ? 2.330   10.847  3.516   1.00 27.82  ? 493 THR A CB  1 
ATOM   1220 O OG1 . THR A 1 168 ? 3.340   10.916  2.499   1.00 30.48  ? 493 THR A OG1 1 
ATOM   1221 C CG2 . THR A 1 168 ? 2.866   11.448  4.793   1.00 22.03  ? 493 THR A CG2 1 
ATOM   1222 N N   . GLN A 1 169 ? 0.090   9.316   2.127   1.00 35.09  ? 494 GLN A N   1 
ATOM   1223 C CA  . GLN A 1 169 ? -0.578  8.897   0.897   1.00 38.19  ? 494 GLN A CA  1 
ATOM   1224 C C   . GLN A 1 169 ? 0.027   9.661   -0.270  1.00 36.48  ? 494 GLN A C   1 
ATOM   1225 O O   . GLN A 1 169 ? 0.398   10.826  -0.122  1.00 35.75  ? 494 GLN A O   1 
ATOM   1226 C CB  . GLN A 1 169 ? -2.078  9.207   0.958   1.00 43.09  ? 494 GLN A CB  1 
ATOM   1227 C CG  . GLN A 1 169 ? -2.839  8.437   2.020   1.00 58.35  ? 494 GLN A CG  1 
ATOM   1228 C CD  . GLN A 1 169 ? -2.669  6.942   1.876   1.00 65.11  ? 494 GLN A CD  1 
ATOM   1229 O OE1 . GLN A 1 169 ? -2.878  6.381   0.800   1.00 71.67  ? 494 GLN A OE1 1 
ATOM   1230 N NE2 . GLN A 1 169 ? -2.287  6.284   2.963   1.00 71.87  ? 494 GLN A NE2 1 
ATOM   1231 N N   . PRO A 1 170 ? 0.135   9.014   -1.442  1.00 36.89  ? 495 PRO A N   1 
ATOM   1232 C CA  . PRO A 1 170 ? 0.699   9.673   -2.623  1.00 38.37  ? 495 PRO A CA  1 
ATOM   1233 C C   . PRO A 1 170 ? -0.042  10.983  -2.898  1.00 40.80  ? 495 PRO A C   1 
ATOM   1234 O O   . PRO A 1 170 ? -1.269  11.037  -2.837  1.00 40.76  ? 495 PRO A O   1 
ATOM   1235 C CB  . PRO A 1 170 ? 0.472   8.653   -3.725  1.00 37.83  ? 495 PRO A CB  1 
ATOM   1236 C CG  . PRO A 1 170 ? 0.596   7.340   -2.982  1.00 40.41  ? 495 PRO A CG  1 
ATOM   1237 C CD  . PRO A 1 170 ? -0.186  7.602   -1.720  1.00 35.81  ? 495 PRO A CD  1 
ATOM   1238 N N   . ARG A 1 171 ? 0.709   12.039  -3.174  1.00 42.05  ? 496 ARG A N   1 
ATOM   1239 C CA  . ARG A 1 171 ? 0.112   13.330  -3.467  1.00 47.69  ? 496 ARG A CA  1 
ATOM   1240 C C   . ARG A 1 171 ? 0.611   13.843  -4.806  1.00 51.66  ? 496 ARG A C   1 
ATOM   1241 O O   . ARG A 1 171 ? 1.800   13.744  -5.114  1.00 51.95  ? 496 ARG A O   1 
ATOM   1242 C CB  . ARG A 1 171 ? 0.457   14.334  -2.369  1.00 45.81  ? 496 ARG A CB  1 
ATOM   1243 C CG  . ARG A 1 171 ? -0.356  14.149  -1.111  1.00 51.53  ? 496 ARG A CG  1 
ATOM   1244 C CD  . ARG A 1 171 ? 0.133   15.027  0.024   1.00 53.72  ? 496 ARG A CD  1 
ATOM   1245 N NE  . ARG A 1 171 ? -0.978  15.458  0.864   1.00 57.50  ? 496 ARG A NE  1 
ATOM   1246 C CZ  . ARG A 1 171 ? -1.790  16.468  0.567   1.00 58.59  ? 496 ARG A CZ  1 
ATOM   1247 N NH1 . ARG A 1 171 ? -1.615  17.164  -0.547  1.00 57.22  ? 496 ARG A NH1 1 
ATOM   1248 N NH2 . ARG A 1 171 ? -2.783  16.778  1.388   1.00 65.31  ? 496 ARG A NH2 1 
ATOM   1249 N N   . LYS A 1 172 ? -0.299  14.377  -5.612  1.00 56.98  ? 497 LYS A N   1 
ATOM   1250 C CA  . LYS A 1 172 ? 0.075   14.912  -6.915  1.00 61.91  ? 497 LYS A CA  1 
ATOM   1251 C C   . LYS A 1 172 ? 0.888   16.161  -6.682  1.00 63.97  ? 497 LYS A C   1 
ATOM   1252 O O   . LYS A 1 172 ? 0.960   16.668  -5.567  1.00 64.61  ? 497 LYS A O   1 
ATOM   1253 C CB  . LYS A 1 172 ? -1.155  15.305  -7.736  1.00 66.35  ? 497 LYS A CB  1 
ATOM   1254 C CG  . LYS A 1 172 ? -1.962  14.165  -8.329  1.00 74.14  ? 497 LYS A CG  1 
ATOM   1255 C CD  . LYS A 1 172 ? -3.164  14.722  -9.092  1.00 80.69  ? 497 LYS A CD  1 
ATOM   1256 C CE  . LYS A 1 172 ? -3.973  13.632  -9.772  1.00 84.48  ? 497 LYS A CE  1 
ATOM   1257 N NZ  . LYS A 1 172 ? -5.159  14.212  -10.470 1.00 88.26  ? 497 LYS A NZ  1 
ATOM   1258 N N   . THR A 1 173 ? 1.495   16.659  -7.747  1.00 67.67  ? 498 THR A N   1 
ATOM   1259 C CA  . THR A 1 173 ? 2.287   17.877  -7.686  1.00 71.26  ? 498 THR A CA  1 
ATOM   1260 C C   . THR A 1 173 ? 2.098   18.580  -9.012  1.00 73.04  ? 498 THR A C   1 
ATOM   1261 O O   . THR A 1 173 ? 1.112   18.340  -9.712  1.00 72.83  ? 498 THR A O   1 
ATOM   1262 C CB  . THR A 1 173 ? 3.784   17.575  -7.490  1.00 71.80  ? 498 THR A CB  1 
ATOM   1263 O OG1 . THR A 1 173 ? 4.218   16.622  -8.466  1.00 71.58  ? 498 THR A OG1 1 
ATOM   1264 C CG2 . THR A 1 173 ? 4.033   17.031  -6.103  1.00 73.61  ? 498 THR A CG2 1 
ATOM   1265 N N   . LYS A 1 174 ? 3.044   19.446  -9.354  1.00 75.57  ? 499 LYS A N   1 
ATOM   1266 C CA  . LYS A 1 174 ? 2.990   20.173  -10.615 1.00 77.62  ? 499 LYS A CA  1 
ATOM   1267 C C   . LYS A 1 174 ? 3.541   19.287  -11.731 1.00 77.92  ? 499 LYS A C   1 
ATOM   1268 O O   . LYS A 1 174 ? 4.744   19.034  -11.788 1.00 79.19  ? 499 LYS A O   1 
ATOM   1269 C CB  . LYS A 1 174 ? 3.823   21.451  -10.522 1.00 80.22  ? 499 LYS A CB  1 
ATOM   1270 C CG  . LYS A 1 174 ? 3.229   22.546  -9.646  1.00 81.04  ? 499 LYS A CG  1 
ATOM   1271 C CD  . LYS A 1 174 ? 2.066   23.244  -10.341 1.00 83.26  ? 499 LYS A CD  1 
ATOM   1272 C CE  . LYS A 1 174 ? 1.611   24.469  -9.561  1.00 84.81  ? 499 LYS A CE  1 
ATOM   1273 N NZ  . LYS A 1 174 ? 0.530   25.210  -10.268 1.00 86.04  ? 499 LYS A NZ  1 
ATOM   1274 N N   . GLY A 1 175 ? 2.655   18.802  -12.597 1.00 76.91  ? 500 GLY A N   1 
ATOM   1275 C CA  . GLY A 1 175 ? 3.066   17.966  -13.714 1.00 75.83  ? 500 GLY A CA  1 
ATOM   1276 C C   . GLY A 1 175 ? 3.935   16.752  -13.428 1.00 75.14  ? 500 GLY A C   1 
ATOM   1277 O O   . GLY A 1 175 ? 3.594   15.643  -13.841 1.00 75.52  ? 500 GLY A O   1 
ATOM   1278 N N   . SER A 1 176 ? 5.052   16.957  -12.735 1.00 73.08  ? 501 SER A N   1 
ATOM   1279 C CA  . SER A 1 176 ? 5.989   15.883  -12.412 1.00 71.65  ? 501 SER A CA  1 
ATOM   1280 C C   . SER A 1 176 ? 5.333   14.525  -12.193 1.00 68.64  ? 501 SER A C   1 
ATOM   1281 O O   . SER A 1 176 ? 5.564   13.587  -12.959 1.00 71.13  ? 501 SER A O   1 
ATOM   1282 C CB  . SER A 1 176 ? 6.804   16.243  -11.169 1.00 74.43  ? 501 SER A CB  1 
ATOM   1283 O OG  . SER A 1 176 ? 6.038   16.070  -9.991  1.00 80.92  ? 501 SER A OG  1 
ATOM   1284 N N   . GLY A 1 177 ? 4.519   14.421  -11.149 1.00 63.14  ? 502 GLY A N   1 
ATOM   1285 C CA  . GLY A 1 177 ? 3.862   13.160  -10.858 1.00 54.62  ? 502 GLY A CA  1 
ATOM   1286 C C   . GLY A 1 177 ? 3.477   13.050  -9.396  1.00 48.04  ? 502 GLY A C   1 
ATOM   1287 O O   . GLY A 1 177 ? 2.673   13.844  -8.905  1.00 48.08  ? 502 GLY A O   1 
ATOM   1288 N N   . PHE A 1 178 ? 4.048   12.079  -8.687  1.00 40.50  ? 503 PHE A N   1 
ATOM   1289 C CA  . PHE A 1 178 ? 3.711   11.910  -7.275  1.00 33.81  ? 503 PHE A CA  1 
ATOM   1290 C C   . PHE A 1 178 ? 4.882   11.853  -6.311  1.00 28.39  ? 503 PHE A C   1 
ATOM   1291 O O   . PHE A 1 178 ? 6.026   11.609  -6.693  1.00 26.35  ? 503 PHE A O   1 
ATOM   1292 C CB  . PHE A 1 178 ? 2.875   10.643  -7.064  1.00 35.09  ? 503 PHE A CB  1 
ATOM   1293 C CG  . PHE A 1 178 ? 1.574   10.644  -7.797  1.00 34.16  ? 503 PHE A CG  1 
ATOM   1294 C CD1 . PHE A 1 178 ? 1.512   10.266  -9.132  1.00 35.05  ? 503 PHE A CD1 1 
ATOM   1295 C CD2 . PHE A 1 178 ? 0.409   11.040  -7.158  1.00 35.90  ? 503 PHE A CD2 1 
ATOM   1296 C CE1 . PHE A 1 178 ? 0.304   10.285  -9.825  1.00 36.00  ? 503 PHE A CE1 1 
ATOM   1297 C CE2 . PHE A 1 178 ? -0.806  11.066  -7.838  1.00 40.04  ? 503 PHE A CE2 1 
ATOM   1298 C CZ  . PHE A 1 178 ? -0.860  10.689  -9.176  1.00 38.82  ? 503 PHE A CZ  1 
ATOM   1299 N N   . PHE A 1 179 ? 4.574   12.092  -5.043  1.00 26.16  ? 504 PHE A N   1 
ATOM   1300 C CA  . PHE A 1 179 ? 5.569   12.017  -3.993  1.00 25.00  ? 504 PHE A CA  1 
ATOM   1301 C C   . PHE A 1 179 ? 4.922   11.422  -2.757  1.00 26.57  ? 504 PHE A C   1 
ATOM   1302 O O   . PHE A 1 179 ? 3.706   11.507  -2.582  1.00 26.73  ? 504 PHE A O   1 
ATOM   1303 C CB  . PHE A 1 179 ? 6.177   13.380  -3.681  1.00 22.46  ? 504 PHE A CB  1 
ATOM   1304 C CG  . PHE A 1 179 ? 5.291   14.294  -2.889  1.00 27.70  ? 504 PHE A CG  1 
ATOM   1305 C CD1 . PHE A 1 179 ? 5.371   14.332  -1.502  1.00 28.94  ? 504 PHE A CD1 1 
ATOM   1306 C CD2 . PHE A 1 179 ? 4.425   15.170  -3.530  1.00 31.34  ? 504 PHE A CD2 1 
ATOM   1307 C CE1 . PHE A 1 179 ? 4.607   15.236  -0.760  1.00 30.08  ? 504 PHE A CE1 1 
ATOM   1308 C CE2 . PHE A 1 179 ? 3.655   16.079  -2.796  1.00 32.65  ? 504 PHE A CE2 1 
ATOM   1309 C CZ  . PHE A 1 179 ? 3.753   16.105  -1.405  1.00 32.80  ? 504 PHE A CZ  1 
ATOM   1310 N N   . VAL A 1 180 ? 5.754   10.814  -1.917  1.00 23.68  ? 505 VAL A N   1 
ATOM   1311 C CA  . VAL A 1 180 ? 5.317   10.180  -0.696  1.00 24.67  ? 505 VAL A CA  1 
ATOM   1312 C C   . VAL A 1 180 ? 6.427   10.406  0.340   1.00 23.86  ? 505 VAL A C   1 
ATOM   1313 O O   . VAL A 1 180 ? 7.596   10.523  -0.007  1.00 21.24  ? 505 VAL A O   1 
ATOM   1314 C CB  . VAL A 1 180 ? 5.078   8.667   -0.966  1.00 27.95  ? 505 VAL A CB  1 
ATOM   1315 C CG1 . VAL A 1 180 ? 6.397   7.933   -1.068  1.00 25.61  ? 505 VAL A CG1 1 
ATOM   1316 C CG2 . VAL A 1 180 ? 4.184   8.086   0.071   1.00 33.51  ? 505 VAL A CG2 1 
ATOM   1317 N N   . PHE A 1 181 ? 6.056   10.511  1.607   1.00 26.20  ? 506 PHE A N   1 
ATOM   1318 C CA  . PHE A 1 181 ? 7.041   10.728  2.665   1.00 26.10  ? 506 PHE A CA  1 
ATOM   1319 C C   . PHE A 1 181 ? 6.920   9.615   3.705   1.00 24.83  ? 506 PHE A C   1 
ATOM   1320 O O   . PHE A 1 181 ? 5.819   9.247   4.087   1.00 25.52  ? 506 PHE A O   1 
ATOM   1321 C CB  . PHE A 1 181 ? 6.790   12.074  3.343   1.00 28.18  ? 506 PHE A CB  1 
ATOM   1322 C CG  . PHE A 1 181 ? 7.719   12.364  4.479   1.00 35.33  ? 506 PHE A CG  1 
ATOM   1323 C CD1 . PHE A 1 181 ? 9.020   12.789  4.246   1.00 42.56  ? 506 PHE A CD1 1 
ATOM   1324 C CD2 . PHE A 1 181 ? 7.291   12.218  5.795   1.00 40.04  ? 506 PHE A CD2 1 
ATOM   1325 C CE1 . PHE A 1 181 ? 9.879   13.064  5.312   1.00 44.70  ? 506 PHE A CE1 1 
ATOM   1326 C CE2 . PHE A 1 181 ? 8.138   12.487  6.862   1.00 40.54  ? 506 PHE A CE2 1 
ATOM   1327 C CZ  . PHE A 1 181 ? 9.431   12.911  6.623   1.00 42.12  ? 506 PHE A CZ  1 
ATOM   1328 N N   . SER A 1 182 ? 8.046   9.095   4.174   1.00 24.69  ? 507 SER A N   1 
ATOM   1329 C CA  . SER A 1 182 ? 8.033   8.022   5.172   1.00 24.73  ? 507 SER A CA  1 
ATOM   1330 C C   . SER A 1 182 ? 8.904   8.392   6.380   1.00 26.40  ? 507 SER A C   1 
ATOM   1331 O O   . SER A 1 182 ? 10.027  8.833   6.225   1.00 25.99  ? 507 SER A O   1 
ATOM   1332 C CB  . SER A 1 182 ? 8.522   6.711   4.541   1.00 22.19  ? 507 SER A CB  1 
ATOM   1333 O OG  . SER A 1 182 ? 8.559   5.675   5.502   1.00 30.30  ? 507 SER A OG  1 
ATOM   1334 N N   . ARG A 1 183 ? 8.363   8.207   7.581   1.00 26.98  ? 508 ARG A N   1 
ATOM   1335 C CA  . ARG A 1 183 ? 9.054   8.527   8.834   1.00 25.95  ? 508 ARG A CA  1 
ATOM   1336 C C   . ARG A 1 183 ? 9.342   7.258   9.656   1.00 24.97  ? 508 ARG A C   1 
ATOM   1337 O O   . ARG A 1 183 ? 8.467   6.424   9.825   1.00 24.35  ? 508 ARG A O   1 
ATOM   1338 C CB  . ARG A 1 183 ? 8.165   9.462   9.647   1.00 21.97  ? 508 ARG A CB  1 
ATOM   1339 C CG  . ARG A 1 183 ? 8.689   9.843   11.019  1.00 25.32  ? 508 ARG A CG  1 
ATOM   1340 C CD  . ARG A 1 183 ? 7.680   10.752  11.714  1.00 25.67  ? 508 ARG A CD  1 
ATOM   1341 N NE  . ARG A 1 183 ? 8.198   11.278  12.969  1.00 36.00  ? 508 ARG A NE  1 
ATOM   1342 C CZ  . ARG A 1 183 ? 8.066   10.673  14.143  1.00 36.06  ? 508 ARG A CZ  1 
ATOM   1343 N NH1 . ARG A 1 183 ? 7.420   9.517   14.224  1.00 34.19  ? 508 ARG A NH1 1 
ATOM   1344 N NH2 . ARG A 1 183 ? 8.596   11.217  15.229  1.00 34.70  ? 508 ARG A NH2 1 
ATOM   1345 N N   . LEU A 1 184 ? 10.558  7.128   10.185  1.00 26.44  ? 509 LEU A N   1 
ATOM   1346 C CA  . LEU A 1 184 ? 10.926  5.939   10.972  1.00 28.45  ? 509 LEU A CA  1 
ATOM   1347 C C   . LEU A 1 184 ? 11.643  6.291   12.273  1.00 28.87  ? 509 LEU A C   1 
ATOM   1348 O O   . LEU A 1 184 ? 12.813  6.673   12.253  1.00 30.99  ? 509 LEU A O   1 
ATOM   1349 C CB  . LEU A 1 184 ? 11.832  5.018   10.143  1.00 27.28  ? 509 LEU A CB  1 
ATOM   1350 C CG  . LEU A 1 184 ? 12.431  3.800   10.873  1.00 31.90  ? 509 LEU A CG  1 
ATOM   1351 C CD1 . LEU A 1 184 ? 11.350  2.761   11.180  1.00 29.48  ? 509 LEU A CD1 1 
ATOM   1352 C CD2 . LEU A 1 184 ? 13.506  3.189   10.008  1.00 28.89  ? 509 LEU A CD2 1 
ATOM   1353 N N   . GLU A 1 185 ? 10.948  6.158   13.402  1.00 31.92  ? 510 GLU A N   1 
ATOM   1354 C CA  . GLU A 1 185 ? 11.542  6.467   14.702  1.00 34.67  ? 510 GLU A CA  1 
ATOM   1355 C C   . GLU A 1 185 ? 12.473  5.338   15.121  1.00 36.35  ? 510 GLU A C   1 
ATOM   1356 O O   . GLU A 1 185 ? 12.115  4.167   15.012  1.00 34.66  ? 510 GLU A O   1 
ATOM   1357 C CB  . GLU A 1 185 ? 10.449  6.667   15.763  1.00 41.07  ? 510 GLU A CB  1 
ATOM   1358 C CG  . GLU A 1 185 ? 9.486   7.826   15.455  1.00 54.35  ? 510 GLU A CG  1 
ATOM   1359 C CD  . GLU A 1 185 ? 8.498   8.125   16.585  1.00 58.86  ? 510 GLU A CD  1 
ATOM   1360 O OE1 . GLU A 1 185 ? 7.848   7.181   17.087  1.00 61.22  ? 510 GLU A OE1 1 
ATOM   1361 O OE2 . GLU A 1 185 ? 8.367   9.313   16.962  1.00 61.34  ? 510 GLU A OE2 1 
ATOM   1362 N N   . VAL A 1 186 ? 13.669  5.681   15.596  1.00 36.50  ? 511 VAL A N   1 
ATOM   1363 C CA  . VAL A 1 186 ? 14.620  4.652   15.995  1.00 38.05  ? 511 VAL A CA  1 
ATOM   1364 C C   . VAL A 1 186 ? 15.227  4.879   17.375  1.00 42.41  ? 511 VAL A C   1 
ATOM   1365 O O   . VAL A 1 186 ? 15.199  5.999   17.906  1.00 41.92  ? 511 VAL A O   1 
ATOM   1366 C CB  . VAL A 1 186 ? 15.768  4.532   14.981  1.00 31.84  ? 511 VAL A CB  1 
ATOM   1367 C CG1 . VAL A 1 186 ? 15.211  4.275   13.598  1.00 32.42  ? 511 VAL A CG1 1 
ATOM   1368 C CG2 . VAL A 1 186 ? 16.609  5.787   15.005  1.00 26.87  ? 511 VAL A CG2 1 
ATOM   1369 N N   . THR A 1 187 ? 15.781  3.807   17.942  1.00 43.58  ? 512 THR A N   1 
ATOM   1370 C CA  . THR A 1 187 ? 16.400  3.868   19.262  1.00 48.37  ? 512 THR A CA  1 
ATOM   1371 C C   . THR A 1 187 ? 17.769  4.516   19.174  1.00 50.53  ? 512 THR A C   1 
ATOM   1372 O O   . THR A 1 187 ? 18.304  4.693   18.080  1.00 51.77  ? 512 THR A O   1 
ATOM   1373 C CB  . THR A 1 187 ? 16.565  2.468   19.869  1.00 48.57  ? 512 THR A CB  1 
ATOM   1374 O OG1 . THR A 1 187 ? 17.392  1.673   19.012  1.00 46.96  ? 512 THR A OG1 1 
ATOM   1375 C CG2 . THR A 1 187 ? 15.211  1.794   20.028  1.00 45.82  ? 512 THR A CG2 1 
ATOM   1376 N N   . ARG A 1 188 ? 18.334  4.875   20.324  1.00 53.29  ? 513 ARG A N   1 
ATOM   1377 C CA  . ARG A 1 188 ? 19.650  5.505   20.366  1.00 55.54  ? 513 ARG A CA  1 
ATOM   1378 C C   . ARG A 1 188 ? 20.671  4.550   19.768  1.00 55.38  ? 513 ARG A C   1 
ATOM   1379 O O   . ARG A 1 188 ? 21.597  4.964   19.065  1.00 55.22  ? 513 ARG A O   1 
ATOM   1380 C CB  . ARG A 1 188 ? 20.042  5.830   21.811  1.00 59.23  ? 513 ARG A CB  1 
ATOM   1381 C CG  . ARG A 1 188 ? 20.956  7.041   21.953  1.00 65.98  ? 513 ARG A CG  1 
ATOM   1382 C CD  . ARG A 1 188 ? 22.273  6.866   21.219  1.00 74.12  ? 513 ARG A CD  1 
ATOM   1383 N NE  . ARG A 1 188 ? 22.907  8.151   20.930  1.00 80.97  ? 513 ARG A NE  1 
ATOM   1384 C CZ  . ARG A 1 188 ? 24.100  8.295   20.360  1.00 83.64  ? 513 ARG A CZ  1 
ATOM   1385 N NH1 . ARG A 1 188 ? 24.811  7.229   20.014  1.00 86.02  ? 513 ARG A NH1 1 
ATOM   1386 N NH2 . ARG A 1 188 ? 24.580  9.510   20.125  1.00 85.44  ? 513 ARG A NH2 1 
ATOM   1387 N N   . ALA A 1 189 ? 20.487  3.267   20.056  1.00 55.03  ? 514 ALA A N   1 
ATOM   1388 C CA  . ALA A 1 189 ? 21.379  2.227   19.565  1.00 55.46  ? 514 ALA A CA  1 
ATOM   1389 C C   . ALA A 1 189 ? 21.436  2.201   18.039  1.00 56.10  ? 514 ALA A C   1 
ATOM   1390 O O   . ALA A 1 189 ? 22.505  2.374   17.448  1.00 56.61  ? 514 ALA A O   1 
ATOM   1391 C CB  . ALA A 1 189 ? 20.931  0.867   20.101  1.00 54.05  ? 514 ALA A CB  1 
ATOM   1392 N N   . GLU A 1 190 ? 20.294  1.983   17.392  1.00 55.46  ? 515 GLU A N   1 
ATOM   1393 C CA  . GLU A 1 190 ? 20.281  1.940   15.939  1.00 55.34  ? 515 GLU A CA  1 
ATOM   1394 C C   . GLU A 1 190 ? 20.614  3.303   15.351  1.00 54.83  ? 515 GLU A C   1 
ATOM   1395 O O   . GLU A 1 190 ? 21.043  3.403   14.201  1.00 52.33  ? 515 GLU A O   1 
ATOM   1396 C CB  . GLU A 1 190 ? 18.926  1.431   15.419  1.00 57.76  ? 515 GLU A CB  1 
ATOM   1397 C CG  . GLU A 1 190 ? 17.721  1.857   16.238  1.00 62.58  ? 515 GLU A CG  1 
ATOM   1398 C CD  . GLU A 1 190 ? 16.448  1.131   15.832  1.00 63.27  ? 515 GLU A CD  1 
ATOM   1399 O OE1 . GLU A 1 190 ? 16.515  -0.080  15.540  1.00 64.89  ? 515 GLU A OE1 1 
ATOM   1400 O OE2 . GLU A 1 190 ? 15.375  1.764   15.820  1.00 66.59  ? 515 GLU A OE2 1 
ATOM   1401 N N   . TRP A 1 191 ? 20.434  4.353   16.144  1.00 55.79  ? 516 TRP A N   1 
ATOM   1402 C CA  . TRP A 1 191 ? 20.750  5.695   15.676  1.00 57.81  ? 516 TRP A CA  1 
ATOM   1403 C C   . TRP A 1 191 ? 22.262  5.836   15.515  1.00 58.51  ? 516 TRP A C   1 
ATOM   1404 O O   . TRP A 1 191 ? 22.729  6.703   14.774  1.00 57.71  ? 516 TRP A O   1 
ATOM   1405 C CB  . TRP A 1 191 ? 20.236  6.762   16.649  1.00 61.48  ? 516 TRP A CB  1 
ATOM   1406 C CG  . TRP A 1 191 ? 20.185  8.116   16.016  1.00 66.54  ? 516 TRP A CG  1 
ATOM   1407 C CD1 . TRP A 1 191 ? 19.283  8.548   15.085  1.00 67.26  ? 516 TRP A CD1 1 
ATOM   1408 C CD2 . TRP A 1 191 ? 21.127  9.181   16.188  1.00 69.56  ? 516 TRP A CD2 1 
ATOM   1409 N NE1 . TRP A 1 191 ? 19.608  9.815   14.662  1.00 71.76  ? 516 TRP A NE1 1 
ATOM   1410 C CE2 . TRP A 1 191 ? 20.736  10.227  15.322  1.00 70.88  ? 516 TRP A CE2 1 
ATOM   1411 C CE3 . TRP A 1 191 ? 22.265  9.353   16.985  1.00 70.94  ? 516 TRP A CE3 1 
ATOM   1412 C CZ2 . TRP A 1 191 ? 21.444  11.430  15.231  1.00 73.50  ? 516 TRP A CZ2 1 
ATOM   1413 C CZ3 . TRP A 1 191 ? 22.972  10.552  16.894  1.00 74.37  ? 516 TRP A CZ3 1 
ATOM   1414 C CH2 . TRP A 1 191 ? 22.556  11.574  16.022  1.00 74.71  ? 516 TRP A CH2 1 
ATOM   1415 N N   . GLU A 1 192 ? 23.022  4.983   16.204  1.00 59.66  ? 517 GLU A N   1 
ATOM   1416 C CA  . GLU A 1 192 ? 24.484  5.002   16.120  1.00 61.72  ? 517 GLU A CA  1 
ATOM   1417 C C   . GLU A 1 192 ? 24.951  4.387   14.802  1.00 59.87  ? 517 GLU A C   1 
ATOM   1418 O O   . GLU A 1 192 ? 26.058  4.653   14.338  1.00 58.60  ? 517 GLU A O   1 
ATOM   1419 C CB  . GLU A 1 192 ? 25.114  4.214   17.276  1.00 68.82  ? 517 GLU A CB  1 
ATOM   1420 C CG  . GLU A 1 192 ? 24.717  4.688   18.664  1.00 80.60  ? 517 GLU A CG  1 
ATOM   1421 C CD  . GLU A 1 192 ? 25.444  3.936   19.770  1.00 87.42  ? 517 GLU A CD  1 
ATOM   1422 O OE1 . GLU A 1 192 ? 26.068  2.894   19.470  1.00 94.80  ? 517 GLU A OE1 1 
ATOM   1423 O OE2 . GLU A 1 192 ? 25.384  4.379   20.939  1.00 95.35  ? 517 GLU A OE2 1 
ATOM   1424 N N   . GLN A 1 193 ? 24.103  3.554   14.208  1.00 57.92  ? 518 GLN A N   1 
ATOM   1425 C CA  . GLN A 1 193 ? 24.432  2.909   12.945  1.00 55.74  ? 518 GLN A CA  1 
ATOM   1426 C C   . GLN A 1 193 ? 23.434  3.336   11.868  1.00 54.32  ? 518 GLN A C   1 
ATOM   1427 O O   . GLN A 1 193 ? 23.103  2.557   10.971  1.00 52.85  ? 518 GLN A O   1 
ATOM   1428 C CB  . GLN A 1 193 ? 24.408  1.399   13.117  1.00 54.10  ? 518 GLN A CB  1 
ATOM   1429 N N   . LYS A 1 194 ? 22.974  4.583   11.949  1.00 52.69  ? 519 LYS A N   1 
ATOM   1430 C CA  . LYS A 1 194 ? 21.996  5.082   10.995  1.00 52.35  ? 519 LYS A CA  1 
ATOM   1431 C C   . LYS A 1 194 ? 22.486  5.001   9.566   1.00 51.69  ? 519 LYS A C   1 
ATOM   1432 O O   . LYS A 1 194 ? 21.690  4.952   8.630   1.00 49.61  ? 519 LYS A O   1 
ATOM   1433 C CB  . LYS A 1 194 ? 21.595  6.517   11.336  1.00 54.31  ? 519 LYS A CB  1 
ATOM   1434 C CG  . LYS A 1 194 ? 22.668  7.563   11.152  1.00 55.80  ? 519 LYS A CG  1 
ATOM   1435 C CD  . LYS A 1 194 ? 22.176  8.884   11.717  1.00 60.32  ? 519 LYS A CD  1 
ATOM   1436 C CE  . LYS A 1 194 ? 23.241  9.957   11.660  1.00 64.05  ? 519 LYS A CE  1 
ATOM   1437 N NZ  . LYS A 1 194 ? 22.778  11.192  12.355  1.00 70.92  ? 519 LYS A NZ  1 
ATOM   1438 N N   . ASP A 1 195 ? 23.801  4.973   9.405   1.00 52.66  ? 520 ASP A N   1 
ATOM   1439 C CA  . ASP A 1 195 ? 24.422  4.890   8.089   1.00 54.22  ? 520 ASP A CA  1 
ATOM   1440 C C   . ASP A 1 195 ? 24.033  3.569   7.424   1.00 53.07  ? 520 ASP A C   1 
ATOM   1441 O O   . ASP A 1 195 ? 24.134  3.418   6.207   1.00 52.75  ? 520 ASP A O   1 
ATOM   1442 C CB  . ASP A 1 195 ? 25.942  4.952   8.237   1.00 61.14  ? 520 ASP A CB  1 
ATOM   1443 C CG  . ASP A 1 195 ? 26.376  5.579   9.559   1.00 71.19  ? 520 ASP A CG  1 
ATOM   1444 O OD1 . ASP A 1 195 ? 26.084  6.777   9.778   1.00 76.53  ? 520 ASP A OD1 1 
ATOM   1445 O OD2 . ASP A 1 195 ? 27.005  4.870   10.380  1.00 72.86  ? 520 ASP A OD2 1 
ATOM   1446 N N   . GLU A 1 196 ? 23.579  2.619   8.231   1.00 51.01  ? 521 GLU A N   1 
ATOM   1447 C CA  . GLU A 1 196 ? 23.200  1.310   7.724   1.00 50.49  ? 521 GLU A CA  1 
ATOM   1448 C C   . GLU A 1 196 ? 21.729  1.168   7.340   1.00 47.73  ? 521 GLU A C   1 
ATOM   1449 O O   . GLU A 1 196 ? 21.347  0.184   6.710   1.00 48.58  ? 521 GLU A O   1 
ATOM   1450 C CB  . GLU A 1 196 ? 23.562  0.236   8.748   1.00 53.54  ? 521 GLU A CB  1 
ATOM   1451 C CG  . GLU A 1 196 ? 25.054  0.093   8.992   1.00 60.11  ? 521 GLU A CG  1 
ATOM   1452 C CD  . GLU A 1 196 ? 25.365  -0.888  10.103  1.00 65.41  ? 521 GLU A CD  1 
ATOM   1453 O OE1 . GLU A 1 196 ? 24.991  -2.075  9.988   1.00 67.98  ? 521 GLU A OE1 1 
ATOM   1454 O OE2 . GLU A 1 196 ? 25.987  -0.469  11.101  1.00 73.58  ? 521 GLU A OE2 1 
ATOM   1455 N N   . PHE A 1 197 ? 20.898  2.131   7.721   1.00 42.66  ? 522 PHE A N   1 
ATOM   1456 C CA  . PHE A 1 197 ? 19.489  2.044   7.369   1.00 38.90  ? 522 PHE A CA  1 
ATOM   1457 C C   . PHE A 1 197 ? 19.273  2.458   5.929   1.00 35.93  ? 522 PHE A C   1 
ATOM   1458 O O   . PHE A 1 197 ? 19.936  3.367   5.425   1.00 38.85  ? 522 PHE A O   1 
ATOM   1459 C CB  . PHE A 1 197 ? 18.636  2.883   8.316   1.00 36.56  ? 522 PHE A CB  1 
ATOM   1460 C CG  . PHE A 1 197 ? 18.466  2.260   9.672   1.00 39.04  ? 522 PHE A CG  1 
ATOM   1461 C CD1 . PHE A 1 197 ? 19.524  2.238   10.579  1.00 42.28  ? 522 PHE A CD1 1 
ATOM   1462 C CD2 . PHE A 1 197 ? 17.268  1.637   10.025  1.00 36.78  ? 522 PHE A CD2 1 
ATOM   1463 C CE1 . PHE A 1 197 ? 19.396  1.595   11.818  1.00 44.30  ? 522 PHE A CE1 1 
ATOM   1464 C CE2 . PHE A 1 197 ? 17.130  0.993   11.258  1.00 40.92  ? 522 PHE A CE2 1 
ATOM   1465 C CZ  . PHE A 1 197 ? 18.197  0.972   12.158  1.00 39.51  ? 522 PHE A CZ  1 
ATOM   1466 N N   . ILE A 1 198 ? 18.355  1.768   5.263   1.00 31.27  ? 523 ILE A N   1 
ATOM   1467 C CA  . ILE A 1 198 ? 18.063  2.028   3.869   1.00 29.65  ? 523 ILE A CA  1 
ATOM   1468 C C   . ILE A 1 198 ? 16.569  2.164   3.598   1.00 29.13  ? 523 ILE A C   1 
ATOM   1469 O O   . ILE A 1 198 ? 15.756  1.429   4.156   1.00 27.36  ? 523 ILE A O   1 
ATOM   1470 C CB  . ILE A 1 198 ? 18.630  0.896   2.993   1.00 34.21  ? 523 ILE A CB  1 
ATOM   1471 C CG1 . ILE A 1 198 ? 20.155  0.856   3.130   1.00 37.38  ? 523 ILE A CG1 1 
ATOM   1472 C CG2 . ILE A 1 198 ? 18.209  1.081   1.549   1.00 34.94  ? 523 ILE A CG2 1 
ATOM   1473 C CD1 . ILE A 1 198 ? 20.809  -0.307  2.404   1.00 38.56  ? 523 ILE A CD1 1 
ATOM   1474 N N   . CYS A 1 199 ? 16.225  3.125   2.744   1.00 26.34  ? 524 CYS A N   1 
ATOM   1475 C CA  . CYS A 1 199 ? 14.843  3.371   2.353   1.00 27.10  ? 524 CYS A CA  1 
ATOM   1476 C C   . CYS A 1 199 ? 14.707  2.791   0.965   1.00 26.67  ? 524 CYS A C   1 
ATOM   1477 O O   . CYS A 1 199 ? 15.474  3.142   0.082   1.00 27.58  ? 524 CYS A O   1 
ATOM   1478 C CB  . CYS A 1 199 ? 14.548  4.882   2.304   1.00 24.27  ? 524 CYS A CB  1 
ATOM   1479 S SG  . CYS A 1 199 ? 12.888  5.329   1.695   1.00 37.60  ? 524 CYS A SG  1 
ATOM   1480 N N   . ARG A 1 200 ? 13.724  1.923   0.768   1.00 26.37  ? 525 ARG A N   1 
ATOM   1481 C CA  . ARG A 1 200 ? 13.525  1.291   -0.522  1.00 26.35  ? 525 ARG A CA  1 
ATOM   1482 C C   . ARG A 1 200 ? 12.137  1.474   -1.088  1.00 26.72  ? 525 ARG A C   1 
ATOM   1483 O O   . ARG A 1 200 ? 11.141  1.349   -0.381  1.00 29.04  ? 525 ARG A O   1 
ATOM   1484 C CB  . ARG A 1 200 ? 13.815  -0.204  -0.432  1.00 29.81  ? 525 ARG A CB  1 
ATOM   1485 C CG  . ARG A 1 200 ? 13.538  -0.943  -1.742  1.00 35.40  ? 525 ARG A CG  1 
ATOM   1486 C CD  . ARG A 1 200 ? 14.330  -2.243  -1.826  1.00 46.51  ? 525 ARG A CD  1 
ATOM   1487 N NE  . ARG A 1 200 ? 13.720  -3.326  -1.075  1.00 50.77  ? 525 ARG A NE  1 
ATOM   1488 C CZ  . ARG A 1 200 ? 14.359  -4.438  -0.725  1.00 55.09  ? 525 ARG A CZ  1 
ATOM   1489 N NH1 . ARG A 1 200 ? 15.635  -4.598  -1.054  1.00 54.58  ? 525 ARG A NH1 1 
ATOM   1490 N NH2 . ARG A 1 200 ? 13.716  -5.392  -0.059  1.00 56.77  ? 525 ARG A NH2 1 
ATOM   1491 N N   . ALA A 1 201 ? 12.081  1.763   -2.379  1.00 25.38  ? 526 ALA A N   1 
ATOM   1492 C CA  . ALA A 1 201 ? 10.813  1.946   -3.037  1.00 25.38  ? 526 ALA A CA  1 
ATOM   1493 C C   . ALA A 1 201 ? 10.650  0.887   -4.121  1.00 25.99  ? 526 ALA A C   1 
ATOM   1494 O O   . ALA A 1 201 ? 11.599  0.598   -4.862  1.00 25.50  ? 526 ALA A O   1 
ATOM   1495 C CB  . ALA A 1 201 ? 10.742  3.337   -3.662  1.00 25.98  ? 526 ALA A CB  1 
ATOM   1496 N N   . VAL A 1 202 ? 9.459   0.297   -4.192  1.00 23.84  ? 527 VAL A N   1 
ATOM   1497 C CA  . VAL A 1 202 ? 9.171   -0.668  -5.230  1.00 25.15  ? 527 VAL A CA  1 
ATOM   1498 C C   . VAL A 1 202 ? 8.120   0.004   -6.074  1.00 26.30  ? 527 VAL A C   1 
ATOM   1499 O O   . VAL A 1 202 ? 7.089   0.435   -5.562  1.00 26.20  ? 527 VAL A O   1 
ATOM   1500 C CB  . VAL A 1 202 ? 8.599   -1.982  -4.691  1.00 24.43  ? 527 VAL A CB  1 
ATOM   1501 C CG1 . VAL A 1 202 ? 8.173   -2.836  -5.849  1.00 26.95  ? 527 VAL A CG1 1 
ATOM   1502 C CG2 . VAL A 1 202 ? 9.644   -2.715  -3.863  1.00 28.13  ? 527 VAL A CG2 1 
ATOM   1503 N N   . HIS A 1 203 ? 8.375   0.076   -7.374  1.00 26.24  ? 528 HIS A N   1 
ATOM   1504 C CA  . HIS A 1 203 ? 7.475   0.744   -8.286  1.00 29.14  ? 528 HIS A CA  1 
ATOM   1505 C C   . HIS A 1 203 ? 7.688   0.206   -9.700  1.00 31.86  ? 528 HIS A C   1 
ATOM   1506 O O   . HIS A 1 203 ? 8.809   -0.128  -10.099 1.00 31.05  ? 528 HIS A O   1 
ATOM   1507 C CB  . HIS A 1 203 ? 7.747   2.257   -8.219  1.00 29.03  ? 528 HIS A CB  1 
ATOM   1508 C CG  . HIS A 1 203 ? 6.876   3.080   -9.110  1.00 29.34  ? 528 HIS A CG  1 
ATOM   1509 N ND1 . HIS A 1 203 ? 7.061   3.153   -10.475 1.00 33.33  ? 528 HIS A ND1 1 
ATOM   1510 C CD2 . HIS A 1 203 ? 5.810   3.871   -8.838  1.00 28.93  ? 528 HIS A CD2 1 
ATOM   1511 C CE1 . HIS A 1 203 ? 6.153   3.950   -11.002 1.00 26.07  ? 528 HIS A CE1 1 
ATOM   1512 N NE2 . HIS A 1 203 ? 5.377   4.400   -10.028 1.00 32.19  ? 528 HIS A NE2 1 
ATOM   1513 N N   . GLU A 1 204 ? 6.597   0.144   -10.447 1.00 34.08  ? 529 GLU A N   1 
ATOM   1514 C CA  . GLU A 1 204 ? 6.584   -0.356  -11.811 1.00 39.76  ? 529 GLU A CA  1 
ATOM   1515 C C   . GLU A 1 204 ? 7.600   0.247   -12.785 1.00 41.50  ? 529 GLU A C   1 
ATOM   1516 O O   . GLU A 1 204 ? 8.283   -0.491  -13.492 1.00 41.48  ? 529 GLU A O   1 
ATOM   1517 C CB  . GLU A 1 204 ? 5.187   -0.180  -12.407 1.00 43.03  ? 529 GLU A CB  1 
ATOM   1518 C CG  . GLU A 1 204 ? 5.144   -0.496  -13.900 1.00 56.19  ? 529 GLU A CG  1 
ATOM   1519 C CD  . GLU A 1 204 ? 3.864   -0.047  -14.577 1.00 62.66  ? 529 GLU A CD  1 
ATOM   1520 O OE1 . GLU A 1 204 ? 3.788   -0.160  -15.821 1.00 63.52  ? 529 GLU A OE1 1 
ATOM   1521 O OE2 . GLU A 1 204 ? 2.941   0.417   -13.873 1.00 65.43  ? 529 GLU A OE2 1 
ATOM   1522 N N   . ALA A 1 205 ? 7.688   1.576   -12.824 1.00 42.51  ? 530 ALA A N   1 
ATOM   1523 C CA  . ALA A 1 205 ? 8.583   2.267   -13.751 1.00 46.03  ? 530 ALA A CA  1 
ATOM   1524 C C   . ALA A 1 205 ? 10.069  2.191   -13.445 1.00 49.29  ? 530 ALA A C   1 
ATOM   1525 O O   . ALA A 1 205 ? 10.889  2.626   -14.253 1.00 50.87  ? 530 ALA A O   1 
ATOM   1526 C CB  . ALA A 1 205 ? 8.167   3.732   -13.881 1.00 39.71  ? 530 ALA A CB  1 
ATOM   1527 N N   . ALA A 1 206 ? 10.417  1.639   -12.289 1.00 52.89  ? 531 ALA A N   1 
ATOM   1528 C CA  . ALA A 1 206 ? 11.811  1.529   -11.890 1.00 56.14  ? 531 ALA A CA  1 
ATOM   1529 C C   . ALA A 1 206 ? 12.515  0.299   -12.469 1.00 59.66  ? 531 ALA A C   1 
ATOM   1530 O O   . ALA A 1 206 ? 12.821  -0.646  -11.750 1.00 61.00  ? 531 ALA A O   1 
ATOM   1531 C CB  . ALA A 1 206 ? 11.905  1.519   -10.370 1.00 52.83  ? 531 ALA A CB  1 
ATOM   1532 N N   . SER A 1 207 ? 12.769  0.303   -13.770 1.00 63.07  ? 532 SER A N   1 
ATOM   1533 C CA  . SER A 1 207 ? 13.463  -0.821  -14.388 1.00 66.03  ? 532 SER A CA  1 
ATOM   1534 C C   . SER A 1 207 ? 14.960  -0.564  -14.254 1.00 66.08  ? 532 SER A C   1 
ATOM   1535 O O   . SER A 1 207 ? 15.420  0.570   -14.399 1.00 65.35  ? 532 SER A O   1 
ATOM   1536 C CB  . SER A 1 207 ? 13.084  -0.933  -15.866 1.00 68.98  ? 532 SER A CB  1 
ATOM   1537 O OG  . SER A 1 207 ? 13.587  0.162   -16.609 1.00 74.64  ? 532 SER A OG  1 
ATOM   1538 N N   . PRO A 1 208 ? 15.748  -1.610  -13.975 1.00 66.51  ? 533 PRO A N   1 
ATOM   1539 C CA  . PRO A 1 208 ? 15.439  -3.030  -13.784 1.00 65.99  ? 533 PRO A CA  1 
ATOM   1540 C C   . PRO A 1 208 ? 14.860  -3.430  -12.425 1.00 63.48  ? 533 PRO A C   1 
ATOM   1541 O O   . PRO A 1 208 ? 15.053  -2.743  -11.422 1.00 64.33  ? 533 PRO A O   1 
ATOM   1542 C CB  . PRO A 1 208 ? 16.786  -3.686  -14.007 1.00 69.06  ? 533 PRO A CB  1 
ATOM   1543 C CG  . PRO A 1 208 ? 17.688  -2.728  -13.296 1.00 71.08  ? 533 PRO A CG  1 
ATOM   1544 C CD  . PRO A 1 208 ? 17.198  -1.388  -13.835 1.00 70.23  ? 533 PRO A CD  1 
ATOM   1545 N N   . SER A 1 209 ? 14.153  -4.556  -12.422 1.00 59.21  ? 534 SER A N   1 
ATOM   1546 C CA  . SER A 1 209 ? 13.561  -5.135  -11.222 1.00 55.01  ? 534 SER A CA  1 
ATOM   1547 C C   . SER A 1 209 ? 12.669  -4.265  -10.327 1.00 50.27  ? 534 SER A C   1 
ATOM   1548 O O   . SER A 1 209 ? 12.561  -4.526  -9.132  1.00 48.58  ? 534 SER A O   1 
ATOM   1549 C CB  . SER A 1 209 ? 14.673  -5.750  -10.380 1.00 58.20  ? 534 SER A CB  1 
ATOM   1550 O OG  . SER A 1 209 ? 15.706  -4.810  -10.152 1.00 63.36  ? 534 SER A OG  1 
ATOM   1551 N N   . GLN A 1 210 ? 12.032  -3.255  -10.909 1.00 44.89  ? 535 GLN A N   1 
ATOM   1552 C CA  . GLN A 1 210 ? 11.128  -2.353  -10.197 1.00 42.88  ? 535 GLN A CA  1 
ATOM   1553 C C   . GLN A 1 210 ? 11.500  -2.006  -8.761  1.00 41.55  ? 535 GLN A C   1 
ATOM   1554 O O   . GLN A 1 210 ? 10.638  -1.949  -7.885  1.00 40.80  ? 535 GLN A O   1 
ATOM   1555 C CB  . GLN A 1 210 ? 9.683   -2.889  -10.205 1.00 37.08  ? 535 GLN A CB  1 
ATOM   1556 C CG  . GLN A 1 210 ? 9.473   -4.169  -10.948 1.00 47.40  ? 535 GLN A CG  1 
ATOM   1557 C CD  . GLN A 1 210 ? 9.811   -4.051  -12.404 1.00 44.36  ? 535 GLN A CD  1 
ATOM   1558 O OE1 . GLN A 1 210 ? 10.536  -4.880  -12.944 1.00 47.59  ? 535 GLN A OE1 1 
ATOM   1559 N NE2 . GLN A 1 210 ? 9.292   -3.013  -13.056 1.00 54.70  ? 535 GLN A NE2 1 
ATOM   1560 N N   . THR A 1 211 ? 12.776  -1.761  -8.512  1.00 39.97  ? 536 THR A N   1 
ATOM   1561 C CA  . THR A 1 211 ? 13.184  -1.393  -7.170  1.00 40.62  ? 536 THR A CA  1 
ATOM   1562 C C   . THR A 1 211 ? 14.289  -0.335  -7.176  1.00 37.57  ? 536 THR A C   1 
ATOM   1563 O O   . THR A 1 211 ? 15.215  -0.393  -7.970  1.00 40.85  ? 536 THR A O   1 
ATOM   1564 C CB  . THR A 1 211 ? 13.621  -2.647  -6.358  1.00 42.38  ? 536 THR A CB  1 
ATOM   1565 O OG1 . THR A 1 211 ? 14.244  -2.230  -5.138  1.00 44.59  ? 536 THR A OG1 1 
ATOM   1566 C CG2 . THR A 1 211 ? 14.585  -3.499  -7.154  1.00 49.65  ? 536 THR A CG2 1 
ATOM   1567 N N   . VAL A 1 212 ? 14.155  0.654   -6.303  1.00 35.29  ? 537 VAL A N   1 
ATOM   1568 C CA  . VAL A 1 212 ? 15.120  1.735   -6.169  1.00 31.25  ? 537 VAL A CA  1 
ATOM   1569 C C   . VAL A 1 212 ? 15.277  2.010   -4.680  1.00 29.01  ? 537 VAL A C   1 
ATOM   1570 O O   . VAL A 1 212 ? 14.279  2.155   -3.969  1.00 30.11  ? 537 VAL A O   1 
ATOM   1571 C CB  . VAL A 1 212 ? 14.620  3.037   -6.832  1.00 34.80  ? 537 VAL A CB  1 
ATOM   1572 C CG1 . VAL A 1 212 ? 15.647  4.131   -6.647  1.00 35.52  ? 537 VAL A CG1 1 
ATOM   1573 C CG2 . VAL A 1 212 ? 14.372  2.819   -8.299  1.00 37.19  ? 537 VAL A CG2 1 
ATOM   1574 N N   . GLN A 1 213 ? 16.514  2.097   -4.205  1.00 26.73  ? 538 GLN A N   1 
ATOM   1575 C CA  . GLN A 1 213 ? 16.749  2.339   -2.788  1.00 26.74  ? 538 GLN A CA  1 
ATOM   1576 C C   . GLN A 1 213 ? 17.954  3.220   -2.512  1.00 27.53  ? 538 GLN A C   1 
ATOM   1577 O O   . GLN A 1 213 ? 18.827  3.369   -3.349  1.00 29.89  ? 538 GLN A O   1 
ATOM   1578 C CB  . GLN A 1 213 ? 16.941  1.012   -2.062  1.00 28.48  ? 538 GLN A CB  1 
ATOM   1579 C CG  . GLN A 1 213 ? 18.203  0.257   -2.449  1.00 25.88  ? 538 GLN A CG  1 
ATOM   1580 C CD  . GLN A 1 213 ? 18.315  -1.070  -1.709  1.00 28.51  ? 538 GLN A CD  1 
ATOM   1581 O OE1 . GLN A 1 213 ? 17.345  -1.824  -1.613  1.00 31.66  ? 538 GLN A OE1 1 
ATOM   1582 N NE2 . GLN A 1 213 ? 19.494  -1.359  -1.187  1.00 27.39  ? 538 GLN A NE2 1 
ATOM   1583 N N   . ARG A 1 214 ? 18.005  3.798   -1.322  1.00 28.05  ? 539 ARG A N   1 
ATOM   1584 C CA  . ARG A 1 214 ? 19.128  4.637   -0.970  1.00 30.72  ? 539 ARG A CA  1 
ATOM   1585 C C   . ARG A 1 214 ? 19.355  4.585   0.521   1.00 31.33  ? 539 ARG A C   1 
ATOM   1586 O O   . ARG A 1 214 ? 18.403  4.546   1.299   1.00 32.42  ? 539 ARG A O   1 
ATOM   1587 C CB  . ARG A 1 214 ? 18.865  6.079   -1.404  1.00 36.30  ? 539 ARG A CB  1 
ATOM   1588 C CG  . ARG A 1 214 ? 20.093  6.962   -1.411  1.00 45.60  ? 539 ARG A CG  1 
ATOM   1589 C CD  . ARG A 1 214 ? 20.050  7.868   -2.620  1.00 57.97  ? 539 ARG A CD  1 
ATOM   1590 N NE  . ARG A 1 214 ? 19.836  7.070   -3.823  1.00 69.46  ? 539 ARG A NE  1 
ATOM   1591 C CZ  . ARG A 1 214 ? 19.673  7.570   -5.043  1.00 78.18  ? 539 ARG A CZ  1 
ATOM   1592 N NH1 . ARG A 1 214 ? 19.699  8.884   -5.237  1.00 83.01  ? 539 ARG A NH1 1 
ATOM   1593 N NH2 . ARG A 1 214 ? 19.479  6.753   -6.073  1.00 81.89  ? 539 ARG A NH2 1 
ATOM   1594 N N   . ALA A 1 215 ? 20.623  4.587   0.913   1.00 31.92  ? 540 ALA A N   1 
ATOM   1595 C CA  . ALA A 1 215 ? 20.990  4.546   2.313   1.00 34.50  ? 540 ALA A CA  1 
ATOM   1596 C C   . ALA A 1 215 ? 20.845  5.953   2.874   1.00 36.68  ? 540 ALA A C   1 
ATOM   1597 O O   . ALA A 1 215 ? 20.875  6.940   2.128   1.00 34.62  ? 540 ALA A O   1 
ATOM   1598 C CB  . ALA A 1 215 ? 22.419  4.053   2.455   1.00 33.91  ? 540 ALA A CB  1 
ATOM   1599 N N   . VAL A 1 216 ? 20.644  6.037   4.184   1.00 39.73  ? 541 VAL A N   1 
ATOM   1600 C CA  . VAL A 1 216 ? 20.491  7.323   4.854   1.00 44.47  ? 541 VAL A CA  1 
ATOM   1601 C C   . VAL A 1 216 ? 21.741  8.182   4.631   1.00 46.91  ? 541 VAL A C   1 
ATOM   1602 O O   . VAL A 1 216 ? 22.836  7.811   5.041   1.00 44.53  ? 541 VAL A O   1 
ATOM   1603 C CB  . VAL A 1 216 ? 20.262  7.129   6.376   1.00 42.49  ? 541 VAL A CB  1 
ATOM   1604 C CG1 . VAL A 1 216 ? 20.508  8.432   7.113   1.00 47.96  ? 541 VAL A CG1 1 
ATOM   1605 C CG2 . VAL A 1 216 ? 18.845  6.650   6.630   1.00 42.43  ? 541 VAL A CG2 1 
ATOM   1606 N N   . SER A 1 217 ? 21.578  9.326   3.974   1.00 52.25  ? 542 SER A N   1 
ATOM   1607 C CA  . SER A 1 217 ? 22.720  10.197  3.718   1.00 60.05  ? 542 SER A CA  1 
ATOM   1608 C C   . SER A 1 217 ? 23.144  10.839  5.031   1.00 64.25  ? 542 SER A C   1 
ATOM   1609 O O   . SER A 1 217 ? 22.302  11.206  5.853   1.00 65.22  ? 542 SER A O   1 
ATOM   1610 C CB  . SER A 1 217 ? 22.370  11.276  2.685   1.00 60.43  ? 542 SER A CB  1 
ATOM   1611 O OG  . SER A 1 217 ? 21.358  12.140  3.166   1.00 65.30  ? 542 SER A OG  1 
ATOM   1612 N N   . VAL A 1 218 ? 24.450  10.959  5.230   1.00 68.19  ? 543 VAL A N   1 
ATOM   1613 C CA  . VAL A 1 218 ? 24.981  11.539  6.456   1.00 72.45  ? 543 VAL A CA  1 
ATOM   1614 C C   . VAL A 1 218 ? 26.141  12.478  6.145   1.00 74.32  ? 543 VAL A C   1 
ATOM   1615 O O   . VAL A 1 218 ? 27.311  12.086  6.198   1.00 75.99  ? 543 VAL A O   1 
ATOM   1616 C CB  . VAL A 1 218 ? 25.473  10.435  7.416   1.00 74.41  ? 543 VAL A CB  1 
ATOM   1617 C CG1 . VAL A 1 218 ? 26.053  11.061  8.677   1.00 76.37  ? 543 VAL A CG1 1 
ATOM   1618 C CG2 . VAL A 1 218 ? 24.330  9.499   7.757   1.00 75.78  ? 543 VAL A CG2 1 
HETATM 1619 O O   . HOH B 2 .   ? 4.862   1.674   3.936   1.00 54.75  ? 1   HOH A O   1 
HETATM 1620 O O   . HOH B 2 .   ? 22.749  4.217   -1.277  1.00 37.27  ? 2   HOH A O   1 
HETATM 1621 O O   . HOH B 2 .   ? 13.763  15.302  17.171  1.00 46.90  ? 3   HOH A O   1 
HETATM 1622 O O   . HOH B 2 .   ? -4.457  -4.292  -2.390  1.00 44.93  ? 4   HOH A O   1 
HETATM 1623 O O   . HOH B 2 .   ? 17.002  7.625   -6.429  1.00 46.77  ? 5   HOH A O   1 
HETATM 1624 O O   . HOH B 2 .   ? 9.750   -2.208  6.181   1.00 40.32  ? 6   HOH A O   1 
HETATM 1625 O O   . HOH B 2 .   ? -1.867  -14.504 -14.936 1.00 50.21  ? 7   HOH A O   1 
HETATM 1626 O O   . HOH B 2 .   ? -4.388  18.759  1.909   1.00 61.75  ? 8   HOH A O   1 
HETATM 1627 O O   . HOH B 2 .   ? -1.262  -6.834  -3.113  1.00 39.17  ? 9   HOH A O   1 
HETATM 1628 O O   . HOH B 2 .   ? 23.239  -2.297  13.695  1.00 64.36  ? 10  HOH A O   1 
HETATM 1629 O O   . HOH B 2 .   ? -1.617  -13.901 -5.903  1.00 45.74  ? 11  HOH A O   1 
HETATM 1630 O O   . HOH B 2 .   ? -4.810  -6.664  -1.214  1.00 39.34  ? 12  HOH A O   1 
HETATM 1631 O O   . HOH B 2 .   ? -16.465 -4.451  24.084  1.00 56.15  ? 13  HOH A O   1 
HETATM 1632 O O   . HOH B 2 .   ? 8.216   5.399   13.403  1.00 46.48  ? 14  HOH A O   1 
HETATM 1633 O O   . HOH B 2 .   ? 2.619   12.516  0.216   1.00 36.55  ? 15  HOH A O   1 
HETATM 1634 O O   . HOH B 2 .   ? 2.117   3.975   7.084   1.00 48.95  ? 16  HOH A O   1 
HETATM 1635 O O   . HOH B 2 .   ? -8.720  0.820   -8.997  1.00 50.90  ? 17  HOH A O   1 
HETATM 1636 O O   . HOH B 2 .   ? -13.849 0.174   19.479  1.00 58.83  ? 18  HOH A O   1 
HETATM 1637 O O   . HOH B 2 .   ? -14.778 3.496   14.035  1.00 61.24  ? 19  HOH A O   1 
HETATM 1638 O O   . HOH B 2 .   ? 0.551   -14.675 -10.962 1.00 58.37  ? 20  HOH A O   1 
HETATM 1639 O O   . HOH B 2 .   ? 10.518  -6.890  -10.800 1.00 57.48  ? 21  HOH A O   1 
HETATM 1640 O O   . HOH B 2 .   ? -24.710 1.610   -8.057  1.00 60.62  ? 22  HOH A O   1 
HETATM 1641 O O   . HOH B 2 .   ? -5.190  -4.811  -14.739 1.00 49.14  ? 23  HOH A O   1 
HETATM 1642 O O   . HOH B 2 .   ? 27.919  4.332   21.039  1.00 63.67  ? 24  HOH A O   1 
HETATM 1643 O O   . HOH B 2 .   ? 19.616  9.326   0.972   1.00 40.50  ? 25  HOH A O   1 
HETATM 1644 O O   . HOH B 2 .   ? -26.346 -13.268 15.935  1.00 58.12  ? 26  HOH A O   1 
HETATM 1645 O O   . HOH B 2 .   ? -5.188  1.018   -4.219  1.00 52.34  ? 27  HOH A O   1 
HETATM 1646 O O   . HOH B 2 .   ? -9.409  -1.614  0.194   1.00 52.41  ? 28  HOH A O   1 
HETATM 1647 O O   . HOH B 2 .   ? 21.964  19.871  22.912  1.00 63.47  ? 29  HOH A O   1 
HETATM 1648 O O   . HOH B 2 .   ? 0.775   3.986   4.720   1.00 56.91  ? 30  HOH A O   1 
HETATM 1649 O O   . HOH B 2 .   ? -9.099  -10.413 3.680   1.00 49.06  ? 31  HOH A O   1 
HETATM 1650 O O   . HOH B 2 .   ? 20.347  -4.086  0.041   1.00 59.31  ? 32  HOH A O   1 
HETATM 1651 O O   . HOH B 2 .   ? -15.953 -13.425 -13.723 1.00 51.40  ? 33  HOH A O   1 
HETATM 1652 O O   . HOH B 2 .   ? -8.904  -14.400 -9.163  1.00 49.71  ? 34  HOH A O   1 
HETATM 1653 O O   . HOH B 2 .   ? -18.724 -0.337  16.929  1.00 64.98  ? 35  HOH A O   1 
HETATM 1654 O O   . HOH B 2 .   ? 12.836  -8.236  -1.317  1.00 55.97  ? 36  HOH A O   1 
HETATM 1655 O O   . HOH B 2 .   ? 16.006  7.042   -9.751  1.00 56.10  ? 37  HOH A O   1 
HETATM 1656 O O   . HOH B 2 .   ? 11.084  10.381  -12.923 1.00 48.69  ? 38  HOH A O   1 
HETATM 1657 O O   . HOH B 2 .   ? 1.607   15.723  -12.217 1.00 58.57  ? 39  HOH A O   1 
HETATM 1658 O O   . HOH B 2 .   ? -22.345 1.139   -6.450  1.00 54.81  ? 40  HOH A O   1 
HETATM 1659 O O   . HOH B 2 .   ? -25.513 -5.460  14.470  1.00 65.02  ? 41  HOH A O   1 
HETATM 1660 O O   . HOH B 2 .   ? 1.416   -11.769 -21.162 1.00 60.95  ? 42  HOH A O   1 
HETATM 1661 O O   . HOH B 2 .   ? -12.539 0.596   25.907  1.00 59.29  ? 43  HOH A O   1 
HETATM 1662 O O   . HOH B 2 .   ? 12.366  -7.800  1.232   1.00 64.70  ? 44  HOH A O   1 
HETATM 1663 O O   . HOH B 2 .   ? -6.576  -16.336 -15.779 1.00 57.91  ? 45  HOH A O   1 
HETATM 1664 O O   . HOH B 2 .   ? 18.289  -1.086  18.837  1.00 54.20  ? 46  HOH A O   1 
HETATM 1665 O O   . HOH B 2 .   ? 15.773  -7.608  0.824   1.00 59.40  ? 47  HOH A O   1 
HETATM 1666 O O   . HOH B 2 .   ? -7.903  -1.956  16.534  1.00 61.07  ? 48  HOH A O   1 
HETATM 1667 O O   . HOH B 2 .   ? -25.393 -0.974  7.488   1.00 62.77  ? 49  HOH A O   1 
HETATM 1668 O O   . HOH B 2 .   ? -12.557 2.181   -4.036  1.00 54.90  ? 50  HOH A O   1 
HETATM 1669 O O   . HOH B 2 .   ? -1.392  -9.978  0.099   1.00 59.03  ? 51  HOH A O   1 
HETATM 1670 O O   . HOH B 2 .   ? 15.288  7.757   20.139  1.00 57.55  ? 52  HOH A O   1 
HETATM 1671 O O   . HOH B 2 .   ? 24.142  15.176  19.023  1.00 55.02  ? 53  HOH A O   1 
HETATM 1672 O O   . HOH B 2 .   ? 3.498   1.737   7.053   1.00 62.62  ? 54  HOH A O   1 
HETATM 1673 O O   . HOH B 2 .   ? 23.702  15.157  4.200   1.00 64.18  ? 55  HOH A O   1 
HETATM 1674 O O   . HOH B 2 .   ? 21.619  17.958  16.752  1.00 57.80  ? 56  HOH A O   1 
HETATM 1675 O O   . HOH B 2 .   ? -12.255 3.121   15.794  1.00 68.28  ? 57  HOH A O   1 
HETATM 1676 O O   . HOH B 2 .   ? 6.479   7.626   12.266  1.00 42.77  ? 58  HOH A O   1 
HETATM 1677 O O   . HOH B 2 .   ? -0.043  7.426   -15.345 1.00 49.12  ? 59  HOH A O   1 
HETATM 1678 O O   . HOH B 2 .   ? 20.484  13.245  13.134  1.00 60.00  ? 60  HOH A O   1 
HETATM 1679 O O   . HOH B 2 .   ? -24.202 -5.384  11.662  1.00 66.82  ? 61  HOH A O   1 
HETATM 1680 O O   . HOH B 2 .   ? -3.807  -8.973  -24.361 1.00 61.58  ? 62  HOH A O   1 
HETATM 1681 O O   . HOH B 2 .   ? 7.929   12.808  -13.401 1.00 54.56  ? 63  HOH A O   1 
HETATM 1682 O O   . HOH B 2 .   ? -18.795 -9.035  -9.050  1.00 52.20  ? 64  HOH A O   1 
HETATM 1683 O O   . HOH B 2 .   ? -6.902  -13.193 -12.136 1.00 63.55  ? 65  HOH A O   1 
HETATM 1684 O O   . HOH B 2 .   ? 13.583  12.324  -3.490  1.00 49.41  ? 66  HOH A O   1 
HETATM 1685 O O   . HOH B 2 .   ? 19.968  -11.586 6.343   1.00 59.74  ? 67  HOH A O   1 
HETATM 1686 O O   . HOH B 2 .   ? 2.982   0.618   15.136  1.00 61.59  ? 68  HOH A O   1 
HETATM 1687 O O   . HOH B 2 .   ? -2.748  15.440  -4.129  1.00 58.32  ? 69  HOH A O   1 
HETATM 1688 O O   . HOH B 2 .   ? -27.269 -11.628 -4.282  1.00 67.46  ? 70  HOH A O   1 
HETATM 1689 O O   . HOH B 2 .   ? -7.122  -18.964 -3.019  1.00 56.29  ? 71  HOH A O   1 
HETATM 1690 O O   . HOH B 2 .   ? -16.940 -12.259 0.982   1.00 57.89  ? 72  HOH A O   1 
HETATM 1691 O O   . HOH B 2 .   ? -21.869 -8.043  -11.578 1.00 61.84  ? 73  HOH A O   1 
HETATM 1692 O O   . HOH B 2 .   ? 15.203  -2.535  -16.577 1.00 70.53  ? 74  HOH A O   1 
HETATM 1693 O O   . HOH B 2 .   ? 0.512   3.814   -2.597  1.00 53.22  ? 75  HOH A O   1 
HETATM 1694 O O   . HOH B 2 .   ? 0.436   -14.928 -14.204 1.00 60.73  ? 76  HOH A O   1 
HETATM 1695 O O   . HOH B 2 .   ? -28.767 -10.949 6.369   1.00 64.35  ? 77  HOH A O   1 
HETATM 1696 O O   . HOH B 2 .   ? 22.812  13.193  9.628   1.00 59.27  ? 78  HOH A O   1 
HETATM 1697 O O   . HOH B 2 .   ? 3.802   0.896   1.508   1.00 53.70  ? 79  HOH A O   1 
HETATM 1698 O O   . HOH B 2 .   ? 24.249  -0.806  15.262  1.00 60.32  ? 80  HOH A O   1 
HETATM 1699 O O   . HOH B 2 .   ? 7.634   12.767  -15.997 1.00 56.40  ? 81  HOH A O   1 
HETATM 1700 O O   . HOH B 2 .   ? -0.364  14.237  -10.972 1.00 62.11  ? 82  HOH A O   1 
HETATM 1701 O O   . HOH B 2 .   ? -14.050 3.954   11.531  1.00 57.66  ? 83  HOH A O   1 
HETATM 1702 O O   . HOH B 2 .   ? 13.418  10.452  -10.762 1.00 61.70  ? 84  HOH A O   1 
HETATM 1703 O O   . HOH B 2 .   ? -27.157 3.253   -6.854  1.00 61.38  ? 85  HOH A O   1 
HETATM 1704 O O   . HOH B 2 .   ? 25.091  -2.444  12.356  1.00 67.86  ? 86  HOH A O   1 
HETATM 1705 O O   . HOH B 2 .   ? 12.448  14.637  19.291  1.00 61.99  ? 87  HOH A O   1 
HETATM 1706 O O   . HOH B 2 .   ? 7.064   -2.528  4.906   1.00 54.45  ? 88  HOH A O   1 
HETATM 1707 O O   . HOH B 2 .   ? 4.246   -4.986  11.144  1.00 57.86  ? 89  HOH A O   1 
HETATM 1708 O O   . HOH B 2 .   ? -2.887  -7.478  1.166   1.00 58.43  ? 90  HOH A O   1 
HETATM 1709 O O   . HOH B 2 .   ? -15.204 1.365   15.135  1.00 67.78  ? 91  HOH A O   1 
HETATM 1710 O O   . HOH B 2 .   ? -25.849 0.121   -4.462  1.00 65.22  ? 92  HOH A O   1 
HETATM 1711 O O   . HOH B 2 .   ? 0.776   -15.323 -1.854  1.00 60.31  ? 93  HOH A O   1 
HETATM 1712 O O   . HOH B 2 .   ? -12.613 4.759   13.482  1.00 61.54  ? 94  HOH A O   1 
HETATM 1713 O O   . HOH B 2 .   ? -4.476  -9.156  -26.782 1.00 67.64  ? 95  HOH A O   1 
HETATM 1714 O O   . HOH B 2 .   ? 10.859  3.445   -17.298 1.00 56.59  ? 96  HOH A O   1 
HETATM 1715 O O   . HOH B 2 .   ? -17.808 -14.774 -11.687 1.00 64.62  ? 97  HOH A O   1 
HETATM 1716 O O   . HOH B 2 .   ? -8.509  -4.244  15.751  1.00 66.03  ? 98  HOH A O   1 
HETATM 1717 O O   . HOH B 2 .   ? -13.775 1.647   -7.868  1.00 62.65  ? 99  HOH A O   1 
HETATM 1718 O O   . HOH B 2 .   ? 28.193  1.277   21.242  1.00 63.95  ? 100 HOH A O   1 
HETATM 1719 O O   . HOH B 2 .   ? 24.198  -11.727 5.477   1.00 63.86  ? 101 HOH A O   1 
HETATM 1720 O O   . HOH B 2 .   ? -1.318  4.356   1.680   1.00 62.58  ? 102 HOH A O   1 
HETATM 1721 O O   . HOH B 2 .   ? 29.953  4.818   19.241  1.00 58.40  ? 103 HOH A O   1 
HETATM 1722 O O   . HOH B 2 .   ? -12.444 5.424   19.270  1.00 61.34  ? 104 HOH A O   1 
HETATM 1723 O O   . HOH B 2 .   ? 8.068   4.514   23.712  1.00 65.87  ? 105 HOH A O   1 
HETATM 1724 O O   . HOH B 2 .   ? 18.407  11.349  -4.048  1.00 61.27  ? 106 HOH A O   1 
HETATM 1725 O O   . HOH B 2 .   ? -6.321  -16.032 -11.806 1.00 67.17  ? 107 HOH A O   1 
HETATM 1726 O O   . HOH B 2 .   ? -14.187 -16.511 1.577   1.00 54.90  ? 108 HOH A O   1 
HETATM 1727 O O   . HOH B 2 .   ? 18.996  -1.469  21.256  1.00 66.23  ? 109 HOH A O   1 
HETATM 1728 O O   . HOH B 2 .   ? -6.492  16.559  1.840   1.00 59.96  ? 110 HOH A O   1 
HETATM 1729 O O   . HOH B 2 .   ? -21.292 -12.823 9.549   1.00 64.92  ? 111 HOH A O   1 
HETATM 1730 O O   . HOH B 2 .   ? -10.684 -1.372  12.893  1.00 65.68  ? 112 HOH A O   1 
HETATM 1731 O O   . HOH B 2 .   ? -14.366 -13.737 0.609   1.00 61.47  ? 113 HOH A O   1 
HETATM 1732 O O   . HOH B 2 .   ? -16.893 -14.174 -4.734  1.00 60.20  ? 114 HOH A O   1 
HETATM 1733 O O   . HOH B 2 .   ? 17.395  9.245   -9.757  1.00 59.29  ? 115 HOH A O   1 
HETATM 1734 O O   . HOH B 2 .   ? 13.669  13.117  16.039  1.00 53.05  ? 116 HOH A O   1 
HETATM 1735 O O   . HOH B 2 .   ? -29.198 -6.110  10.092  1.00 69.15  ? 117 HOH A O   1 
HETATM 1736 O O   . HOH B 2 .   ? 21.175  13.915  21.105  1.00 62.28  ? 118 HOH A O   1 
HETATM 1737 O O   . HOH B 2 .   ? 22.466  6.710   -4.034  1.00 59.61  ? 119 HOH A O   1 
HETATM 1738 O O   . HOH B 2 .   ? -13.941 -15.853 -4.731  1.00 61.94  ? 120 HOH A O   1 
HETATM 1739 O O   . HOH B 2 .   ? -24.667 -7.728  -11.025 1.00 64.45  ? 121 HOH A O   1 
HETATM 1740 O O   . HOH B 2 .   ? 8.499   -9.731  -11.214 1.00 63.01  ? 122 HOH A O   1 
HETATM 1741 O O   . HOH B 2 .   ? 14.893  -8.757  2.888   1.00 59.29  ? 123 HOH A O   1 
HETATM 1742 O O   . HOH B 2 .   ? 13.868  -10.219 -3.424  1.00 61.69  ? 124 HOH A O   1 
HETATM 1743 O O   . HOH B 2 .   ? 15.616  -0.014  -11.704 1.00 69.10  ? 125 HOH A O   1 
HETATM 1744 O O   . HOH B 2 .   ? -26.214 -14.161 1.823   1.00 61.79  ? 126 HOH A O   1 
HETATM 1745 O O   . HOH B 2 .   ? -3.641  -17.129 -9.798  1.00 63.74  ? 127 HOH A O   1 
HETATM 1746 O O   . HOH B 2 .   ? 0.364   27.436  -8.841  1.00 67.04  ? 128 HOH A O   1 
HETATM 1747 O O   . HOH B 2 .   ? 18.331  8.686   25.028  1.00 62.20  ? 129 HOH A O   1 
HETATM 1748 O O   . HOH B 2 .   ? 1.601   13.243  -12.701 1.00 66.48  ? 130 HOH A O   1 
HETATM 1749 O O   . HOH B 2 .   ? -8.239  -6.268  10.500  1.00 70.79  ? 131 HOH A O   1 
HETATM 1750 O O   . HOH B 2 .   ? 11.951  14.706  21.918  1.00 72.41  ? 132 HOH A O   1 
HETATM 1751 O O   . HOH B 2 .   ? -1.925  7.423   -10.336 1.00 62.09  ? 133 HOH A O   1 
HETATM 1752 O O   . HOH B 2 .   ? -3.161  -15.757 -16.921 1.00 61.32  ? 134 HOH A O   1 
HETATM 1753 O O   . HOH B 2 .   ? -29.464 -11.649 -6.579  1.00 68.49  ? 135 HOH A O   1 
HETATM 1754 O O   . HOH B 2 .   ? -10.810 -20.393 -9.913  1.00 69.04  ? 136 HOH A O   1 
HETATM 1755 O O   . HOH B 2 .   ? -28.765 -9.699  -3.784  1.00 63.49  ? 137 HOH A O   1 
HETATM 1756 O O   . HOH B 2 .   ? 12.998  -9.309  7.664   1.00 53.37  ? 138 HOH A O   1 
HETATM 1757 O O   . HOH B 2 .   ? 22.151  15.779  15.176  1.00 59.07  ? 139 HOH A O   1 
HETATM 1758 O O   . HOH B 2 .   ? -28.902 -3.506  -7.088  1.00 65.35  ? 140 HOH A O   1 
HETATM 1759 O O   . HOH B 2 .   ? -33.186 -6.448  8.861   1.00 67.74  ? 141 HOH A O   1 
HETATM 1760 O O   . HOH B 2 .   ? 23.448  -4.689  14.178  1.00 67.40  ? 142 HOH A O   1 
HETATM 1761 O O   . HOH B 2 .   ? -7.376  -7.198  5.064   1.00 64.43  ? 143 HOH A O   1 
HETATM 1762 O O   . HOH B 2 .   ? 27.105  -8.290  3.988   1.00 67.27  ? 144 HOH A O   1 
HETATM 1763 O O   . HOH B 2 .   ? -18.814 -3.945  23.790  1.00 70.07  ? 145 HOH A O   1 
# 
